data_6SUL
#
_entry.id   6SUL
#
_cell.length_a   45.340
_cell.length_b   76.770
_cell.length_c   101.200
_cell.angle_alpha   89.950
_cell.angle_beta   99.620
_cell.angle_gamma   91.440
#
_symmetry.space_group_name_H-M   'P 1'
#
loop_
_entity.id
_entity.type
_entity.pdbx_description
1 polymer 'Phosphotransferase enzyme family protein, amicoumacin kinase'
2 non-polymer 'MAGNESIUM ION'
3 non-polymer 'CHLORIDE ION'
4 non-polymer 'Amicoumacin A'
5 non-polymer 'PHOSPHOAMINOPHOSPHONIC ACID-ADENYLATE ESTER'
6 water water
#
_entity_poly.entity_id   1
_entity_poly.type   'polypeptide(L)'
_entity_poly.pdbx_seq_one_letter_code
;MHKDVKAIYEESKILDEATHLYGVQRSDIHFIADAENYVYELKKDGESFILKITHTIRRSPDYILGEMEWLHHLAKGGLS
VAKPIASLNGRDIEQVDDGQGGSFLLRVYEKAPGHKVEEADWNDELFYALGQYTGRMHKLTKSYQLSDPRYKRQEWDEEE
QLKLRKYVPADQTLVFEQADRLMEKLAKLPKNQDTYGLVHADLHHGNFHWDQGKITTFDFDDIGYNWFMNDISILLYNVL
WYPVIPYEDKAAFAGNFMKQFLKGYREENELGDEWLAYIPDFLRLRHVLIYGLLHQAFDLATIGDEEKAMLASFRSDIEQ
AAPITTFDFTKLSQS
;
_entity_poly.pdbx_strand_id   A,B,C,D
#
loop_
_chem_comp.id
_chem_comp.type
_chem_comp.name
_chem_comp.formula
ANP non-polymer 'PHOSPHOAMINOPHOSPHONIC ACID-ADENYLATE ESTER' 'C10 H17 N6 O12 P3'
CL non-polymer 'CHLORIDE ION' 'Cl -1'
MG non-polymer 'MAGNESIUM ION' 'Mg 2'
UAM non-polymer 'Amicoumacin A' 'C20 H29 N3 O7'
#
# COMPACT_ATOMS: atom_id res chain seq x y z
N MET A 1 24.43 10.28 3.66
CA MET A 1 23.39 11.01 2.90
C MET A 1 22.49 11.72 3.90
N HIS A 2 22.23 12.99 3.62
CA HIS A 2 21.34 13.83 4.42
C HIS A 2 19.99 13.12 4.52
N LYS A 3 19.49 12.92 5.74
CA LYS A 3 18.29 12.10 5.88
C LYS A 3 17.06 12.64 5.16
N ASP A 4 16.96 13.96 5.00
CA ASP A 4 15.79 14.58 4.34
C ASP A 4 15.86 14.43 2.83
N VAL A 5 17.06 14.30 2.29
CA VAL A 5 17.24 14.01 0.86
C VAL A 5 16.91 12.54 0.59
N LYS A 6 17.38 11.63 1.47
CA LYS A 6 17.13 10.22 1.30
C LYS A 6 15.62 9.95 1.33
N ALA A 7 14.91 10.66 2.22
CA ALA A 7 13.49 10.50 2.36
C ALA A 7 12.68 10.86 1.08
N ILE A 8 13.18 11.78 0.25
CA ILE A 8 12.41 12.28 -0.92
C ILE A 8 12.88 11.73 -2.27
N TYR A 9 14.06 11.13 -2.33
CA TYR A 9 14.63 10.67 -3.58
C TYR A 9 13.88 9.45 -4.06
N GLU A 10 13.43 9.53 -5.31
CA GLU A 10 12.79 8.42 -6.01
C GLU A 10 13.63 8.11 -7.24
N GLU A 11 14.46 7.08 -7.16
CA GLU A 11 15.54 6.88 -8.15
C GLU A 11 15.02 6.66 -9.57
N SER A 12 14.03 5.79 -9.74
CA SER A 12 13.60 5.47 -11.10
C SER A 12 12.97 6.73 -11.78
N LYS A 13 12.31 7.57 -10.99
CA LYS A 13 11.70 8.82 -11.50
C LYS A 13 12.77 9.85 -11.97
N ILE A 14 13.78 10.07 -11.13
CA ILE A 14 14.77 11.13 -11.41
C ILE A 14 15.72 10.62 -12.50
N LEU A 15 16.03 9.33 -12.50
CA LEU A 15 16.83 8.78 -13.60
C LEU A 15 16.10 8.83 -14.91
N ASP A 16 14.77 8.66 -14.89
CA ASP A 16 14.00 8.90 -16.11
C ASP A 16 14.19 10.32 -16.68
N GLU A 17 14.24 11.31 -15.80
CA GLU A 17 14.55 12.66 -16.20
C GLU A 17 15.96 12.75 -16.83
N ALA A 18 16.93 12.12 -16.18
CA ALA A 18 18.31 12.11 -16.69
C ALA A 18 18.37 11.55 -18.10
N THR A 19 17.57 10.50 -18.40
CA THR A 19 17.63 9.90 -19.73
C THR A 19 17.35 10.93 -20.82
N HIS A 20 16.29 11.73 -20.64
CA HIS A 20 15.91 12.76 -21.62
C HIS A 20 16.89 13.92 -21.61
N LEU A 21 17.38 14.29 -20.43
CA LEU A 21 18.26 15.46 -20.31
C LEU A 21 19.66 15.26 -20.90
N TYR A 22 20.18 14.04 -20.85
CA TYR A 22 21.53 13.72 -21.34
C TYR A 22 21.54 12.80 -22.54
N GLY A 23 20.34 12.37 -22.96
CA GLY A 23 20.18 11.64 -24.21
C GLY A 23 20.81 10.26 -24.16
N VAL A 24 20.46 9.52 -23.11
CA VAL A 24 20.84 8.11 -22.95
C VAL A 24 19.61 7.28 -22.56
N GLN A 25 19.74 5.95 -22.56
CA GLN A 25 18.70 5.05 -22.06
C GLN A 25 18.97 4.69 -20.61
N ARG A 26 17.97 4.18 -19.91
CA ARG A 26 18.11 3.78 -18.51
C ARG A 26 19.20 2.72 -18.34
N SER A 27 19.34 1.85 -19.34
CA SER A 27 20.39 0.82 -19.34
C SER A 27 21.83 1.32 -19.51
N ASP A 28 21.98 2.61 -19.83
CA ASP A 28 23.27 3.27 -19.95
C ASP A 28 23.71 3.94 -18.64
N ILE A 29 22.86 3.86 -17.60
CA ILE A 29 23.12 4.48 -16.30
C ILE A 29 23.34 3.35 -15.31
N HIS A 30 24.45 3.43 -14.57
CA HIS A 30 24.81 2.40 -13.59
C HIS A 30 25.18 3.05 -12.27
N PHE A 31 24.51 2.65 -11.20
CA PHE A 31 24.77 3.14 -9.83
C PHE A 31 26.22 2.86 -9.39
N ILE A 32 26.85 3.87 -8.80
CA ILE A 32 28.12 3.77 -8.13
C ILE A 32 27.98 3.84 -6.62
N ALA A 33 27.40 4.92 -6.08
CA ALA A 33 27.43 5.18 -4.65
C ALA A 33 26.43 6.23 -4.25
N ASP A 34 26.06 6.22 -2.96
CA ASP A 34 25.07 7.14 -2.38
C ASP A 34 25.50 7.68 -1.02
N ALA A 35 26.72 8.18 -0.96
CA ALA A 35 27.26 8.70 0.29
C ALA A 35 26.72 10.12 0.58
N GLU A 36 27.22 11.15 -0.11
CA GLU A 36 26.71 12.54 0.03
C GLU A 36 25.77 12.93 -1.11
N ASN A 37 26.04 12.38 -2.29
CA ASN A 37 25.26 12.55 -3.51
C ASN A 37 24.90 11.17 -4.04
N TYR A 38 23.93 11.10 -4.96
CA TYR A 38 23.68 9.89 -5.74
C TYR A 38 24.54 9.94 -6.99
N VAL A 39 25.38 8.95 -7.18
CA VAL A 39 26.39 8.97 -8.20
C VAL A 39 26.26 7.75 -9.09
N TYR A 40 26.27 8.00 -10.38
CA TYR A 40 26.08 7.00 -11.44
C TYR A 40 27.13 7.12 -12.54
N GLU A 41 27.42 6.01 -13.23
CA GLU A 41 28.18 6.07 -14.49
C GLU A 41 27.18 6.12 -15.64
N LEU A 42 27.45 7.00 -16.61
CA LEU A 42 26.58 7.24 -17.75
C LEU A 42 27.44 6.98 -18.97
N LYS A 43 26.98 6.07 -19.83
CA LYS A 43 27.65 5.72 -21.09
C LYS A 43 26.96 6.46 -22.24
N LYS A 44 27.72 7.21 -23.04
CA LYS A 44 27.17 7.91 -24.23
C LYS A 44 28.19 8.11 -25.36
N ASP A 45 27.85 7.56 -26.54
CA ASP A 45 28.71 7.57 -27.74
C ASP A 45 30.10 6.98 -27.49
N GLY A 46 30.12 5.77 -26.92
CA GLY A 46 31.37 5.06 -26.60
C GLY A 46 32.02 5.43 -25.27
N GLU A 47 31.95 6.71 -24.91
CA GLU A 47 32.66 7.21 -23.73
C GLU A 47 31.86 7.08 -22.42
N SER A 48 32.58 7.24 -21.32
CA SER A 48 32.00 7.14 -20.01
C SER A 48 32.02 8.50 -19.29
N PHE A 49 30.95 8.76 -18.54
CA PHE A 49 30.78 10.00 -17.84
C PHE A 49 30.25 9.67 -16.46
N ILE A 50 30.21 10.68 -15.58
CA ILE A 50 29.72 10.48 -14.21
C ILE A 50 28.57 11.49 -13.95
N LEU A 51 27.42 10.96 -13.56
CA LEU A 51 26.22 11.72 -13.26
C LEU A 51 26.09 11.81 -11.71
N LYS A 52 26.03 13.03 -11.17
CA LYS A 52 25.87 13.27 -9.73
C LYS A 52 24.56 13.99 -9.53
N ILE A 53 23.74 13.46 -8.62
CA ILE A 53 22.44 14.03 -8.34
C ILE A 53 22.35 14.38 -6.87
N THR A 54 21.88 15.59 -6.65
CA THR A 54 21.60 16.05 -5.31
C THR A 54 20.30 16.85 -5.30
N HIS A 55 20.10 17.66 -4.27
CA HIS A 55 18.82 18.32 -4.03
C HIS A 55 19.04 19.64 -3.31
N THR A 56 18.09 20.56 -3.52
CA THR A 56 18.14 21.89 -2.91
C THR A 56 18.12 21.97 -1.39
N ILE A 57 17.74 20.89 -0.70
CA ILE A 57 17.90 20.82 0.75
C ILE A 57 19.34 21.08 1.15
N ARG A 58 20.30 20.64 0.33
CA ARG A 58 21.70 20.75 0.66
C ARG A 58 22.54 21.57 -0.32
N ARG A 59 22.05 21.81 -1.55
CA ARG A 59 22.84 22.61 -2.51
C ARG A 59 21.93 23.53 -3.34
N SER A 60 22.37 24.75 -3.58
CA SER A 60 21.74 25.62 -4.58
C SER A 60 22.49 25.54 -5.91
N PRO A 61 21.80 25.86 -7.03
CA PRO A 61 22.49 25.88 -8.33
C PRO A 61 23.68 26.86 -8.36
N ASP A 62 23.49 28.05 -7.79
CA ASP A 62 24.58 29.04 -7.77
C ASP A 62 25.81 28.55 -6.99
N TYR A 63 25.56 27.84 -5.89
CA TYR A 63 26.67 27.29 -5.10
C TYR A 63 27.43 26.28 -5.91
N ILE A 64 26.72 25.43 -6.64
CA ILE A 64 27.38 24.48 -7.52
C ILE A 64 28.14 25.18 -8.64
N LEU A 65 27.59 26.28 -9.18
CA LEU A 65 28.35 27.04 -10.17
C LEU A 65 29.70 27.54 -9.66
N GLY A 66 29.81 27.79 -8.35
CA GLY A 66 31.05 28.23 -7.75
C GLY A 66 32.06 27.10 -7.73
N GLU A 67 31.60 25.86 -7.59
CA GLU A 67 32.46 24.69 -7.78
C GLU A 67 33.02 24.64 -9.23
N MET A 68 32.13 24.80 -10.20
CA MET A 68 32.51 24.71 -11.62
CA MET A 68 32.58 24.67 -11.58
C MET A 68 33.52 25.81 -11.99
N GLU A 69 33.32 26.99 -11.44
CA GLU A 69 34.23 28.10 -11.75
C GLU A 69 35.65 27.80 -11.26
N TRP A 70 35.77 27.21 -10.06
CA TRP A 70 37.09 26.86 -9.54
C TRP A 70 37.72 25.73 -10.34
N LEU A 71 36.92 24.71 -10.69
CA LEU A 71 37.37 23.65 -11.58
C LEU A 71 37.97 24.20 -12.86
N HIS A 72 37.27 25.16 -13.46
CA HIS A 72 37.74 25.77 -14.70
C HIS A 72 39.09 26.45 -14.48
N HIS A 73 39.20 27.19 -13.39
CA HIS A 73 40.46 27.89 -13.07
C HIS A 73 41.63 26.90 -12.96
N LEU A 74 41.41 25.82 -12.22
CA LEU A 74 42.46 24.84 -12.04
C LEU A 74 42.85 24.17 -13.34
N ALA A 75 41.85 23.81 -14.16
CA ALA A 75 42.13 23.12 -15.43
C ALA A 75 42.90 24.07 -16.36
N LYS A 76 42.53 25.35 -16.39
CA LYS A 76 43.21 26.36 -17.20
C LYS A 76 44.68 26.48 -16.81
N GLY A 77 44.94 26.36 -15.49
CA GLY A 77 46.28 26.39 -14.93
C GLY A 77 47.09 25.10 -15.01
N GLY A 78 46.56 24.06 -15.65
CA GLY A 78 47.30 22.85 -15.95
C GLY A 78 47.10 21.71 -14.94
N LEU A 79 46.15 21.85 -14.02
CA LEU A 79 45.93 20.80 -13.05
C LEU A 79 44.87 19.84 -13.58
N SER A 80 45.11 18.54 -13.45
CA SER A 80 44.20 17.49 -13.92
C SER A 80 43.03 17.32 -12.98
N VAL A 81 41.86 17.77 -13.40
CA VAL A 81 40.59 17.70 -12.63
C VAL A 81 39.53 17.19 -13.57
N ALA A 82 38.48 16.59 -13.03
CA ALA A 82 37.40 16.09 -13.86
C ALA A 82 36.41 17.23 -14.12
N LYS A 83 36.26 17.57 -15.38
CA LYS A 83 35.51 18.77 -15.76
C LYS A 83 34.03 18.47 -16.01
N PRO A 84 33.16 19.48 -15.80
CA PRO A 84 31.74 19.27 -16.12
C PRO A 84 31.50 19.25 -17.63
N ILE A 85 30.41 18.56 -18.00
CA ILE A 85 29.94 18.43 -19.38
C ILE A 85 28.54 19.01 -19.44
N ALA A 86 28.18 19.73 -20.49
CA ALA A 86 26.84 20.31 -20.54
C ALA A 86 25.75 19.30 -20.93
N SER A 87 24.51 19.52 -20.47
CA SER A 87 23.35 18.72 -20.88
C SER A 87 22.99 18.96 -22.36
N LEU A 88 21.97 18.27 -22.84
CA LEU A 88 21.49 18.53 -24.23
C LEU A 88 20.93 19.93 -24.45
N ASN A 89 20.43 20.56 -23.38
CA ASN A 89 19.96 21.95 -23.46
C ASN A 89 21.08 22.94 -23.17
N GLY A 90 22.32 22.45 -23.04
CA GLY A 90 23.49 23.30 -22.89
C GLY A 90 23.76 23.79 -21.49
N ARG A 91 23.16 23.15 -20.50
CA ARG A 91 23.27 23.57 -19.11
CA ARG A 91 23.31 23.57 -19.10
C ARG A 91 24.33 22.74 -18.33
N ASP A 92 25.09 23.42 -17.49
CA ASP A 92 26.03 22.75 -16.59
C ASP A 92 25.30 22.02 -15.46
N ILE A 93 24.15 22.54 -15.06
CA ILE A 93 23.28 21.98 -14.03
C ILE A 93 21.87 21.94 -14.56
N GLU A 94 21.22 20.78 -14.43
CA GLU A 94 19.80 20.60 -14.75
C GLU A 94 19.01 20.57 -13.46
N GLN A 95 17.92 21.32 -13.45
CA GLN A 95 17.05 21.48 -12.28
C GLN A 95 15.72 20.78 -12.56
N VAL A 96 15.28 19.92 -11.65
CA VAL A 96 14.04 19.12 -11.81
C VAL A 96 13.16 19.32 -10.58
N ASP A 97 11.94 19.80 -10.82
CA ASP A 97 10.99 20.10 -9.73
C ASP A 97 10.62 18.81 -9.01
N ASP A 98 10.68 18.82 -7.67
CA ASP A 98 10.35 17.67 -6.84
C ASP A 98 8.85 17.56 -6.51
N GLY A 99 8.07 18.57 -6.94
CA GLY A 99 6.63 18.60 -6.67
C GLY A 99 6.23 19.10 -5.29
N GLN A 100 7.22 19.46 -4.46
CA GLN A 100 7.01 19.81 -3.05
C GLN A 100 7.88 21.01 -2.63
N GLY A 101 8.15 21.91 -3.59
CA GLY A 101 8.83 23.18 -3.31
C GLY A 101 10.35 23.17 -3.45
N GLY A 102 10.92 22.06 -3.89
CA GLY A 102 12.36 21.95 -4.07
C GLY A 102 12.71 21.38 -5.41
N SER A 103 14.02 21.20 -5.63
CA SER A 103 14.52 20.67 -6.89
C SER A 103 15.61 19.66 -6.70
N PHE A 104 15.57 18.62 -7.52
CA PHE A 104 16.75 17.78 -7.75
C PHE A 104 17.65 18.50 -8.73
N LEU A 105 18.97 18.35 -8.53
CA LEU A 105 19.99 19.03 -9.32
C LEU A 105 20.88 17.97 -9.90
N LEU A 106 20.97 17.93 -11.22
CA LEU A 106 21.72 16.91 -11.92
C LEU A 106 22.90 17.60 -12.63
N ARG A 107 24.05 16.94 -12.60
CA ARG A 107 25.18 17.40 -13.35
C ARG A 107 26.06 16.23 -13.74
N VAL A 108 26.77 16.41 -14.86
CA VAL A 108 27.57 15.35 -15.46
C VAL A 108 29.02 15.83 -15.65
N TYR A 109 29.95 14.93 -15.36
CA TYR A 109 31.38 15.20 -15.46
C TYR A 109 32.09 14.15 -16.32
N GLU A 110 33.25 14.50 -16.80
CA GLU A 110 34.02 13.53 -17.48
C GLU A 110 34.50 12.49 -16.45
N LYS A 111 34.61 11.26 -16.88
CA LYS A 111 35.16 10.17 -16.06
C LYS A 111 36.70 10.30 -16.07
N ALA A 112 37.28 10.56 -14.89
CA ALA A 112 38.72 10.68 -14.70
C ALA A 112 39.43 9.44 -15.21
N PRO A 113 40.54 9.62 -15.92
CA PRO A 113 41.31 8.47 -16.37
C PRO A 113 41.93 7.74 -15.20
N GLY A 114 42.18 6.44 -15.37
CA GLY A 114 42.85 5.64 -14.36
C GLY A 114 41.86 5.05 -13.42
N HIS A 115 42.31 4.83 -12.18
CA HIS A 115 41.47 4.14 -11.21
C HIS A 115 41.80 4.55 -9.80
N LYS A 116 40.94 4.17 -8.87
CA LYS A 116 41.29 4.41 -7.46
C LYS A 116 42.48 3.55 -7.05
N VAL A 117 43.29 4.06 -6.13
CA VAL A 117 44.48 3.36 -5.72
C VAL A 117 44.16 2.11 -4.91
N GLU A 118 44.96 1.06 -5.17
CA GLU A 118 44.85 -0.24 -4.54
C GLU A 118 46.14 -0.51 -3.76
N GLU A 119 46.20 -1.65 -3.08
CA GLU A 119 47.34 -2.01 -2.27
C GLU A 119 48.68 -1.81 -2.98
N ALA A 120 48.79 -2.24 -4.25
CA ALA A 120 50.05 -2.16 -4.99
C ALA A 120 50.51 -0.74 -5.25
N ASP A 121 49.57 0.21 -5.16
CA ASP A 121 49.83 1.63 -5.36
C ASP A 121 50.05 2.41 -4.07
N TRP A 122 49.82 1.77 -2.93
CA TRP A 122 49.77 2.47 -1.63
C TRP A 122 51.15 2.47 -0.99
N ASN A 123 51.93 3.47 -1.34
CA ASN A 123 53.35 3.47 -1.01
C ASN A 123 53.90 4.89 -1.05
N ASP A 124 55.18 5.04 -0.73
CA ASP A 124 55.81 6.33 -0.66
C ASP A 124 55.71 7.14 -1.95
N GLU A 125 55.76 6.47 -3.11
CA GLU A 125 55.66 7.14 -4.42
C GLU A 125 54.32 7.86 -4.57
N LEU A 126 53.26 7.18 -4.16
CA LEU A 126 51.94 7.80 -4.14
C LEU A 126 51.85 9.01 -3.22
N PHE A 127 52.36 8.87 -2.00
CA PHE A 127 52.23 9.91 -1.01
C PHE A 127 52.99 11.16 -1.46
N TYR A 128 54.18 10.93 -2.01
CA TYR A 128 54.97 12.00 -2.62
C TYR A 128 54.22 12.70 -3.76
N ALA A 129 53.66 11.89 -4.67
CA ALA A 129 52.90 12.44 -5.80
C ALA A 129 51.67 13.25 -5.32
N LEU A 130 51.01 12.78 -4.26
CA LEU A 130 49.91 13.55 -3.67
C LEU A 130 50.37 14.89 -3.15
N GLY A 131 51.56 14.92 -2.56
CA GLY A 131 52.11 16.16 -2.08
C GLY A 131 52.39 17.12 -3.23
N GLN A 132 53.04 16.61 -4.27
CA GLN A 132 53.34 17.47 -5.45
C GLN A 132 52.04 18.08 -6.00
N TYR A 133 51.03 17.23 -6.16
CA TYR A 133 49.78 17.67 -6.75
C TYR A 133 49.08 18.72 -5.88
N THR A 134 49.00 18.43 -4.57
CA THR A 134 48.34 19.34 -3.66
C THR A 134 49.04 20.69 -3.59
N GLY A 135 50.37 20.67 -3.64
CA GLY A 135 51.15 21.88 -3.72
C GLY A 135 50.81 22.71 -4.92
N ARG A 136 50.71 22.06 -6.05
CA ARG A 136 50.36 22.71 -7.29
C ARG A 136 48.97 23.31 -7.23
N MET A 137 48.03 22.58 -6.62
CA MET A 137 46.68 23.05 -6.43
C MET A 137 46.60 24.30 -5.55
N HIS A 138 47.30 24.30 -4.43
CA HIS A 138 47.35 25.44 -3.56
C HIS A 138 48.04 26.65 -4.21
N LYS A 139 49.14 26.42 -4.94
CA LYS A 139 49.79 27.55 -5.65
C LYS A 139 48.80 28.16 -6.65
N LEU A 140 48.11 27.29 -7.38
CA LEU A 140 47.16 27.78 -8.38
C LEU A 140 45.98 28.52 -7.79
N THR A 141 45.51 28.12 -6.62
CA THR A 141 44.34 28.77 -6.05
C THR A 141 44.58 30.22 -5.60
N LYS A 142 45.87 30.55 -5.39
CA LYS A 142 46.23 31.88 -4.94
C LYS A 142 45.78 32.95 -5.96
N SER A 143 45.72 32.62 -7.24
CA SER A 143 45.36 33.56 -8.31
C SER A 143 43.89 33.46 -8.68
N TYR A 144 43.08 32.68 -7.98
CA TYR A 144 41.66 32.56 -8.29
C TYR A 144 40.96 33.85 -7.98
N GLN A 145 40.14 34.31 -8.92
CA GLN A 145 39.30 35.48 -8.75
C GLN A 145 37.84 35.10 -8.99
N LEU A 146 37.00 35.32 -7.98
CA LEU A 146 35.56 35.01 -8.04
C LEU A 146 34.90 35.97 -9.02
N SER A 147 34.25 35.41 -10.04
CA SER A 147 33.66 36.23 -11.10
C SER A 147 32.40 36.97 -10.68
N ASP A 148 31.65 36.43 -9.72
CA ASP A 148 30.31 36.94 -9.34
C ASP A 148 30.04 36.49 -7.89
N PRO A 149 29.61 37.41 -7.00
CA PRO A 149 29.32 37.01 -5.60
C PRO A 149 28.28 35.89 -5.45
N ARG A 150 27.39 35.74 -6.44
CA ARG A 150 26.43 34.64 -6.42
C ARG A 150 27.10 33.28 -6.24
N TYR A 151 28.32 33.12 -6.77
CA TYR A 151 28.97 31.83 -6.83
C TYR A 151 29.95 31.61 -5.69
N LYS A 152 29.96 32.51 -4.71
CA LYS A 152 30.91 32.39 -3.61
C LYS A 152 30.74 31.13 -2.80
N ARG A 153 31.84 30.42 -2.59
CA ARG A 153 31.86 29.20 -1.79
C ARG A 153 32.01 29.58 -0.34
N GLN A 154 31.66 28.65 0.55
CA GLN A 154 31.56 28.99 1.96
C GLN A 154 32.94 29.15 2.60
N GLU A 155 32.97 29.93 3.70
CA GLU A 155 34.11 29.89 4.61
C GLU A 155 34.05 28.60 5.46
N TRP A 156 35.21 28.14 5.91
CA TRP A 156 35.28 26.89 6.65
C TRP A 156 34.28 26.77 7.78
N ASP A 157 34.08 27.86 8.52
CA ASP A 157 33.24 27.84 9.72
C ASP A 157 31.75 27.95 9.44
N GLU A 158 31.36 28.13 8.18
CA GLU A 158 29.97 28.09 7.77
C GLU A 158 29.47 26.70 7.43
N GLU A 159 30.35 25.70 7.52
CA GLU A 159 30.00 24.34 7.13
C GLU A 159 28.80 23.83 7.92
N GLU A 160 27.80 23.35 7.21
CA GLU A 160 26.56 22.85 7.78
C GLU A 160 26.80 21.74 8.81
N GLN A 161 27.71 20.84 8.53
CA GLN A 161 27.94 19.66 9.38
C GLN A 161 28.71 20.00 10.64
N LEU A 162 29.19 21.25 10.76
CA LEU A 162 29.73 21.77 12.02
C LEU A 162 28.66 22.39 12.92
N LYS A 163 27.43 22.49 12.46
CA LYS A 163 26.33 23.07 13.25
C LYS A 163 25.70 21.96 14.12
N LEU A 164 26.48 21.49 15.09
CA LEU A 164 26.10 20.30 15.86
C LEU A 164 24.77 20.45 16.56
N ARG A 165 24.50 21.63 17.10
CA ARG A 165 23.23 21.84 17.81
C ARG A 165 21.99 21.64 16.94
N LYS A 166 22.15 21.81 15.62
CA LYS A 166 21.05 21.54 14.69
C LYS A 166 20.68 20.05 14.59
N TYR A 167 21.67 19.17 14.81
CA TYR A 167 21.52 17.75 14.53
C TYR A 167 21.74 16.79 15.69
N VAL A 168 22.46 17.25 16.71
CA VAL A 168 22.81 16.39 17.85
C VAL A 168 21.87 16.73 19.02
N PRO A 169 21.43 15.72 19.79
CA PRO A 169 20.57 15.99 20.97
C PRO A 169 21.09 17.08 21.90
N ALA A 170 20.17 17.93 22.34
CA ALA A 170 20.52 19.10 23.16
C ALA A 170 21.25 18.78 24.45
N ASP A 171 21.06 17.56 24.95
CA ASP A 171 21.68 17.14 26.23
C ASP A 171 23.19 16.86 26.18
N GLN A 172 23.80 16.90 24.98
CA GLN A 172 25.22 16.55 24.86
C GLN A 172 26.04 17.81 25.06
N THR A 173 25.94 18.34 26.29
CA THR A 173 26.52 19.61 26.59
CA THR A 173 26.55 19.59 26.70
C THR A 173 28.06 19.67 26.46
N LEU A 174 28.76 18.63 26.90
CA LEU A 174 30.23 18.59 26.78
C LEU A 174 30.67 18.52 25.32
N VAL A 175 29.94 17.78 24.48
CA VAL A 175 30.20 17.77 23.02
C VAL A 175 30.17 19.19 22.45
N PHE A 176 29.12 19.93 22.77
CA PHE A 176 29.01 21.29 22.23
C PHE A 176 30.10 22.20 22.79
N GLU A 177 30.40 22.04 24.09
CA GLU A 177 31.47 22.81 24.67
C GLU A 177 32.80 22.55 23.99
N GLN A 178 33.13 21.27 23.73
CA GLN A 178 34.45 21.00 23.13
C GLN A 178 34.48 21.51 21.70
N ALA A 179 33.37 21.34 20.97
CA ALA A 179 33.30 21.80 19.59
C ALA A 179 33.45 23.31 19.54
N ASP A 180 32.70 24.00 20.39
CA ASP A 180 32.77 25.47 20.50
C ASP A 180 34.19 25.95 20.79
N ARG A 181 34.89 25.29 21.71
CA ARG A 181 36.25 25.67 22.09
C ARG A 181 37.21 25.51 20.94
N LEU A 182 37.03 24.42 20.21
CA LEU A 182 37.88 24.16 19.06
C LEU A 182 37.66 25.18 17.94
N MET A 183 36.39 25.49 17.63
CA MET A 183 36.16 26.46 16.56
CA MET A 183 36.00 26.49 16.62
C MET A 183 36.60 27.85 16.98
N GLU A 184 36.52 28.14 18.26
CA GLU A 184 37.03 29.40 18.79
C GLU A 184 38.56 29.42 18.69
N LYS A 185 39.25 28.33 19.05
CA LYS A 185 40.70 28.24 18.88
C LYS A 185 41.16 28.46 17.41
N LEU A 186 40.49 27.82 16.45
CA LEU A 186 40.89 27.93 15.04
C LEU A 186 40.53 29.31 14.49
N ALA A 187 39.48 29.95 15.03
CA ALA A 187 39.15 31.32 14.61
C ALA A 187 40.25 32.36 15.03
N LYS A 188 41.08 32.04 16.02
CA LYS A 188 42.29 32.83 16.40
C LYS A 188 43.43 32.79 15.37
N LEU A 189 43.35 31.89 14.38
CA LEU A 189 44.41 31.76 13.38
C LEU A 189 44.41 32.86 12.32
N PRO A 190 45.60 33.31 11.90
CA PRO A 190 45.64 34.33 10.84
C PRO A 190 45.41 33.76 9.44
N LYS A 191 45.02 34.64 8.53
CA LYS A 191 44.64 34.26 7.16
C LYS A 191 45.29 35.23 6.20
N ASN A 192 46.03 34.69 5.23
CA ASN A 192 46.54 35.48 4.11
C ASN A 192 46.66 34.63 2.83
N GLN A 193 47.06 35.26 1.71
CA GLN A 193 47.15 34.53 0.43
C GLN A 193 48.02 33.28 0.45
N ASP A 194 49.03 33.27 1.32
CA ASP A 194 49.96 32.16 1.41
C ASP A 194 49.56 31.09 2.41
N THR A 195 48.48 31.30 3.16
CA THR A 195 48.02 30.32 4.13
C THR A 195 46.59 29.82 3.99
N TYR A 196 45.78 30.50 3.19
CA TYR A 196 44.32 30.36 3.25
C TYR A 196 43.80 30.71 1.88
N GLY A 197 42.84 29.92 1.41
CA GLY A 197 42.27 30.15 0.08
C GLY A 197 41.18 29.17 -0.20
N LEU A 198 40.68 29.18 -1.44
CA LEU A 198 39.71 28.20 -1.86
C LEU A 198 40.43 26.85 -2.08
N VAL A 199 39.95 25.80 -1.38
CA VAL A 199 40.58 24.50 -1.39
C VAL A 199 39.52 23.40 -1.53
N HIS A 200 40.00 22.23 -1.90
CA HIS A 200 39.17 21.11 -2.17
C HIS A 200 38.32 20.72 -0.97
N ALA A 201 39.01 20.61 0.19
CA ALA A 201 38.39 20.41 1.49
C ALA A 201 37.82 18.99 1.73
N ASP A 202 38.07 18.04 0.82
CA ASP A 202 37.76 16.64 1.08
C ASP A 202 38.67 15.72 0.32
N LEU A 203 39.98 15.97 0.41
CA LEU A 203 40.92 15.10 -0.29
C LEU A 203 40.95 13.74 0.39
N HIS A 204 40.77 12.68 -0.41
CA HIS A 204 40.90 11.31 0.03
C HIS A 204 40.96 10.40 -1.18
N HIS A 205 41.35 9.16 -0.96
CA HIS A 205 41.56 8.22 -2.07
C HIS A 205 40.31 7.64 -2.71
N GLY A 206 39.14 8.04 -2.24
CA GLY A 206 37.91 7.91 -3.05
C GLY A 206 37.64 9.03 -4.00
N ASN A 207 38.43 10.10 -3.93
CA ASN A 207 38.16 11.32 -4.69
C ASN A 207 39.24 11.66 -5.71
N PHE A 208 40.07 10.67 -6.04
CA PHE A 208 41.00 10.85 -7.15
C PHE A 208 41.29 9.54 -7.84
N HIS A 209 41.74 9.65 -9.09
CA HIS A 209 42.23 8.52 -9.83
C HIS A 209 43.70 8.65 -10.08
N TRP A 210 44.32 7.47 -10.17
CA TRP A 210 45.74 7.27 -10.41
C TRP A 210 45.89 6.61 -11.77
N ASP A 211 46.56 7.28 -12.72
CA ASP A 211 46.74 6.76 -14.08
C ASP A 211 48.23 6.74 -14.37
N GLN A 212 48.83 5.59 -14.10
CA GLN A 212 50.28 5.39 -14.24
C GLN A 212 51.10 6.55 -13.68
N GLY A 213 50.82 6.88 -12.42
CA GLY A 213 51.54 7.95 -11.73
C GLY A 213 50.93 9.34 -11.78
N LYS A 214 49.86 9.52 -12.55
CA LYS A 214 49.28 10.83 -12.78
C LYS A 214 47.94 10.88 -12.02
N ILE A 215 47.79 11.91 -11.20
CA ILE A 215 46.58 12.12 -10.39
C ILE A 215 45.58 12.97 -11.14
N THR A 216 44.31 12.57 -11.06
CA THR A 216 43.19 13.43 -11.46
C THR A 216 42.18 13.43 -10.34
N THR A 217 41.86 14.61 -9.81
CA THR A 217 40.89 14.71 -8.73
C THR A 217 39.48 14.97 -9.23
N PHE A 218 38.53 14.62 -8.39
CA PHE A 218 37.11 14.94 -8.56
C PHE A 218 36.44 15.18 -7.20
N ASP A 219 35.12 15.12 -7.15
CA ASP A 219 34.37 15.39 -5.94
C ASP A 219 34.76 16.72 -5.30
N PHE A 220 34.53 17.78 -6.06
CA PHE A 220 34.73 19.17 -5.63
C PHE A 220 33.44 19.73 -5.01
N ASP A 221 32.59 18.82 -4.56
CA ASP A 221 31.30 19.21 -4.03
C ASP A 221 31.39 19.98 -2.70
N ASP A 222 32.50 19.82 -1.98
CA ASP A 222 32.65 20.46 -0.67
C ASP A 222 33.71 21.53 -0.62
N ILE A 223 34.14 22.06 -1.77
CA ILE A 223 35.18 23.07 -1.74
C ILE A 223 34.72 24.30 -0.93
N GLY A 224 35.71 24.95 -0.35
CA GLY A 224 35.44 26.09 0.47
C GLY A 224 36.74 26.79 0.86
N TYR A 225 36.61 27.99 1.43
CA TYR A 225 37.79 28.73 1.86
C TYR A 225 38.26 28.14 3.18
N ASN A 226 39.56 27.93 3.28
CA ASN A 226 40.11 27.17 4.40
C ASN A 226 41.60 27.35 4.40
N TRP A 227 42.23 26.92 5.50
CA TRP A 227 43.67 26.93 5.56
C TRP A 227 44.27 25.82 4.71
N PHE A 228 45.39 26.10 4.07
CA PHE A 228 46.12 25.08 3.30
C PHE A 228 46.51 23.91 4.22
N MET A 229 46.91 24.22 5.44
CA MET A 229 47.29 23.20 6.41
C MET A 229 46.10 22.31 6.77
N ASN A 230 44.90 22.88 6.74
CA ASN A 230 43.70 22.12 7.07
C ASN A 230 43.38 21.19 5.87
N ASP A 231 43.45 21.73 4.67
CA ASP A 231 43.27 20.87 3.48
C ASP A 231 44.17 19.63 3.59
N ILE A 232 45.44 19.83 3.94
CA ILE A 232 46.36 18.75 4.13
C ILE A 232 45.95 17.81 5.28
N SER A 233 45.54 18.41 6.41
CA SER A 233 45.13 17.62 7.55
C SER A 233 43.92 16.75 7.26
N ILE A 234 43.03 17.25 6.41
CA ILE A 234 41.84 16.49 6.04
C ILE A 234 42.25 15.24 5.26
N LEU A 235 43.20 15.38 4.33
CA LEU A 235 43.72 14.22 3.62
C LEU A 235 44.33 13.22 4.64
N LEU A 236 45.14 13.73 5.56
CA LEU A 236 45.74 12.86 6.57
C LEU A 236 44.65 12.12 7.38
N TYR A 237 43.65 12.89 7.84
CA TYR A 237 42.54 12.27 8.57
C TYR A 237 41.99 11.08 7.78
N ASN A 238 41.75 11.35 6.51
CA ASN A 238 41.12 10.36 5.66
C ASN A 238 41.97 9.13 5.39
N VAL A 239 43.27 9.31 5.19
CA VAL A 239 44.13 8.13 5.02
C VAL A 239 44.34 7.31 6.30
N LEU A 240 44.25 7.98 7.44
CA LEU A 240 44.29 7.29 8.70
C LEU A 240 43.02 6.50 8.95
N TRP A 241 41.89 7.00 8.44
CA TRP A 241 40.58 6.42 8.71
C TRP A 241 40.35 5.16 7.89
N TYR A 242 40.63 5.27 6.58
CA TYR A 242 40.39 4.18 5.64
C TYR A 242 41.74 3.84 4.96
N PRO A 243 42.70 3.29 5.69
CA PRO A 243 44.00 3.00 5.06
C PRO A 243 43.83 1.83 4.03
N VAL A 244 44.39 1.97 2.83
CA VAL A 244 44.31 0.90 1.86
C VAL A 244 45.00 -0.36 2.38
N ILE A 245 46.12 -0.17 3.06
CA ILE A 245 46.82 -1.24 3.77
C ILE A 245 46.69 -0.96 5.27
N PRO A 246 45.95 -1.82 5.98
CA PRO A 246 45.81 -1.57 7.40
C PRO A 246 47.14 -1.55 8.13
N TYR A 247 47.25 -0.66 9.11
CA TYR A 247 48.48 -0.45 9.86
C TYR A 247 48.31 -0.86 11.34
N GLU A 248 49.41 -1.30 11.96
CA GLU A 248 49.44 -1.56 13.41
C GLU A 248 49.82 -0.33 14.25
N ASP A 249 50.57 0.61 13.69
CA ASP A 249 51.17 1.74 14.46
C ASP A 249 50.70 3.01 13.76
N LYS A 250 49.71 3.64 14.39
CA LYS A 250 49.09 4.78 13.75
C LYS A 250 50.03 5.98 13.65
N ALA A 251 50.73 6.29 14.74
CA ALA A 251 51.68 7.37 14.72
C ALA A 251 52.76 7.21 13.68
N ALA A 252 53.28 6.00 13.54
CA ALA A 252 54.35 5.77 12.57
C ALA A 252 53.83 5.94 11.15
N PHE A 253 52.63 5.43 10.89
CA PHE A 253 52.03 5.62 9.58
C PHE A 253 51.78 7.09 9.30
N ALA A 254 51.24 7.80 10.28
CA ALA A 254 50.97 9.23 10.06
C ALA A 254 52.25 9.98 9.75
N GLY A 255 53.30 9.67 10.49
CA GLY A 255 54.58 10.31 10.30
C GLY A 255 55.21 10.03 8.96
N ASN A 256 55.15 8.78 8.52
CA ASN A 256 55.71 8.44 7.21
C ASN A 256 54.89 9.08 6.08
N PHE A 257 53.56 8.97 6.15
CA PHE A 257 52.71 9.60 5.15
C PHE A 257 53.08 11.09 5.03
N MET A 258 53.14 11.78 6.15
CA MET A 258 53.40 13.21 6.11
C MET A 258 54.80 13.54 5.65
N LYS A 259 55.79 12.73 6.02
CA LYS A 259 57.13 12.96 5.56
C LYS A 259 57.17 12.96 4.03
N GLN A 260 56.58 11.92 3.44
CA GLN A 260 56.62 11.77 1.98
C GLN A 260 55.76 12.83 1.33
N PHE A 261 54.57 13.05 1.86
CA PHE A 261 53.69 14.08 1.34
C PHE A 261 54.38 15.44 1.33
N LEU A 262 54.97 15.81 2.44
CA LEU A 262 55.57 17.14 2.54
C LEU A 262 56.80 17.29 1.62
N LYS A 263 57.55 16.21 1.39
CA LYS A 263 58.66 16.28 0.44
C LYS A 263 58.13 16.74 -0.91
N GLY A 264 57.02 16.14 -1.35
CA GLY A 264 56.44 16.53 -2.63
C GLY A 264 55.81 17.91 -2.61
N TYR A 265 55.07 18.21 -1.55
CA TYR A 265 54.36 19.48 -1.42
C TYR A 265 55.36 20.63 -1.54
N ARG A 266 56.48 20.48 -0.85
CA ARG A 266 57.51 21.52 -0.75
C ARG A 266 58.22 21.83 -2.04
N GLU A 267 58.17 20.90 -2.99
CA GLU A 267 58.68 21.14 -4.34
C GLU A 267 57.78 22.13 -5.10
N GLU A 268 56.54 22.33 -4.64
CA GLU A 268 55.55 23.04 -5.43
C GLU A 268 54.85 24.22 -4.73
N ASN A 269 54.85 24.27 -3.39
CA ASN A 269 54.31 25.39 -2.65
C ASN A 269 54.99 25.55 -1.33
N GLU A 270 55.16 26.79 -0.90
CA GLU A 270 55.85 27.11 0.33
C GLU A 270 54.82 27.27 1.41
N LEU A 271 54.96 26.50 2.48
CA LEU A 271 54.16 26.72 3.66
C LEU A 271 55.00 26.51 4.92
N GLY A 272 54.85 27.46 5.84
CA GLY A 272 55.71 27.60 6.96
C GLY A 272 55.57 26.49 7.98
N ASP A 273 56.69 26.18 8.62
CA ASP A 273 56.77 25.15 9.64
C ASP A 273 55.84 25.41 10.81
N GLU A 274 55.53 26.68 11.08
CA GLU A 274 54.60 27.01 12.18
C GLU A 274 53.22 26.34 12.06
N TRP A 275 52.80 26.03 10.82
CA TRP A 275 51.52 25.38 10.62
C TRP A 275 51.46 23.93 11.07
N LEU A 276 52.60 23.27 11.15
CA LEU A 276 52.62 21.87 11.53
C LEU A 276 52.01 21.63 12.92
N ALA A 277 52.24 22.56 13.84
CA ALA A 277 51.69 22.49 15.19
C ALA A 277 50.16 22.46 15.27
N TYR A 278 49.49 22.88 14.20
CA TYR A 278 48.03 22.92 14.19
C TYR A 278 47.37 21.70 13.58
N ILE A 279 48.16 20.78 13.03
CA ILE A 279 47.61 19.57 12.46
C ILE A 279 46.71 18.85 13.46
N PRO A 280 47.18 18.68 14.73
CA PRO A 280 46.28 17.96 15.63
C PRO A 280 44.90 18.60 15.83
N ASP A 281 44.87 19.92 15.91
CA ASP A 281 43.58 20.63 16.01
C ASP A 281 42.69 20.44 14.78
N PHE A 282 43.31 20.48 13.60
CA PHE A 282 42.55 20.26 12.37
C PHE A 282 42.05 18.81 12.28
N LEU A 283 42.83 17.85 12.79
CA LEU A 283 42.34 16.47 12.83
C LEU A 283 41.14 16.35 13.77
N ARG A 284 41.21 17.03 14.92
CA ARG A 284 40.09 17.03 15.83
C ARG A 284 38.86 17.68 15.24
N LEU A 285 39.06 18.74 14.45
CA LEU A 285 37.92 19.39 13.80
C LEU A 285 37.25 18.43 12.82
N ARG A 286 38.03 17.66 12.08
CA ARG A 286 37.39 16.75 11.18
C ARG A 286 36.52 15.74 11.91
N HIS A 287 37.02 15.28 13.07
CA HIS A 287 36.25 14.34 13.86
C HIS A 287 34.90 14.95 14.26
N VAL A 288 34.92 16.22 14.68
CA VAL A 288 33.67 16.94 14.99
C VAL A 288 32.72 17.02 13.81
N LEU A 289 33.29 17.33 12.65
CA LEU A 289 32.50 17.39 11.40
C LEU A 289 31.85 16.03 11.10
N ILE A 290 32.60 14.95 11.28
CA ILE A 290 32.03 13.64 10.99
C ILE A 290 30.87 13.32 11.95
N TYR A 291 31.03 13.71 13.24
CA TYR A 291 29.93 13.52 14.18
C TYR A 291 28.67 14.27 13.75
N GLY A 292 28.86 15.50 13.25
CA GLY A 292 27.73 16.27 12.68
C GLY A 292 27.10 15.58 11.45
N LEU A 293 27.94 15.16 10.52
CA LEU A 293 27.49 14.45 9.32
C LEU A 293 26.66 13.25 9.66
N LEU A 294 27.15 12.44 10.61
CA LEU A 294 26.42 11.24 11.00
C LEU A 294 25.05 11.59 11.60
N HIS A 295 25.01 12.61 12.43
CA HIS A 295 23.71 13.02 12.94
C HIS A 295 22.77 13.62 11.91
N GLN A 296 23.32 14.29 10.91
CA GLN A 296 22.51 14.81 9.81
C GLN A 296 21.98 13.64 8.92
N ALA A 297 22.66 12.50 8.95
CA ALA A 297 22.25 11.31 8.20
C ALA A 297 21.22 10.43 8.93
N PHE A 298 21.19 10.50 10.25
CA PHE A 298 20.43 9.56 11.07
C PHE A 298 19.24 10.25 11.76
N ASP A 299 18.18 9.47 11.95
CA ASP A 299 17.05 9.88 12.76
C ASP A 299 17.25 9.04 14.02
N LEU A 300 17.60 9.66 15.13
CA LEU A 300 17.83 8.97 16.39
C LEU A 300 16.62 8.29 17.01
N ALA A 301 15.43 8.74 16.68
CA ALA A 301 14.21 8.04 17.08
C ALA A 301 13.97 6.68 16.39
N THR A 302 14.62 6.39 15.25
CA THR A 302 14.47 5.07 14.59
C THR A 302 15.71 4.21 14.48
N ILE A 303 16.91 4.79 14.57
CA ILE A 303 18.11 3.99 14.31
C ILE A 303 18.30 2.96 15.41
N GLY A 304 19.01 1.91 15.04
CA GLY A 304 19.24 0.79 15.93
C GLY A 304 20.19 1.04 17.08
N ASP A 305 20.11 0.12 18.04
CA ASP A 305 20.99 0.14 19.21
C ASP A 305 22.46 -0.05 18.85
N GLU A 306 22.71 -0.74 17.76
CA GLU A 306 24.08 -0.98 17.36
C GLU A 306 24.70 0.33 16.84
N GLU A 307 23.96 1.07 16.02
CA GLU A 307 24.43 2.36 15.56
C GLU A 307 24.66 3.33 16.71
N LYS A 308 23.75 3.31 17.66
CA LYS A 308 23.87 4.18 18.83
C LYS A 308 25.12 3.82 19.64
N ALA A 309 25.45 2.53 19.73
CA ALA A 309 26.61 2.08 20.46
C ALA A 309 27.89 2.59 19.79
N MET A 310 27.93 2.59 18.46
CA MET A 310 29.09 3.13 17.75
CA MET A 310 29.08 3.12 17.74
C MET A 310 29.16 4.65 17.90
N LEU A 311 28.00 5.31 17.83
CA LEU A 311 27.99 6.76 18.03
C LEU A 311 28.50 7.19 19.42
N ALA A 312 28.25 6.34 20.43
CA ALA A 312 28.71 6.60 21.81
C ALA A 312 30.23 6.70 21.89
N SER A 313 30.92 5.83 21.15
CA SER A 313 32.38 5.85 21.09
CA SER A 313 32.38 5.85 21.11
C SER A 313 32.88 7.17 20.52
N PHE A 314 32.27 7.62 19.40
CA PHE A 314 32.65 8.90 18.73
CA PHE A 314 32.59 8.89 18.73
C PHE A 314 32.38 10.07 19.67
N ARG A 315 31.23 10.04 20.33
CA ARG A 315 30.89 11.09 21.29
C ARG A 315 31.99 11.28 22.32
N SER A 316 32.43 10.18 22.91
CA SER A 316 33.41 10.25 24.00
C SER A 316 34.77 10.76 23.47
N ASP A 317 35.18 10.38 22.26
CA ASP A 317 36.42 10.96 21.68
C ASP A 317 36.36 12.50 21.62
N ILE A 318 35.20 13.03 21.21
CA ILE A 318 35.03 14.45 21.13
C ILE A 318 35.02 15.08 22.54
N GLU A 319 34.29 14.47 23.46
CA GLU A 319 34.24 14.97 24.85
C GLU A 319 35.62 14.98 25.53
N GLN A 320 36.46 14.01 25.19
CA GLN A 320 37.80 13.93 25.72
C GLN A 320 38.80 14.91 25.08
N ALA A 321 38.43 15.49 23.95
CA ALA A 321 39.38 16.21 23.12
C ALA A 321 40.61 15.34 22.86
N ALA A 322 40.34 14.08 22.49
CA ALA A 322 41.38 13.10 22.34
C ALA A 322 42.12 13.38 21.03
N PRO A 323 43.45 13.42 21.06
CA PRO A 323 44.17 13.52 19.80
C PRO A 323 43.93 12.32 18.88
N ILE A 324 43.84 12.60 17.59
CA ILE A 324 43.62 11.57 16.59
C ILE A 324 44.88 10.67 16.54
N THR A 325 46.06 11.27 16.66
CA THR A 325 47.31 10.51 16.68
C THR A 325 48.31 11.17 17.63
N THR A 326 49.24 10.36 18.13
CA THR A 326 50.27 10.88 19.05
C THR A 326 51.51 11.36 18.34
N PHE A 327 51.58 11.22 17.00
CA PHE A 327 52.77 11.67 16.27
C PHE A 327 52.99 13.19 16.46
N ASP A 328 54.23 13.61 16.70
CA ASP A 328 54.57 15.01 16.87
C ASP A 328 54.94 15.58 15.48
N PHE A 329 53.98 16.27 14.87
CA PHE A 329 54.17 16.78 13.50
C PHE A 329 55.21 17.89 13.39
N THR A 330 55.53 18.51 14.51
CA THR A 330 56.53 19.55 14.52
C THR A 330 57.92 19.01 14.14
N LYS A 331 58.16 17.70 14.28
CA LYS A 331 59.45 17.11 13.93
C LYS A 331 59.63 17.01 12.41
N LEU A 332 58.62 17.41 11.64
CA LEU A 332 58.70 17.39 10.18
C LEU A 332 59.06 18.76 9.61
N SER A 333 59.46 19.68 10.48
CA SER A 333 60.00 20.98 10.06
C SER A 333 61.22 20.85 9.13
N GLN A 334 61.37 21.80 8.21
CA GLN A 334 62.48 21.83 7.24
C GLN A 334 63.78 22.23 7.91
N MET B 1 21.13 -6.71 17.77
CA MET B 1 20.29 -7.92 17.46
C MET B 1 20.90 -8.72 16.34
N HIS B 2 21.07 -10.00 16.59
CA HIS B 2 21.52 -10.96 15.59
C HIS B 2 20.70 -10.78 14.32
N LYS B 3 21.38 -10.61 13.19
CA LYS B 3 20.64 -10.28 11.97
C LYS B 3 19.67 -11.38 11.53
N ASP B 4 20.02 -12.63 11.75
CA ASP B 4 19.14 -13.79 11.42
C ASP B 4 17.87 -13.88 12.28
N VAL B 5 17.94 -13.36 13.50
CA VAL B 5 16.78 -13.33 14.38
C VAL B 5 15.88 -12.19 13.97
N LYS B 6 16.46 -11.02 13.72
CA LYS B 6 15.70 -9.86 13.25
C LYS B 6 14.93 -10.23 11.97
N ALA B 7 15.56 -10.99 11.08
CA ALA B 7 14.94 -11.36 9.83
C ALA B 7 13.67 -12.19 9.98
N ILE B 8 13.57 -13.03 11.02
CA ILE B 8 12.41 -13.96 11.12
C ILE B 8 11.38 -13.59 12.19
N TYR B 9 11.63 -12.53 12.95
CA TYR B 9 10.80 -12.19 14.08
C TYR B 9 9.49 -11.63 13.61
N GLU B 10 8.40 -12.28 13.99
CA GLU B 10 7.05 -11.83 13.70
C GLU B 10 6.43 -11.37 15.02
N GLU B 11 6.61 -10.09 15.34
CA GLU B 11 6.29 -9.62 16.70
C GLU B 11 4.86 -9.87 17.15
N SER B 12 3.93 -9.47 16.29
CA SER B 12 2.52 -9.53 16.66
CA SER B 12 2.51 -9.54 16.67
C SER B 12 2.08 -10.96 16.97
N LYS B 13 2.47 -11.90 16.10
CA LYS B 13 2.13 -13.31 16.30
C LYS B 13 2.70 -13.78 17.63
N ILE B 14 3.93 -13.40 17.94
CA ILE B 14 4.58 -13.93 19.14
C ILE B 14 3.95 -13.30 20.38
N LEU B 15 3.65 -12.00 20.33
CA LEU B 15 3.02 -11.34 21.48
C LEU B 15 1.60 -11.82 21.71
N ASP B 16 0.91 -12.19 20.65
CA ASP B 16 -0.38 -12.89 20.81
C ASP B 16 -0.26 -14.18 21.65
N GLU B 17 0.81 -14.95 21.44
CA GLU B 17 1.06 -16.14 22.26
C GLU B 17 1.31 -15.75 23.71
N ALA B 18 2.10 -14.69 23.93
CA ALA B 18 2.41 -14.20 25.27
C ALA B 18 1.17 -13.82 26.08
N THR B 19 0.13 -13.30 25.42
CA THR B 19 -1.08 -12.91 26.11
C THR B 19 -1.69 -14.11 26.87
N HIS B 20 -1.80 -15.27 26.20
CA HIS B 20 -2.28 -16.49 26.85
C HIS B 20 -1.27 -17.18 27.77
N LEU B 21 0.03 -17.10 27.43
CA LEU B 21 1.03 -17.82 28.25
C LEU B 21 1.22 -17.17 29.63
N TYR B 22 1.08 -15.84 29.70
CA TYR B 22 1.33 -15.10 30.93
C TYR B 22 0.09 -14.35 31.43
N GLY B 23 -1.02 -14.44 30.69
CA GLY B 23 -2.31 -13.94 31.16
C GLY B 23 -2.40 -12.43 31.16
N VAL B 24 -1.98 -11.82 30.05
CA VAL B 24 -1.96 -10.38 29.95
C VAL B 24 -2.63 -9.98 28.64
N GLN B 25 -3.27 -8.82 28.63
CA GLN B 25 -3.81 -8.24 27.39
C GLN B 25 -2.70 -7.62 26.56
N ARG B 26 -2.93 -7.58 25.24
CA ARG B 26 -1.95 -7.03 24.31
C ARG B 26 -1.62 -5.59 24.68
N SER B 27 -2.63 -4.80 25.11
CA SER B 27 -2.37 -3.43 25.53
C SER B 27 -1.57 -3.25 26.82
N ASP B 28 -1.39 -4.33 27.59
CA ASP B 28 -0.55 -4.29 28.77
C ASP B 28 0.87 -4.87 28.51
N ILE B 29 1.25 -5.00 27.24
CA ILE B 29 2.61 -5.38 26.86
C ILE B 29 3.23 -4.13 26.21
N HIS B 30 4.34 -3.66 26.79
CA HIS B 30 5.02 -2.43 26.35
C HIS B 30 6.44 -2.70 25.94
N PHE B 31 6.79 -2.36 24.70
CA PHE B 31 8.15 -2.52 24.21
C PHE B 31 9.15 -1.68 25.01
N ILE B 32 10.24 -2.32 25.43
CA ILE B 32 11.37 -1.64 26.08
C ILE B 32 12.55 -1.48 25.11
N ALA B 33 13.07 -2.59 24.58
CA ALA B 33 14.33 -2.53 23.80
C ALA B 33 14.53 -3.79 22.98
N ASP B 34 15.34 -3.66 21.93
CA ASP B 34 15.67 -4.76 21.02
C ASP B 34 17.16 -4.84 20.70
N ALA B 35 17.97 -4.84 21.75
CA ALA B 35 19.41 -4.94 21.61
C ALA B 35 19.82 -6.38 21.29
N GLU B 36 19.94 -7.26 22.29
CA GLU B 36 20.26 -8.68 22.08
C GLU B 36 19.00 -9.58 22.08
N ASN B 37 17.99 -9.17 22.83
CA ASN B 37 16.71 -9.84 22.99
C ASN B 37 15.64 -8.80 22.71
N TYR B 38 14.42 -9.27 22.41
CA TYR B 38 13.27 -8.36 22.38
C TYR B 38 12.69 -8.35 23.81
N VAL B 39 12.62 -7.16 24.39
CA VAL B 39 12.33 -7.01 25.81
C VAL B 39 11.11 -6.10 25.98
N TYR B 40 10.14 -6.56 26.80
CA TYR B 40 8.85 -5.91 27.00
C TYR B 40 8.55 -5.83 28.50
N GLU B 41 7.83 -4.79 28.90
CA GLU B 41 7.22 -4.77 30.23
C GLU B 41 5.80 -5.30 30.13
N LEU B 42 5.45 -6.19 31.05
CA LEU B 42 4.13 -6.76 31.17
C LEU B 42 3.49 -6.21 32.43
N LYS B 43 2.26 -5.77 32.28
CA LYS B 43 1.47 -5.26 33.40
C LYS B 43 0.33 -6.24 33.68
N LYS B 44 0.25 -6.75 34.92
CA LYS B 44 -0.79 -7.73 35.35
C LYS B 44 -1.18 -7.48 36.79
N ASP B 45 -2.47 -7.34 37.04
CA ASP B 45 -3.01 -7.20 38.40
C ASP B 45 -2.25 -6.16 39.23
N GLY B 46 -1.95 -5.02 38.61
CA GLY B 46 -1.20 -3.94 39.27
C GLY B 46 0.30 -4.14 39.52
N GLU B 47 0.85 -5.29 39.12
CA GLU B 47 2.29 -5.52 39.22
C GLU B 47 2.91 -5.57 37.82
N SER B 48 4.23 -5.45 37.80
CA SER B 48 4.99 -5.31 36.58
C SER B 48 5.97 -6.47 36.48
N PHE B 49 6.15 -6.96 35.25
CA PHE B 49 7.10 -8.04 34.97
C PHE B 49 7.83 -7.72 33.71
N ILE B 50 8.87 -8.47 33.45
CA ILE B 50 9.69 -8.28 32.24
C ILE B 50 9.68 -9.56 31.40
N LEU B 51 9.28 -9.40 30.14
CA LEU B 51 9.28 -10.48 29.15
C LEU B 51 10.48 -10.31 28.21
N LYS B 52 11.28 -11.37 28.09
CA LYS B 52 12.41 -11.39 27.15
C LYS B 52 12.17 -12.51 26.14
N ILE B 53 12.34 -12.17 24.86
CA ILE B 53 12.08 -13.08 23.77
C ILE B 53 13.34 -13.20 22.91
N THR B 54 13.71 -14.43 22.62
CA THR B 54 14.80 -14.68 21.70
C THR B 54 14.43 -15.86 20.79
N HIS B 55 15.42 -16.49 20.20
CA HIS B 55 15.17 -17.53 19.22
C HIS B 55 16.32 -18.54 19.26
N THR B 56 16.00 -19.75 18.80
CA THR B 56 16.95 -20.90 18.84
C THR B 56 18.20 -20.72 17.97
N ILE B 57 18.18 -19.75 17.08
CA ILE B 57 19.40 -19.32 16.35
C ILE B 57 20.51 -18.97 17.33
N ARG B 58 20.16 -18.32 18.45
CA ARG B 58 21.20 -17.88 19.39
C ARG B 58 21.18 -18.48 20.80
N ARG B 59 20.05 -19.09 21.20
CA ARG B 59 19.94 -19.72 22.49
C ARG B 59 19.17 -21.03 22.42
N SER B 60 19.60 -22.03 23.20
CA SER B 60 18.80 -23.22 23.41
C SER B 60 18.04 -23.10 24.73
N PRO B 61 16.91 -23.82 24.84
CA PRO B 61 16.24 -23.82 26.14
C PRO B 61 17.13 -24.33 27.28
N ASP B 62 17.90 -25.39 27.08
CA ASP B 62 18.77 -25.88 28.16
C ASP B 62 19.82 -24.86 28.62
N TYR B 63 20.33 -24.07 27.66
CA TYR B 63 21.34 -23.09 27.99
C TYR B 63 20.73 -22.01 28.90
N ILE B 64 19.51 -21.58 28.57
CA ILE B 64 18.78 -20.62 29.37
C ILE B 64 18.46 -21.21 30.76
N LEU B 65 18.13 -22.49 30.81
CA LEU B 65 17.92 -23.12 32.13
C LEU B 65 19.17 -23.09 33.02
N GLY B 66 20.34 -23.09 32.39
CA GLY B 66 21.61 -22.87 33.09
C GLY B 66 21.75 -21.51 33.72
N GLU B 67 21.27 -20.48 33.01
CA GLU B 67 21.17 -19.12 33.59
C GLU B 67 20.31 -19.15 34.85
N MET B 68 19.16 -19.80 34.73
CA MET B 68 18.19 -19.74 35.82
CA MET B 68 18.16 -19.78 35.80
C MET B 68 18.68 -20.52 37.04
N GLU B 69 19.40 -21.61 36.82
CA GLU B 69 19.95 -22.39 37.94
C GLU B 69 20.92 -21.53 38.72
N TRP B 70 21.74 -20.74 38.03
CA TRP B 70 22.66 -19.86 38.75
C TRP B 70 21.97 -18.74 39.48
N LEU B 71 20.97 -18.13 38.84
CA LEU B 71 20.14 -17.11 39.49
C LEU B 71 19.57 -17.58 40.81
N HIS B 72 19.05 -18.80 40.83
CA HIS B 72 18.51 -19.34 42.08
C HIS B 72 19.59 -19.60 43.11
N HIS B 73 20.77 -20.07 42.67
CA HIS B 73 21.91 -20.24 43.59
C HIS B 73 22.27 -18.92 44.30
N LEU B 74 22.39 -17.85 43.50
CA LEU B 74 22.68 -16.52 44.01
C LEU B 74 21.60 -16.01 44.93
N ALA B 75 20.35 -16.19 44.51
CA ALA B 75 19.21 -15.74 45.31
C ALA B 75 19.16 -16.49 46.62
N LYS B 76 19.42 -17.78 46.61
CA LYS B 76 19.43 -18.60 47.84
C LYS B 76 20.53 -18.09 48.74
N GLY B 77 21.67 -17.72 48.17
CA GLY B 77 22.77 -17.10 48.91
C GLY B 77 22.62 -15.66 49.42
N GLY B 78 21.47 -15.04 49.17
CA GLY B 78 21.17 -13.70 49.67
C GLY B 78 21.48 -12.55 48.73
N LEU B 79 21.87 -12.88 47.51
CA LEU B 79 22.13 -11.82 46.53
C LEU B 79 20.83 -11.41 45.82
N SER B 80 20.60 -10.11 45.71
CA SER B 80 19.40 -9.56 45.04
C SER B 80 19.54 -9.59 43.53
N VAL B 81 18.75 -10.47 42.92
CA VAL B 81 18.77 -10.70 41.47
C VAL B 81 17.30 -10.80 41.05
N ALA B 82 17.00 -10.46 39.80
CA ALA B 82 15.65 -10.59 39.30
C ALA B 82 15.40 -12.04 38.91
N LYS B 83 14.48 -12.72 39.63
CA LYS B 83 14.23 -14.16 39.45
C LYS B 83 13.21 -14.43 38.34
N PRO B 84 13.33 -15.60 37.66
CA PRO B 84 12.32 -15.98 36.70
C PRO B 84 10.98 -16.34 37.36
N ILE B 85 9.92 -16.14 36.59
CA ILE B 85 8.57 -16.47 36.97
C ILE B 85 8.04 -17.48 35.94
N ALA B 86 7.37 -18.54 36.38
CA ALA B 86 6.85 -19.54 35.45
C ALA B 86 5.60 -19.01 34.72
N SER B 87 5.40 -19.53 33.52
CA SER B 87 4.20 -19.26 32.72
C SER B 87 2.97 -19.89 33.37
N LEU B 88 1.81 -19.60 32.80
CA LEU B 88 0.56 -20.22 33.25
C LEU B 88 0.48 -21.73 32.99
N ASN B 89 1.36 -22.26 32.14
CA ASN B 89 1.50 -23.70 31.95
C ASN B 89 2.55 -24.33 32.86
N GLY B 90 3.13 -23.53 33.76
CA GLY B 90 4.10 -24.03 34.74
C GLY B 90 5.52 -24.13 34.21
N ARG B 91 5.81 -23.48 33.08
CA ARG B 91 7.13 -23.58 32.45
C ARG B 91 7.98 -22.33 32.60
N ASP B 92 9.27 -22.51 32.90
CA ASP B 92 10.19 -21.39 33.02
C ASP B 92 10.56 -20.78 31.67
N ILE B 93 10.51 -21.58 30.62
CA ILE B 93 10.68 -21.11 29.24
C ILE B 93 9.53 -21.61 28.42
N GLU B 94 8.90 -20.71 27.68
CA GLU B 94 7.89 -21.09 26.70
C GLU B 94 8.46 -21.06 25.28
N GLN B 95 8.13 -22.08 24.48
CA GLN B 95 8.60 -22.18 23.10
C GLN B 95 7.45 -22.01 22.14
N VAL B 96 7.63 -21.15 21.14
CA VAL B 96 6.68 -20.93 20.08
C VAL B 96 7.34 -21.34 18.77
N ASP B 97 6.75 -22.31 18.07
CA ASP B 97 7.25 -22.78 16.78
C ASP B 97 7.34 -21.61 15.78
N ASP B 98 8.46 -21.52 15.04
CA ASP B 98 8.62 -20.44 14.04
C ASP B 98 8.12 -20.82 12.65
N GLY B 99 7.76 -22.10 12.48
CA GLY B 99 7.26 -22.65 11.21
C GLY B 99 8.34 -23.27 10.34
N GLN B 100 9.60 -23.14 10.74
CA GLN B 100 10.76 -23.58 9.95
C GLN B 100 11.66 -24.54 10.76
N GLY B 101 11.14 -25.09 11.85
CA GLY B 101 11.91 -26.03 12.69
C GLY B 101 12.76 -25.44 13.80
N GLY B 102 12.58 -24.14 14.05
CA GLY B 102 13.13 -23.48 15.22
C GLY B 102 12.03 -22.99 16.16
N SER B 103 12.44 -22.32 17.22
CA SER B 103 11.49 -21.83 18.20
C SER B 103 11.89 -20.44 18.71
N PHE B 104 10.90 -19.57 18.82
CA PHE B 104 11.03 -18.42 19.69
C PHE B 104 10.92 -18.87 21.12
N LEU B 105 11.73 -18.25 21.98
CA LEU B 105 11.88 -18.63 23.38
C LEU B 105 11.52 -17.43 24.22
N LEU B 106 10.47 -17.59 25.03
CA LEU B 106 9.89 -16.53 25.87
C LEU B 106 10.12 -16.87 27.31
N ARG B 107 10.45 -15.85 28.11
CA ARG B 107 10.58 -16.05 29.53
C ARG B 107 10.35 -14.73 30.23
N VAL B 108 9.91 -14.82 31.47
CA VAL B 108 9.45 -13.68 32.23
C VAL B 108 10.19 -13.66 33.56
N TYR B 109 10.52 -12.44 33.97
CA TYR B 109 11.18 -12.20 35.21
C TYR B 109 10.44 -11.15 36.03
N GLU B 110 10.68 -11.21 37.34
CA GLU B 110 10.36 -10.12 38.26
C GLU B 110 10.94 -8.82 37.73
N LYS B 111 10.18 -7.75 37.85
CA LYS B 111 10.75 -6.43 37.57
C LYS B 111 11.54 -6.03 38.81
N ALA B 112 12.84 -5.75 38.60
CA ALA B 112 13.69 -5.38 39.72
C ALA B 112 13.24 -4.07 40.38
N PRO B 113 13.29 -4.04 41.73
CA PRO B 113 12.89 -2.79 42.34
C PRO B 113 13.89 -1.67 42.08
N GLY B 114 13.39 -0.45 42.06
CA GLY B 114 14.20 0.72 41.82
C GLY B 114 14.25 1.23 40.38
N HIS B 115 15.36 1.87 40.06
CA HIS B 115 15.49 2.57 38.78
CA HIS B 115 15.52 2.70 38.86
C HIS B 115 16.92 2.49 38.28
N LYS B 116 17.08 2.84 37.00
CA LYS B 116 18.40 3.03 36.39
C LYS B 116 19.11 4.25 36.95
N VAL B 117 20.43 4.14 37.10
CA VAL B 117 21.17 5.24 37.71
C VAL B 117 21.20 6.43 36.75
N GLU B 118 21.10 7.61 37.35
CA GLU B 118 21.18 8.86 36.64
C GLU B 118 22.34 9.68 37.19
N GLU B 119 22.52 10.85 36.61
CA GLU B 119 23.59 11.78 36.95
C GLU B 119 23.80 11.95 38.47
N ALA B 120 22.69 12.08 39.20
CA ALA B 120 22.73 12.26 40.66
C ALA B 120 23.24 11.04 41.44
N ASP B 121 23.11 9.86 40.86
CA ASP B 121 23.55 8.63 41.51
C ASP B 121 24.84 8.09 40.92
N TRP B 122 25.52 8.91 40.12
CA TRP B 122 26.76 8.50 39.49
C TRP B 122 27.94 9.12 40.21
N ASN B 123 28.41 8.42 41.24
CA ASN B 123 29.38 8.97 42.18
C ASN B 123 30.13 7.84 42.88
N ASP B 124 31.08 8.24 43.71
CA ASP B 124 31.91 7.28 44.43
C ASP B 124 31.08 6.29 45.26
N GLU B 125 29.96 6.73 45.85
CA GLU B 125 29.07 5.85 46.63
C GLU B 125 28.54 4.68 45.78
N LEU B 126 28.12 4.97 44.55
CA LEU B 126 27.64 3.92 43.64
C LEU B 126 28.75 2.95 43.29
N PHE B 127 29.91 3.53 42.96
CA PHE B 127 31.04 2.71 42.48
C PHE B 127 31.51 1.75 43.58
N TYR B 128 31.57 2.28 44.80
CA TYR B 128 31.83 1.47 45.97
C TYR B 128 30.77 0.38 46.18
N ALA B 129 29.49 0.73 46.08
CA ALA B 129 28.41 -0.25 46.22
C ALA B 129 28.50 -1.37 45.15
N LEU B 130 28.86 -0.98 43.93
CA LEU B 130 29.07 -1.96 42.85
C LEU B 130 30.21 -2.94 43.18
N GLY B 131 31.26 -2.41 43.77
CA GLY B 131 32.36 -3.25 44.22
C GLY B 131 31.92 -4.24 45.28
N GLN B 132 31.20 -3.76 46.29
CA GLN B 132 30.70 -4.64 47.35
C GLN B 132 29.84 -5.78 46.77
N TYR B 133 28.91 -5.41 45.89
CA TYR B 133 27.96 -6.34 45.36
C TYR B 133 28.68 -7.38 44.47
N THR B 134 29.59 -6.88 43.61
CA THR B 134 30.33 -7.78 42.73
C THR B 134 31.20 -8.75 43.53
N GLY B 135 31.84 -8.26 44.60
CA GLY B 135 32.60 -9.16 45.45
C GLY B 135 31.76 -10.25 46.09
N ARG B 136 30.54 -9.89 46.53
CA ARG B 136 29.61 -10.86 47.09
C ARG B 136 29.23 -11.90 46.04
N MET B 137 28.99 -11.44 44.80
CA MET B 137 28.62 -12.33 43.73
C MET B 137 29.73 -13.36 43.45
N HIS B 138 30.96 -12.89 43.41
CA HIS B 138 32.10 -13.76 43.15
C HIS B 138 32.34 -14.76 44.29
N LYS B 139 32.21 -14.29 45.54
CA LYS B 139 32.30 -15.19 46.70
C LYS B 139 31.22 -16.29 46.61
N LEU B 140 30.00 -15.89 46.28
CA LEU B 140 28.89 -16.84 46.22
C LEU B 140 29.07 -17.86 45.10
N THR B 141 29.59 -17.44 43.95
CA THR B 141 29.72 -18.38 42.85
C THR B 141 30.63 -19.59 43.09
N LYS B 142 31.59 -19.43 44.00
CA LYS B 142 32.53 -20.50 44.35
C LYS B 142 31.85 -21.81 44.82
N SER B 143 30.67 -21.68 45.43
CA SER B 143 29.92 -22.85 45.92
C SER B 143 28.86 -23.37 44.93
N TYR B 144 28.76 -22.78 43.73
CA TYR B 144 27.78 -23.24 42.75
C TYR B 144 28.05 -24.67 42.31
N GLN B 145 27.02 -25.53 42.34
CA GLN B 145 27.14 -26.90 41.88
C GLN B 145 26.14 -27.08 40.76
N LEU B 146 26.67 -27.38 39.58
CA LEU B 146 25.87 -27.59 38.39
C LEU B 146 25.11 -28.90 38.52
N SER B 147 23.79 -28.86 38.31
CA SER B 147 22.93 -30.05 38.42
C SER B 147 23.15 -31.13 37.38
N ASP B 148 23.06 -30.75 36.11
CA ASP B 148 23.22 -31.70 35.01
C ASP B 148 24.04 -30.95 33.96
N PRO B 149 24.91 -31.68 33.26
CA PRO B 149 25.75 -31.06 32.21
C PRO B 149 24.98 -30.42 31.05
N ARG B 150 23.73 -30.83 30.83
CA ARG B 150 22.85 -30.11 29.88
C ARG B 150 22.76 -28.60 30.13
N TYR B 151 22.88 -28.19 31.40
CA TYR B 151 22.71 -26.77 31.78
C TYR B 151 24.01 -26.02 31.95
N LYS B 152 25.11 -26.62 31.51
CA LYS B 152 26.45 -25.97 31.63
C LYS B 152 26.51 -24.72 30.78
N ARG B 153 26.98 -23.63 31.39
CA ARG B 153 27.26 -22.40 30.68
C ARG B 153 28.64 -22.46 30.05
N GLN B 154 28.85 -21.64 29.04
CA GLN B 154 30.10 -21.67 28.26
C GLN B 154 31.31 -21.18 29.01
N GLU B 155 32.46 -21.70 28.61
CA GLU B 155 33.75 -21.08 28.96
C GLU B 155 33.97 -19.80 28.14
N TRP B 156 34.76 -18.87 28.70
CA TRP B 156 34.97 -17.55 28.10
C TRP B 156 35.30 -17.63 26.63
N ASP B 157 36.21 -18.53 26.28
CA ASP B 157 36.70 -18.67 24.91
C ASP B 157 35.72 -19.25 23.89
N GLU B 158 34.60 -19.77 24.37
CA GLU B 158 33.59 -20.36 23.50
C GLU B 158 32.56 -19.33 22.99
N GLU B 159 32.65 -18.10 23.46
CA GLU B 159 31.73 -17.03 23.09
C GLU B 159 31.60 -16.91 21.56
N GLU B 160 30.38 -17.00 21.08
CA GLU B 160 30.02 -16.84 19.68
C GLU B 160 30.55 -15.55 19.05
N GLN B 161 30.47 -14.44 19.79
CA GLN B 161 30.80 -13.13 19.22
C GLN B 161 32.32 -12.91 19.17
N LEU B 162 33.10 -13.82 19.76
CA LEU B 162 34.55 -13.86 19.55
C LEU B 162 34.96 -14.62 18.31
N LYS B 163 34.01 -15.28 17.64
CA LYS B 163 34.32 -16.09 16.45
C LYS B 163 34.31 -15.15 15.24
N LEU B 164 35.30 -14.26 15.20
CA LEU B 164 35.30 -13.20 14.24
C LEU B 164 35.26 -13.72 12.81
N ARG B 165 35.92 -14.83 12.52
CA ARG B 165 35.93 -15.34 11.15
C ARG B 165 34.55 -15.74 10.61
N LYS B 166 33.64 -16.03 11.50
CA LYS B 166 32.28 -16.34 11.10
C LYS B 166 31.49 -15.16 10.62
N TYR B 167 31.86 -13.96 11.05
CA TYR B 167 31.05 -12.75 10.80
C TYR B 167 31.76 -11.62 10.08
N VAL B 168 33.09 -11.58 10.16
CA VAL B 168 33.89 -10.51 9.62
C VAL B 168 34.51 -10.97 8.32
N PRO B 169 34.53 -10.08 7.29
CA PRO B 169 35.13 -10.47 6.00
C PRO B 169 36.52 -11.05 6.08
N ALA B 170 36.78 -12.13 5.32
CA ALA B 170 38.04 -12.88 5.45
C ALA B 170 39.28 -12.05 5.12
N ASP B 171 39.11 -10.99 4.35
CA ASP B 171 40.23 -10.13 4.01
C ASP B 171 40.77 -9.24 5.15
N GLN B 172 40.13 -9.23 6.33
CA GLN B 172 40.61 -8.37 7.45
C GLN B 172 41.68 -9.13 8.25
N THR B 173 42.78 -9.39 7.54
CA THR B 173 43.81 -10.27 8.05
CA THR B 173 43.87 -10.24 8.02
C THR B 173 44.42 -9.75 9.37
N LEU B 174 44.72 -8.46 9.45
CA LEU B 174 45.31 -7.90 10.66
C LEU B 174 44.36 -7.95 11.85
N VAL B 175 43.06 -7.76 11.60
CA VAL B 175 42.06 -7.95 12.66
C VAL B 175 42.18 -9.34 13.28
N PHE B 176 42.20 -10.37 12.42
CA PHE B 176 42.24 -11.71 12.96
C PHE B 176 43.56 -12.00 13.62
N GLU B 177 44.63 -11.45 13.09
CA GLU B 177 45.94 -11.67 13.70
C GLU B 177 45.93 -11.11 15.13
N GLN B 178 45.41 -9.92 15.31
CA GLN B 178 45.41 -9.33 16.65
C GLN B 178 44.46 -10.06 17.60
N ALA B 179 43.29 -10.42 17.11
CA ALA B 179 42.34 -11.15 17.95
C ALA B 179 42.88 -12.49 18.39
N ASP B 180 43.47 -13.21 17.44
CA ASP B 180 44.06 -14.51 17.76
C ASP B 180 45.18 -14.36 18.79
N ARG B 181 46.06 -13.41 18.58
CA ARG B 181 47.16 -13.17 19.49
C ARG B 181 46.68 -12.91 20.92
N LEU B 182 45.65 -12.11 21.04
CA LEU B 182 45.11 -11.78 22.34
C LEU B 182 44.44 -12.99 22.96
N MET B 183 43.66 -13.76 22.20
CA MET B 183 43.00 -14.90 22.83
CA MET B 183 43.00 -14.96 22.73
C MET B 183 44.01 -15.95 23.26
N GLU B 184 45.11 -16.12 22.52
CA GLU B 184 46.15 -17.07 22.92
C GLU B 184 46.89 -16.60 24.15
N LYS B 185 47.14 -15.31 24.23
CA LYS B 185 47.77 -14.69 25.40
C LYS B 185 46.95 -14.91 26.68
N LEU B 186 45.64 -14.71 26.59
CA LEU B 186 44.79 -14.91 27.77
C LEU B 186 44.66 -16.37 28.16
N ALA B 187 44.71 -17.27 27.18
CA ALA B 187 44.72 -18.69 27.48
C ALA B 187 45.93 -19.15 28.31
N LYS B 188 46.98 -18.34 28.38
CA LYS B 188 48.10 -18.66 29.30
C LYS B 188 47.80 -18.46 30.78
N LEU B 189 46.71 -17.78 31.12
CA LEU B 189 46.47 -17.32 32.49
C LEU B 189 46.07 -18.52 33.34
N PRO B 190 46.47 -18.50 34.62
CA PRO B 190 46.03 -19.55 35.53
C PRO B 190 44.54 -19.43 35.88
N LYS B 191 43.97 -20.55 36.32
CA LYS B 191 42.61 -20.61 36.80
C LYS B 191 42.53 -21.43 38.07
N ASN B 192 41.79 -20.92 39.04
CA ASN B 192 41.40 -21.74 40.20
C ASN B 192 40.13 -21.18 40.76
N GLN B 193 39.62 -21.79 41.82
CA GLN B 193 38.33 -21.41 42.35
C GLN B 193 38.31 -19.97 42.91
N ASP B 194 39.48 -19.40 43.21
CA ASP B 194 39.59 -18.04 43.72
C ASP B 194 39.80 -16.97 42.63
N THR B 195 40.06 -17.40 41.40
CA THR B 195 40.30 -16.47 40.28
C THR B 195 39.36 -16.60 39.06
N TYR B 196 38.58 -17.66 39.00
CA TYR B 196 37.82 -18.04 37.83
C TYR B 196 36.56 -18.74 38.28
N GLY B 197 35.42 -18.46 37.67
CA GLY B 197 34.17 -19.16 38.00
C GLY B 197 33.04 -18.65 37.12
N LEU B 198 31.83 -19.11 37.41
CA LEU B 198 30.67 -18.64 36.65
C LEU B 198 30.37 -17.22 37.08
N VAL B 199 30.31 -16.32 36.10
CA VAL B 199 30.17 -14.89 36.40
C VAL B 199 29.14 -14.27 35.44
N HIS B 200 28.67 -13.09 35.81
CA HIS B 200 27.65 -12.40 35.05
C HIS B 200 28.07 -12.10 33.59
N ALA B 201 29.26 -11.54 33.44
CA ALA B 201 29.92 -11.34 32.15
C ALA B 201 29.32 -10.25 31.30
N ASP B 202 28.43 -9.45 31.86
CA ASP B 202 27.91 -8.26 31.16
C ASP B 202 27.42 -7.19 32.14
N LEU B 203 28.22 -6.91 33.15
CA LEU B 203 27.80 -5.93 34.13
C LEU B 203 27.90 -4.54 33.50
N HIS B 204 26.81 -3.81 33.63
CA HIS B 204 26.74 -2.43 33.18
C HIS B 204 25.49 -1.80 33.78
N HIS B 205 25.39 -0.48 33.67
CA HIS B 205 24.31 0.27 34.32
C HIS B 205 22.97 0.24 33.59
N GLY B 206 22.91 -0.43 32.45
CA GLY B 206 21.61 -0.89 31.91
C GLY B 206 21.11 -2.20 32.44
N ASN B 207 21.91 -2.88 33.27
CA ASN B 207 21.64 -4.25 33.70
C ASN B 207 21.47 -4.38 35.20
N PHE B 208 21.24 -3.24 35.84
CA PHE B 208 20.86 -3.27 37.24
C PHE B 208 20.04 -2.08 37.59
N HIS B 209 19.27 -2.24 38.66
CA HIS B 209 18.54 -1.14 39.23
C HIS B 209 19.10 -0.77 40.60
N TRP B 210 18.94 0.50 40.93
CA TRP B 210 19.39 1.10 42.19
C TRP B 210 18.15 1.56 42.95
N ASP B 211 17.96 1.02 44.16
CA ASP B 211 16.79 1.33 45.02
C ASP B 211 17.37 1.85 46.33
N GLN B 212 17.56 3.16 46.40
CA GLN B 212 18.15 3.83 47.58
C GLN B 212 19.32 3.06 48.21
N GLY B 213 20.32 2.70 47.39
CA GLY B 213 21.53 2.01 47.88
C GLY B 213 21.58 0.50 47.70
N LYS B 214 20.50 -0.08 47.25
CA LYS B 214 20.47 -1.50 47.05
C LYS B 214 20.46 -1.79 45.56
N ILE B 215 21.33 -2.68 45.16
CA ILE B 215 21.44 -3.13 43.79
C ILE B 215 20.68 -4.42 43.60
N THR B 216 19.93 -4.47 42.49
CA THR B 216 19.36 -5.71 41.97
C THR B 216 19.80 -5.84 40.53
N THR B 217 20.49 -6.91 40.20
CA THR B 217 20.93 -7.13 38.85
C THR B 217 19.94 -7.95 38.08
N PHE B 218 20.05 -7.81 36.75
CA PHE B 218 19.31 -8.64 35.81
C PHE B 218 20.17 -8.85 34.55
N ASP B 219 19.56 -9.30 33.45
CA ASP B 219 20.27 -9.62 32.22
C ASP B 219 21.44 -10.57 32.47
N PHE B 220 21.08 -11.73 32.96
CA PHE B 220 22.00 -12.84 33.14
C PHE B 220 22.09 -13.71 31.86
N ASP B 221 21.75 -13.11 30.71
CA ASP B 221 21.68 -13.82 29.48
C ASP B 221 23.04 -14.28 28.94
N ASP B 222 24.13 -13.63 29.37
CA ASP B 222 25.46 -13.92 28.89
C ASP B 222 26.40 -14.52 29.92
N ILE B 223 25.84 -15.04 31.01
CA ILE B 223 26.72 -15.59 32.05
C ILE B 223 27.55 -16.73 31.46
N GLY B 224 28.76 -16.87 31.98
CA GLY B 224 29.63 -17.93 31.57
C GLY B 224 30.82 -17.98 32.51
N TYR B 225 31.63 -19.00 32.33
CA TYR B 225 32.85 -19.16 33.15
C TYR B 225 33.92 -18.19 32.66
N ASN B 226 34.54 -17.48 33.58
CA ASN B 226 35.49 -16.43 33.23
C ASN B 226 36.29 -16.02 34.45
N TRP B 227 37.37 -15.28 34.22
CA TRP B 227 38.11 -14.70 35.31
C TRP B 227 37.33 -13.65 36.01
N PHE B 228 37.41 -13.66 37.33
CA PHE B 228 36.84 -12.58 38.14
C PHE B 228 37.34 -11.20 37.73
N MET B 229 38.62 -11.10 37.37
CA MET B 229 39.14 -9.80 36.96
C MET B 229 38.60 -9.40 35.58
N ASN B 230 38.23 -10.36 34.75
CA ASN B 230 37.62 -10.00 33.47
C ASN B 230 36.17 -9.54 33.73
N ASP B 231 35.42 -10.22 34.58
CA ASP B 231 34.07 -9.70 34.97
C ASP B 231 34.14 -8.20 35.40
N ILE B 232 35.16 -7.88 36.21
CA ILE B 232 35.35 -6.52 36.67
C ILE B 232 35.74 -5.60 35.48
N SER B 233 36.62 -6.11 34.60
CA SER B 233 37.04 -5.33 33.44
C SER B 233 35.93 -5.03 32.49
N ILE B 234 35.01 -5.97 32.36
CA ILE B 234 33.86 -5.76 31.49
C ILE B 234 33.01 -4.61 32.03
N LEU B 235 32.77 -4.58 33.34
CA LEU B 235 32.05 -3.45 33.92
C LEU B 235 32.77 -2.11 33.65
N LEU B 236 34.07 -2.11 33.84
CA LEU B 236 34.90 -0.94 33.55
C LEU B 236 34.77 -0.52 32.08
N TYR B 237 34.86 -1.49 31.17
CA TYR B 237 34.71 -1.17 29.72
C TYR B 237 33.38 -0.47 29.51
N ASN B 238 32.35 -1.02 30.11
CA ASN B 238 31.00 -0.47 29.91
C ASN B 238 30.77 0.89 30.51
N VAL B 239 31.33 1.16 31.68
CA VAL B 239 31.19 2.52 32.24
C VAL B 239 32.00 3.56 31.48
N LEU B 240 33.12 3.15 30.89
CA LEU B 240 33.91 4.03 30.04
C LEU B 240 33.19 4.29 28.74
N TRP B 241 32.41 3.31 28.26
CA TRP B 241 31.75 3.46 26.95
C TRP B 241 30.54 4.35 27.00
N TYR B 242 29.67 4.12 27.98
CA TYR B 242 28.43 4.89 28.14
C TYR B 242 28.45 5.60 29.52
N PRO B 243 29.37 6.54 29.73
CA PRO B 243 29.38 7.17 31.06
C PRO B 243 28.11 7.97 31.34
N VAL B 244 27.49 7.85 32.52
CA VAL B 244 26.25 8.59 32.78
C VAL B 244 26.58 10.08 32.80
N ILE B 245 27.76 10.42 33.34
CA ILE B 245 28.31 11.78 33.30
C ILE B 245 29.53 11.73 32.37
N PRO B 246 29.43 12.35 31.20
CA PRO B 246 30.59 12.36 30.29
C PRO B 246 31.84 12.95 30.92
N TYR B 247 32.98 12.36 30.61
CA TYR B 247 34.28 12.74 31.14
C TYR B 247 35.14 13.37 30.04
N GLU B 248 36.01 14.28 30.43
CA GLU B 248 37.07 14.83 29.59
C GLU B 248 38.40 14.06 29.63
N ASP B 249 38.64 13.34 30.73
CA ASP B 249 39.91 12.63 31.01
C ASP B 249 39.61 11.17 31.34
N LYS B 250 39.81 10.30 30.34
CA LYS B 250 39.39 8.93 30.44
C LYS B 250 40.19 8.19 31.50
N ALA B 251 41.50 8.39 31.50
CA ALA B 251 42.38 7.71 32.42
C ALA B 251 42.01 8.11 33.86
N ALA B 252 41.75 9.40 34.11
CA ALA B 252 41.42 9.84 35.47
C ALA B 252 40.09 9.23 35.91
N PHE B 253 39.11 9.21 35.02
CA PHE B 253 37.86 8.56 35.35
C PHE B 253 38.04 7.05 35.63
N ALA B 254 38.75 6.33 34.76
CA ALA B 254 38.98 4.91 34.96
C ALA B 254 39.66 4.66 36.28
N GLY B 255 40.68 5.46 36.57
CA GLY B 255 41.39 5.33 37.84
C GLY B 255 40.52 5.54 39.06
N ASN B 256 39.67 6.58 39.03
CA ASN B 256 38.81 6.84 40.16
C ASN B 256 37.70 5.81 40.32
N PHE B 257 37.10 5.41 39.21
CA PHE B 257 36.08 4.34 39.26
C PHE B 257 36.66 3.08 39.92
N MET B 258 37.83 2.65 39.46
CA MET B 258 38.42 1.42 39.97
C MET B 258 38.87 1.55 41.42
N LYS B 259 39.42 2.69 41.79
CA LYS B 259 39.82 2.88 43.20
C LYS B 259 38.61 2.68 44.12
N GLN B 260 37.48 3.28 43.76
CA GLN B 260 36.27 3.21 44.59
C GLN B 260 35.66 1.82 44.55
N PHE B 261 35.63 1.25 43.34
CA PHE B 261 35.10 -0.09 43.13
C PHE B 261 35.88 -1.11 43.97
N LEU B 262 37.20 -1.05 43.89
CA LEU B 262 38.08 -2.04 44.56
C LEU B 262 38.03 -1.90 46.05
N LYS B 263 37.86 -0.68 46.55
CA LYS B 263 37.64 -0.53 47.98
C LYS B 263 36.44 -1.40 48.46
N GLY B 264 35.33 -1.33 47.70
CA GLY B 264 34.13 -2.11 48.02
C GLY B 264 34.36 -3.59 47.81
N TYR B 265 34.94 -3.92 46.66
CA TYR B 265 35.21 -5.31 46.29
C TYR B 265 36.02 -6.02 47.36
N ARG B 266 37.10 -5.37 47.82
CA ARG B 266 38.02 -5.95 48.80
C ARG B 266 37.41 -6.25 50.15
N GLU B 267 36.29 -5.63 50.46
CA GLU B 267 35.57 -5.97 51.67
C GLU B 267 34.87 -7.32 51.60
N GLU B 268 34.62 -7.82 50.39
CA GLU B 268 33.73 -8.94 50.17
C GLU B 268 34.38 -10.13 49.47
N ASN B 269 35.49 -9.91 48.77
CA ASN B 269 36.20 -11.03 48.14
C ASN B 269 37.69 -10.69 47.98
N GLU B 270 38.54 -11.69 48.21
CA GLU B 270 40.00 -11.57 48.10
C GLU B 270 40.44 -12.04 46.71
N LEU B 271 41.03 -11.11 45.95
CA LEU B 271 41.61 -11.40 44.65
C LEU B 271 42.97 -10.69 44.56
N GLY B 272 43.98 -11.46 44.17
CA GLY B 272 45.37 -11.02 44.15
C GLY B 272 45.65 -9.83 43.26
N ASP B 273 46.54 -8.98 43.73
CA ASP B 273 46.95 -7.75 43.04
C ASP B 273 47.59 -8.01 41.66
N GLU B 274 48.12 -9.20 41.42
CA GLU B 274 48.71 -9.54 40.11
C GLU B 274 47.68 -9.42 38.98
N TRP B 275 46.40 -9.62 39.30
CA TRP B 275 45.37 -9.55 38.27
C TRP B 275 45.18 -8.15 37.68
N LEU B 276 45.53 -7.12 38.42
CA LEU B 276 45.38 -5.75 37.93
C LEU B 276 46.14 -5.50 36.63
N ALA B 277 47.28 -6.16 36.46
CA ALA B 277 48.07 -6.01 35.25
C ALA B 277 47.36 -6.47 33.98
N TYR B 278 46.32 -7.29 34.11
CA TYR B 278 45.62 -7.88 32.96
C TYR B 278 44.37 -7.11 32.57
N ILE B 279 43.99 -6.09 33.34
CA ILE B 279 42.84 -5.26 32.95
C ILE B 279 42.97 -4.74 31.50
N PRO B 280 44.12 -4.15 31.11
CA PRO B 280 44.16 -3.64 29.75
C PRO B 280 43.89 -4.72 28.67
N ASP B 281 44.41 -5.93 28.86
CA ASP B 281 44.13 -7.07 27.93
C ASP B 281 42.66 -7.41 27.91
N PHE B 282 42.02 -7.47 29.07
CA PHE B 282 40.62 -7.76 29.13
C PHE B 282 39.79 -6.67 28.45
N LEU B 283 40.19 -5.41 28.63
CA LEU B 283 39.47 -4.33 27.93
C LEU B 283 39.59 -4.50 26.42
N ARG B 284 40.76 -4.84 25.93
CA ARG B 284 40.93 -5.06 24.50
C ARG B 284 40.09 -6.24 24.03
N LEU B 285 39.99 -7.26 24.85
CA LEU B 285 39.14 -8.39 24.49
C LEU B 285 37.70 -7.98 24.32
N ARG B 286 37.21 -7.12 25.19
CA ARG B 286 35.83 -6.69 25.05
C ARG B 286 35.62 -5.92 23.73
N HIS B 287 36.62 -5.13 23.35
CA HIS B 287 36.54 -4.37 22.11
C HIS B 287 36.43 -5.35 20.93
N VAL B 288 37.23 -6.41 20.95
CA VAL B 288 37.11 -7.48 19.94
C VAL B 288 35.71 -8.09 19.91
N LEU B 289 35.18 -8.39 21.09
CA LEU B 289 33.87 -8.97 21.17
C LEU B 289 32.81 -8.05 20.52
N ILE B 290 32.87 -6.77 20.84
CA ILE B 290 31.91 -5.81 20.28
C ILE B 290 32.02 -5.80 18.75
N TYR B 291 33.25 -5.87 18.20
CA TYR B 291 33.39 -5.91 16.75
C TYR B 291 32.67 -7.13 16.14
N GLY B 292 32.82 -8.28 16.80
CA GLY B 292 32.10 -9.46 16.38
C GLY B 292 30.59 -9.34 16.51
N LEU B 293 30.12 -8.79 17.64
CA LEU B 293 28.71 -8.53 17.82
C LEU B 293 28.14 -7.64 16.70
N LEU B 294 28.86 -6.57 16.38
CA LEU B 294 28.36 -5.65 15.34
C LEU B 294 28.26 -6.36 14.00
N HIS B 295 29.26 -7.17 13.66
CA HIS B 295 29.20 -7.95 12.41
C HIS B 295 28.11 -9.00 12.40
N GLN B 296 27.82 -9.58 13.54
CA GLN B 296 26.70 -10.50 13.66
C GLN B 296 25.35 -9.81 13.47
N ALA B 297 25.28 -8.51 13.79
CA ALA B 297 24.06 -7.74 13.66
C ALA B 297 23.84 -7.15 12.28
N PHE B 298 24.93 -6.93 11.54
CA PHE B 298 24.86 -6.21 10.27
C PHE B 298 25.07 -7.14 9.07
N ASP B 299 24.38 -6.82 7.98
CA ASP B 299 24.65 -7.38 6.65
C ASP B 299 25.42 -6.33 5.88
N LEU B 300 26.71 -6.58 5.67
CA LEU B 300 27.60 -5.60 5.04
C LEU B 300 27.25 -5.31 3.60
N ALA B 301 26.55 -6.24 2.93
CA ALA B 301 26.06 -6.02 1.57
C ALA B 301 24.98 -4.94 1.46
N THR B 302 24.25 -4.64 2.54
CA THR B 302 23.14 -3.65 2.49
C THR B 302 23.21 -2.48 3.47
N ILE B 303 24.08 -2.54 4.48
CA ILE B 303 24.18 -1.39 5.39
C ILE B 303 24.76 -0.17 4.68
N GLY B 304 24.43 1.01 5.22
CA GLY B 304 24.77 2.25 4.59
C GLY B 304 26.22 2.64 4.82
N ASP B 305 26.64 3.63 4.04
CA ASP B 305 28.03 4.10 4.07
C ASP B 305 28.40 4.73 5.43
N GLU B 306 27.39 5.29 6.11
CA GLU B 306 27.60 5.88 7.42
C GLU B 306 27.97 4.83 8.49
N GLU B 307 27.27 3.70 8.49
CA GLU B 307 27.59 2.60 9.39
C GLU B 307 28.98 2.03 9.09
N LYS B 308 29.31 1.89 7.81
CA LYS B 308 30.58 1.38 7.42
C LYS B 308 31.71 2.30 7.86
N ALA B 309 31.46 3.59 7.81
CA ALA B 309 32.43 4.58 8.23
C ALA B 309 32.72 4.45 9.73
N MET B 310 31.68 4.23 10.52
CA MET B 310 31.86 4.02 11.96
C MET B 310 32.57 2.68 12.23
N LEU B 311 32.19 1.64 11.50
CA LEU B 311 32.88 0.36 11.68
C LEU B 311 34.37 0.43 11.37
N ALA B 312 34.74 1.26 10.38
CA ALA B 312 36.17 1.40 10.01
C ALA B 312 37.01 1.94 11.15
N SER B 313 36.43 2.83 11.96
CA SER B 313 37.14 3.33 13.14
C SER B 313 37.40 2.22 14.19
N PHE B 314 36.38 1.36 14.40
CA PHE B 314 36.48 0.22 15.28
CA PHE B 314 36.51 0.21 15.34
C PHE B 314 37.55 -0.80 14.83
N ARG B 315 37.50 -1.13 13.56
CA ARG B 315 38.47 -2.02 12.92
C ARG B 315 39.91 -1.57 13.20
N SER B 316 40.16 -0.28 13.03
CA SER B 316 41.51 0.22 13.19
C SER B 316 41.98 0.10 14.66
N ASP B 317 41.11 0.35 15.62
CA ASP B 317 41.47 0.19 17.04
C ASP B 317 41.98 -1.24 17.31
N ILE B 318 41.31 -2.23 16.72
CA ILE B 318 41.68 -3.61 16.92
C ILE B 318 43.01 -3.93 16.21
N GLU B 319 43.14 -3.41 14.99
CA GLU B 319 44.36 -3.59 14.19
C GLU B 319 45.58 -3.00 14.86
N GLN B 320 45.37 -1.90 15.60
CA GLN B 320 46.47 -1.21 16.29
C GLN B 320 46.78 -1.83 17.67
N ALA B 321 45.94 -2.74 18.12
CA ALA B 321 46.00 -3.19 19.52
C ALA B 321 46.03 -1.97 20.47
N ALA B 322 45.22 -0.98 20.13
CA ALA B 322 45.19 0.27 20.89
C ALA B 322 44.66 0.03 22.31
N PRO B 323 45.37 0.54 23.32
CA PRO B 323 44.82 0.38 24.67
C PRO B 323 43.54 1.19 24.83
N ILE B 324 42.60 0.65 25.60
CA ILE B 324 41.35 1.32 25.82
C ILE B 324 41.58 2.57 26.71
N THR B 325 42.51 2.48 27.67
CA THR B 325 42.88 3.63 28.49
C THR B 325 44.36 3.56 28.81
N THR B 326 44.95 4.72 29.13
CA THR B 326 46.36 4.79 29.49
C THR B 326 46.58 4.64 31.01
N PHE B 327 45.50 4.51 31.79
CA PHE B 327 45.66 4.40 33.23
C PHE B 327 46.39 3.13 33.62
N ASP B 328 47.34 3.26 34.54
CA ASP B 328 48.14 2.11 35.04
C ASP B 328 47.48 1.50 36.26
N PHE B 329 46.69 0.45 36.02
CA PHE B 329 45.89 -0.19 37.06
C PHE B 329 46.74 -0.88 38.12
N THR B 330 47.98 -1.23 37.79
CA THR B 330 48.83 -1.86 38.80
C THR B 330 49.12 -0.88 39.96
N LYS B 331 48.95 0.43 39.77
CA LYS B 331 49.07 1.39 40.89
C LYS B 331 47.99 1.27 41.95
N LEU B 332 46.93 0.49 41.69
CA LEU B 332 45.86 0.29 42.67
C LEU B 332 46.05 -0.92 43.57
N SER B 333 47.24 -1.48 43.56
CA SER B 333 47.57 -2.57 44.49
C SER B 333 47.49 -2.15 45.96
N GLN B 334 47.29 -3.15 46.83
CA GLN B 334 47.26 -2.99 48.30
C GLN B 334 48.67 -3.01 48.84
N MET C 1 -34.51 7.55 -23.21
CA MET C 1 -34.50 8.51 -24.34
CA MET C 1 -34.51 8.50 -24.33
C MET C 1 -33.72 7.88 -25.49
N HIS C 2 -34.30 7.94 -26.67
CA HIS C 2 -33.66 7.48 -27.90
C HIS C 2 -32.29 8.15 -28.00
N LYS C 3 -31.21 7.36 -28.20
CA LYS C 3 -29.88 7.92 -28.16
C LYS C 3 -29.63 9.02 -29.19
N ASP C 4 -30.24 8.90 -30.37
CA ASP C 4 -30.02 9.92 -31.39
C ASP C 4 -30.75 11.23 -31.11
N VAL C 5 -31.86 11.15 -30.39
CA VAL C 5 -32.56 12.37 -29.96
C VAL C 5 -31.77 13.08 -28.87
N LYS C 6 -31.27 12.29 -27.90
CA LYS C 6 -30.47 12.85 -26.82
C LYS C 6 -29.25 13.59 -27.41
N ALA C 7 -28.63 13.01 -28.43
CA ALA C 7 -27.41 13.58 -29.03
C ALA C 7 -27.60 14.92 -29.75
N ILE C 8 -28.80 15.15 -30.26
CA ILE C 8 -29.12 16.34 -31.09
C ILE C 8 -29.81 17.46 -30.27
N TYR C 9 -30.36 17.14 -29.11
CA TYR C 9 -31.14 18.14 -28.35
C TYR C 9 -30.28 19.29 -27.87
N GLU C 10 -30.76 20.49 -28.14
CA GLU C 10 -30.14 21.72 -27.68
C GLU C 10 -31.15 22.48 -26.79
N GLU C 11 -31.10 22.21 -25.49
CA GLU C 11 -32.17 22.69 -24.61
C GLU C 11 -32.39 24.21 -24.63
N SER C 12 -31.35 25.01 -24.47
CA SER C 12 -31.56 26.44 -24.40
C SER C 12 -32.19 26.98 -25.69
N LYS C 13 -31.80 26.41 -26.82
CA LYS C 13 -32.32 26.89 -28.10
C LYS C 13 -33.81 26.57 -28.28
N ILE C 14 -34.18 25.36 -27.93
CA ILE C 14 -35.55 24.92 -28.16
C ILE C 14 -36.48 25.55 -27.13
N LEU C 15 -36.01 25.71 -25.88
CA LEU C 15 -36.84 26.43 -24.88
C LEU C 15 -37.00 27.90 -25.22
N ASP C 16 -35.99 28.51 -25.85
CA ASP C 16 -36.16 29.86 -26.36
C ASP C 16 -37.27 29.92 -27.40
N GLU C 17 -37.33 28.94 -28.31
CA GLU C 17 -38.44 28.90 -29.25
CA GLU C 17 -38.44 28.86 -29.26
C GLU C 17 -39.78 28.74 -28.52
N ALA C 18 -39.83 27.89 -27.50
CA ALA C 18 -41.07 27.71 -26.72
C ALA C 18 -41.57 29.01 -26.06
N THR C 19 -40.63 29.84 -25.58
CA THR C 19 -41.03 31.10 -24.97
C THR C 19 -41.80 31.97 -25.96
N HIS C 20 -41.36 32.01 -27.20
CA HIS C 20 -42.07 32.84 -28.19
C HIS C 20 -43.34 32.19 -28.71
N LEU C 21 -43.33 30.87 -28.82
CA LEU C 21 -44.46 30.12 -29.38
C LEU C 21 -45.64 30.03 -28.42
N TYR C 22 -45.36 30.00 -27.12
CA TYR C 22 -46.42 29.85 -26.10
C TYR C 22 -46.60 31.08 -25.23
N GLY C 23 -45.77 32.11 -25.42
CA GLY C 23 -45.96 33.41 -24.75
C GLY C 23 -45.64 33.39 -23.28
N VAL C 24 -44.50 32.84 -22.95
CA VAL C 24 -44.05 32.80 -21.58
C VAL C 24 -42.59 33.24 -21.52
N GLN C 25 -42.05 33.40 -20.32
CA GLN C 25 -40.64 33.69 -20.14
C GLN C 25 -39.93 32.41 -19.77
N ARG C 26 -38.63 32.35 -19.99
CA ARG C 26 -37.83 31.18 -19.59
C ARG C 26 -38.04 30.83 -18.12
N SER C 27 -38.14 31.83 -17.24
CA SER C 27 -38.38 31.54 -15.82
C SER C 27 -39.74 30.89 -15.49
N ASP C 28 -40.67 30.89 -16.45
CA ASP C 28 -41.96 30.24 -16.29
C ASP C 28 -41.92 28.75 -16.72
N ILE C 29 -40.74 28.24 -17.11
CA ILE C 29 -40.60 26.87 -17.62
C ILE C 29 -39.65 26.15 -16.68
N HIS C 30 -40.08 24.97 -16.24
CA HIS C 30 -39.34 24.18 -15.24
C HIS C 30 -39.25 22.73 -15.71
N PHE C 31 -38.04 22.17 -15.78
CA PHE C 31 -37.80 20.77 -16.17
C PHE C 31 -38.49 19.81 -15.21
N ILE C 32 -39.13 18.81 -15.80
CA ILE C 32 -39.72 17.70 -15.07
C ILE C 32 -38.93 16.41 -15.29
N ALA C 33 -38.78 15.97 -16.54
CA ALA C 33 -38.23 14.63 -16.82
C ALA C 33 -37.82 14.49 -18.27
N ASP C 34 -36.89 13.57 -18.49
CA ASP C 34 -36.35 13.28 -19.82
C ASP C 34 -36.27 11.79 -20.14
N ALA C 35 -37.35 11.07 -19.91
CA ALA C 35 -37.42 9.63 -20.16
C ALA C 35 -37.59 9.31 -21.67
N GLU C 36 -38.75 9.52 -22.25
CA GLU C 36 -38.96 9.31 -23.71
C GLU C 36 -39.01 10.63 -24.47
N ASN C 37 -39.51 11.66 -23.78
CA ASN C 37 -39.65 13.04 -24.27
C ASN C 37 -38.99 13.96 -23.23
N TYR C 38 -38.64 15.16 -23.65
CA TYR C 38 -38.28 16.22 -22.71
C TYR C 38 -39.54 16.90 -22.24
N VAL C 39 -39.77 16.87 -20.95
CA VAL C 39 -41.03 17.35 -20.38
C VAL C 39 -40.76 18.44 -19.34
N TYR C 40 -41.55 19.51 -19.44
CA TYR C 40 -41.42 20.71 -18.60
C TYR C 40 -42.77 21.19 -18.13
N GLU C 41 -42.81 21.82 -16.96
CA GLU C 41 -43.98 22.60 -16.56
C GLU C 41 -43.86 24.01 -17.10
N LEU C 42 -44.98 24.52 -17.60
CA LEU C 42 -45.03 25.87 -18.16
C LEU C 42 -46.16 26.60 -17.45
N LYS C 43 -45.83 27.75 -16.87
CA LYS C 43 -46.82 28.53 -16.13
C LYS C 43 -47.23 29.78 -16.96
N LYS C 44 -48.53 30.06 -17.02
CA LYS C 44 -49.02 31.20 -17.81
C LYS C 44 -50.36 31.66 -17.24
N ASP C 45 -50.46 32.96 -16.95
CA ASP C 45 -51.71 33.58 -16.45
C ASP C 45 -52.32 32.85 -15.25
N GLY C 46 -51.43 32.43 -14.34
CA GLY C 46 -51.81 31.76 -13.10
C GLY C 46 -52.32 30.32 -13.20
N GLU C 47 -52.15 29.71 -14.37
CA GLU C 47 -52.47 28.31 -14.64
C GLU C 47 -51.17 27.56 -14.97
N SER C 48 -51.20 26.24 -14.84
CA SER C 48 -50.04 25.39 -15.18
C SER C 48 -50.34 24.49 -16.37
N PHE C 49 -49.32 24.30 -17.20
CA PHE C 49 -49.40 23.50 -18.41
C PHE C 49 -48.19 22.60 -18.45
N ILE C 50 -48.23 21.66 -19.37
CA ILE C 50 -47.11 20.72 -19.57
C ILE C 50 -46.64 20.81 -21.02
N LEU C 51 -45.35 21.09 -21.18
CA LEU C 51 -44.68 21.14 -22.48
C LEU C 51 -43.89 19.86 -22.69
N LYS C 52 -44.21 19.15 -23.79
N LYS C 52 -44.17 19.20 -23.82
CA LYS C 52 -43.46 17.95 -24.20
CA LYS C 52 -43.50 17.97 -24.21
C LYS C 52 -42.77 18.21 -25.54
C LYS C 52 -42.78 18.19 -25.55
N ILE C 53 -41.49 17.89 -25.59
CA ILE C 53 -40.65 18.09 -26.75
C ILE C 53 -40.06 16.76 -27.17
N THR C 54 -40.17 16.49 -28.46
CA THR C 54 -39.54 15.34 -29.11
C THR C 54 -39.00 15.75 -30.47
N HIS C 55 -38.70 14.77 -31.32
CA HIS C 55 -37.96 15.03 -32.57
C HIS C 55 -38.45 14.02 -33.60
N THR C 56 -38.36 14.45 -34.87
CA THR C 56 -38.75 13.65 -35.99
C THR C 56 -38.01 12.31 -36.15
N ILE C 57 -36.88 12.14 -35.46
CA ILE C 57 -36.24 10.82 -35.39
C ILE C 57 -37.23 9.77 -34.88
N ARG C 58 -38.10 10.16 -33.94
CA ARG C 58 -39.05 9.20 -33.39
C ARG C 58 -40.52 9.45 -33.57
N ARG C 59 -40.93 10.67 -33.98
CA ARG C 59 -42.35 11.00 -34.18
C ARG C 59 -42.52 11.92 -35.37
N SER C 60 -43.58 11.69 -36.13
CA SER C 60 -44.00 12.67 -37.13
C SER C 60 -45.17 13.51 -36.59
N PRO C 61 -45.36 14.72 -37.16
CA PRO C 61 -46.51 15.56 -36.79
C PRO C 61 -47.82 14.82 -36.94
N ASP C 62 -48.04 14.18 -38.09
CA ASP C 62 -49.31 13.52 -38.34
C ASP C 62 -49.55 12.38 -37.33
N TYR C 63 -48.47 11.66 -36.95
CA TYR C 63 -48.62 10.59 -35.97
C TYR C 63 -49.14 11.16 -34.65
N ILE C 64 -48.54 12.28 -34.23
CA ILE C 64 -48.98 12.96 -33.02
C ILE C 64 -50.44 13.43 -33.15
N LEU C 65 -50.82 13.96 -34.32
CA LEU C 65 -52.21 14.34 -34.52
C LEU C 65 -53.18 13.19 -34.31
N GLY C 66 -52.73 11.94 -34.56
CA GLY C 66 -53.55 10.80 -34.25
C GLY C 66 -53.73 10.55 -32.74
N GLU C 67 -52.71 10.91 -31.97
CA GLU C 67 -52.86 10.95 -30.47
C GLU C 67 -53.93 11.97 -30.06
N MET C 68 -53.86 13.14 -30.68
CA MET C 68 -54.76 14.21 -30.25
CA MET C 68 -54.75 14.26 -30.29
C MET C 68 -56.20 13.91 -30.66
N GLU C 69 -56.37 13.25 -31.83
CA GLU C 69 -57.71 12.90 -32.23
C GLU C 69 -58.37 11.90 -31.28
N TRP C 70 -57.59 10.92 -30.78
CA TRP C 70 -58.17 9.96 -29.85
C TRP C 70 -58.45 10.62 -28.49
N LEU C 71 -57.56 11.50 -28.07
CA LEU C 71 -57.79 12.26 -26.82
C LEU C 71 -59.12 13.01 -26.91
N HIS C 72 -59.36 13.67 -28.05
CA HIS C 72 -60.59 14.41 -28.23
C HIS C 72 -61.80 13.49 -28.15
N HIS C 73 -61.72 12.33 -28.79
CA HIS C 73 -62.80 11.35 -28.70
C HIS C 73 -63.12 10.96 -27.24
N LEU C 74 -62.07 10.59 -26.52
CA LEU C 74 -62.27 10.18 -25.13
C LEU C 74 -62.87 11.29 -24.29
N ALA C 75 -62.39 12.51 -24.49
CA ALA C 75 -62.90 13.63 -23.69
C ALA C 75 -64.36 13.90 -24.05
N LYS C 76 -64.70 13.86 -25.33
CA LYS C 76 -66.08 14.07 -25.77
C LYS C 76 -67.02 13.04 -25.14
N GLY C 77 -66.50 11.83 -24.91
CA GLY C 77 -67.25 10.74 -24.30
C GLY C 77 -67.23 10.74 -22.77
N GLY C 78 -66.62 11.75 -22.17
CA GLY C 78 -66.70 11.97 -20.74
C GLY C 78 -65.59 11.39 -19.93
N LEU C 79 -64.49 10.97 -20.59
CA LEU C 79 -63.33 10.43 -19.83
C LEU C 79 -62.38 11.59 -19.52
N SER C 80 -61.87 11.64 -18.30
CA SER C 80 -60.97 12.70 -17.90
C SER C 80 -59.55 12.41 -18.41
N VAL C 81 -59.08 13.22 -19.34
CA VAL C 81 -57.79 13.10 -19.96
C VAL C 81 -57.18 14.51 -20.06
N ALA C 82 -55.87 14.62 -20.12
CA ALA C 82 -55.20 15.93 -20.28
C ALA C 82 -55.19 16.31 -21.76
N LYS C 83 -55.86 17.39 -22.10
CA LYS C 83 -56.05 17.81 -23.50
C LYS C 83 -54.95 18.77 -23.96
N PRO C 84 -54.69 18.77 -25.28
CA PRO C 84 -53.72 19.70 -25.83
C PRO C 84 -54.26 21.15 -25.79
N ILE C 85 -53.33 22.06 -25.81
CA ILE C 85 -53.59 23.49 -25.88
C ILE C 85 -52.90 24.01 -27.13
N ALA C 86 -53.57 24.91 -27.87
CA ALA C 86 -52.94 25.52 -29.03
C ALA C 86 -51.88 26.54 -28.70
N SER C 87 -50.85 26.60 -29.55
CA SER C 87 -49.81 27.64 -29.49
C SER C 87 -50.41 29.01 -29.86
N LEU C 88 -49.61 30.06 -29.69
CA LEU C 88 -50.08 31.40 -30.07
C LEU C 88 -50.43 31.51 -31.54
N ASN C 89 -49.86 30.66 -32.38
CA ASN C 89 -50.18 30.65 -33.82
C ASN C 89 -51.35 29.70 -34.14
N GLY C 90 -51.96 29.12 -33.11
CA GLY C 90 -53.12 28.27 -33.26
C GLY C 90 -52.84 26.83 -33.60
N ARG C 91 -51.60 26.38 -33.35
CA ARG C 91 -51.17 25.04 -33.74
C ARG C 91 -51.15 24.11 -32.55
N ASP C 92 -51.67 22.89 -32.70
CA ASP C 92 -51.50 21.85 -31.66
C ASP C 92 -50.07 21.32 -31.59
N ILE C 93 -49.32 21.38 -32.68
CA ILE C 93 -47.92 20.98 -32.71
C ILE C 93 -47.11 22.07 -33.38
N GLU C 94 -46.04 22.49 -32.74
CA GLU C 94 -45.11 23.44 -33.32
C GLU C 94 -43.87 22.70 -33.78
N GLN C 95 -43.39 23.04 -34.97
CA GLN C 95 -42.28 22.35 -35.63
C GLN C 95 -41.13 23.34 -35.76
N VAL C 96 -39.94 22.94 -35.33
CA VAL C 96 -38.76 23.78 -35.34
C VAL C 96 -37.64 23.04 -36.06
N ASP C 97 -37.14 23.65 -37.11
CA ASP C 97 -36.09 23.05 -37.97
C ASP C 97 -34.81 22.89 -37.12
N ASP C 98 -34.24 21.69 -37.13
CA ASP C 98 -33.01 21.40 -36.42
C ASP C 98 -31.73 21.78 -37.19
N GLY C 99 -31.87 22.30 -38.41
CA GLY C 99 -30.72 22.70 -39.22
C GLY C 99 -29.92 21.57 -39.83
N GLN C 100 -30.40 20.33 -39.69
CA GLN C 100 -29.72 19.13 -40.16
C GLN C 100 -30.76 18.14 -40.72
N GLY C 101 -31.84 18.66 -41.31
CA GLY C 101 -32.82 17.82 -41.99
C GLY C 101 -33.98 17.28 -41.20
N GLY C 102 -34.09 17.67 -39.92
CA GLY C 102 -35.17 17.18 -39.09
C GLY C 102 -35.81 18.31 -38.32
N SER C 103 -36.73 17.94 -37.43
CA SER C 103 -37.47 18.95 -36.69
C SER C 103 -37.67 18.52 -35.24
N PHE C 104 -37.52 19.48 -34.34
CA PHE C 104 -38.07 19.33 -32.98
C PHE C 104 -39.56 19.60 -33.05
N LEU C 105 -40.32 18.85 -32.27
CA LEU C 105 -41.77 18.94 -32.21
C LEU C 105 -42.16 19.28 -30.79
N LEU C 106 -42.92 20.36 -30.66
CA LEU C 106 -43.31 20.92 -29.35
C LEU C 106 -44.81 20.82 -29.26
N ARG C 107 -45.32 20.46 -28.11
CA ARG C 107 -46.75 20.57 -27.86
C ARG C 107 -47.00 20.77 -26.36
N VAL C 108 -48.16 21.32 -26.06
CA VAL C 108 -48.50 21.73 -24.69
C VAL C 108 -49.86 21.17 -24.36
N TYR C 109 -49.98 20.69 -23.13
CA TYR C 109 -51.19 20.12 -22.60
C TYR C 109 -51.59 20.79 -21.29
N GLU C 110 -52.85 20.62 -20.95
CA GLU C 110 -53.32 21.04 -19.65
C GLU C 110 -52.66 20.18 -18.60
N LYS C 111 -52.43 20.76 -17.44
CA LYS C 111 -51.90 20.02 -16.31
C LYS C 111 -53.08 19.30 -15.68
N ALA C 112 -53.02 17.99 -15.58
CA ALA C 112 -54.07 17.16 -15.01
C ALA C 112 -54.27 17.54 -13.53
N PRO C 113 -55.52 17.65 -13.07
CA PRO C 113 -55.74 17.93 -11.67
C PRO C 113 -55.30 16.75 -10.80
N GLY C 114 -54.96 17.05 -9.58
CA GLY C 114 -54.49 16.06 -8.64
C GLY C 114 -53.02 15.85 -8.76
N HIS C 115 -52.60 14.66 -8.30
CA HIS C 115 -51.21 14.35 -8.01
CA HIS C 115 -51.17 14.39 -8.15
C HIS C 115 -50.89 12.91 -8.32
N LYS C 116 -49.61 12.63 -8.44
CA LYS C 116 -49.19 11.25 -8.54
C LYS C 116 -49.43 10.54 -7.20
N VAL C 117 -49.83 9.28 -7.26
CA VAL C 117 -50.16 8.51 -6.06
C VAL C 117 -49.00 8.29 -5.15
N GLU C 118 -49.31 8.33 -3.86
CA GLU C 118 -48.34 8.07 -2.79
C GLU C 118 -48.75 6.80 -2.06
N GLU C 119 -47.95 6.40 -1.06
CA GLU C 119 -48.25 5.13 -0.38
C GLU C 119 -49.68 5.09 0.19
N ALA C 120 -50.14 6.22 0.77
CA ALA C 120 -51.46 6.28 1.36
C ALA C 120 -52.59 6.01 0.38
N ASP C 121 -52.31 6.19 -0.92
CA ASP C 121 -53.29 6.00 -1.96
C ASP C 121 -53.20 4.59 -2.60
N TRP C 122 -52.14 3.84 -2.29
CA TRP C 122 -51.84 2.59 -2.99
C TRP C 122 -52.51 1.45 -2.32
N ASN C 123 -53.75 1.22 -2.69
CA ASN C 123 -54.62 0.30 -1.97
C ASN C 123 -55.71 -0.20 -2.89
N ASP C 124 -56.59 -1.02 -2.36
CA ASP C 124 -57.61 -1.69 -3.19
C ASP C 124 -58.56 -0.68 -3.83
N GLU C 125 -58.85 0.44 -3.14
CA GLU C 125 -59.73 1.46 -3.70
C GLU C 125 -59.13 2.02 -4.99
N LEU C 126 -57.82 2.27 -5.01
CA LEU C 126 -57.15 2.77 -6.21
C LEU C 126 -57.22 1.72 -7.30
N PHE C 127 -56.90 0.49 -7.00
CA PHE C 127 -56.84 -0.56 -8.03
C PHE C 127 -58.22 -0.75 -8.67
N TYR C 128 -59.26 -0.74 -7.86
CA TYR C 128 -60.64 -0.83 -8.30
C TYR C 128 -60.98 0.36 -9.21
N ALA C 129 -60.63 1.58 -8.78
CA ALA C 129 -60.90 2.77 -9.56
C ALA C 129 -60.18 2.70 -10.91
N LEU C 130 -58.94 2.22 -10.94
CA LEU C 130 -58.21 2.05 -12.21
C LEU C 130 -58.91 1.07 -13.15
N GLY C 131 -59.48 0.02 -12.61
CA GLY C 131 -60.26 -0.93 -13.40
C GLY C 131 -61.49 -0.27 -14.00
N GLN C 132 -62.24 0.47 -13.18
CA GLN C 132 -63.44 1.18 -13.67
C GLN C 132 -63.06 2.13 -14.79
N TYR C 133 -61.99 2.90 -14.59
CA TYR C 133 -61.58 3.89 -15.56
C TYR C 133 -61.16 3.23 -16.87
N THR C 134 -60.33 2.21 -16.77
CA THR C 134 -59.81 1.52 -17.94
C THR C 134 -60.93 0.82 -18.68
N GLY C 135 -61.91 0.29 -17.97
CA GLY C 135 -63.07 -0.29 -18.58
C GLY C 135 -63.85 0.74 -19.39
N ARG C 136 -64.06 1.92 -18.79
CA ARG C 136 -64.71 2.99 -19.53
C ARG C 136 -63.93 3.40 -20.79
N MET C 137 -62.62 3.47 -20.68
CA MET C 137 -61.75 3.87 -21.78
C MET C 137 -61.86 2.85 -22.93
N HIS C 138 -61.85 1.57 -22.62
CA HIS C 138 -61.98 0.54 -23.64
C HIS C 138 -63.37 0.53 -24.27
N LYS C 139 -64.42 0.72 -23.48
CA LYS C 139 -65.76 0.83 -24.06
C LYS C 139 -65.82 2.00 -25.02
N LEU C 140 -65.30 3.15 -24.61
CA LEU C 140 -65.35 4.34 -25.47
C LEU C 140 -64.58 4.11 -26.76
N THR C 141 -63.46 3.42 -26.70
CA THR C 141 -62.66 3.30 -27.91
C THR C 141 -63.37 2.49 -29.00
N LYS C 142 -64.36 1.69 -28.63
CA LYS C 142 -65.04 0.89 -29.64
C LYS C 142 -65.73 1.75 -30.69
N SER C 143 -66.13 2.97 -30.33
CA SER C 143 -66.83 3.89 -31.22
C SER C 143 -65.91 4.90 -31.92
N TYR C 144 -64.61 4.78 -31.73
CA TYR C 144 -63.66 5.71 -32.33
C TYR C 144 -63.57 5.41 -33.82
N GLN C 145 -63.67 6.50 -34.57
CA GLN C 145 -63.56 6.48 -36.00
C GLN C 145 -62.43 7.41 -36.44
N LEU C 146 -61.43 6.86 -37.12
CA LEU C 146 -60.29 7.63 -37.59
C LEU C 146 -60.73 8.57 -38.72
N SER C 147 -60.40 9.86 -38.60
CA SER C 147 -60.95 10.84 -39.57
C SER C 147 -60.20 10.81 -40.89
N ASP C 148 -58.93 10.42 -40.88
CA ASP C 148 -58.06 10.60 -42.05
C ASP C 148 -56.94 9.58 -41.87
N PRO C 149 -56.65 8.76 -42.92
CA PRO C 149 -55.57 7.78 -42.75
C PRO C 149 -54.21 8.39 -42.37
N ARG C 150 -53.97 9.66 -42.66
CA ARG C 150 -52.71 10.32 -42.26
C ARG C 150 -52.44 10.17 -40.77
N TYR C 151 -53.50 10.11 -39.94
CA TYR C 151 -53.34 10.16 -38.48
C TYR C 151 -53.41 8.76 -37.84
N LYS C 152 -53.34 7.72 -38.66
CA LYS C 152 -53.45 6.36 -38.16
CA LYS C 152 -53.47 6.37 -38.13
C LYS C 152 -52.33 6.00 -37.20
N ARG C 153 -52.72 5.52 -36.03
CA ARG C 153 -51.74 5.01 -35.09
C ARG C 153 -51.36 3.58 -35.36
N GLN C 154 -50.18 3.17 -34.83
CA GLN C 154 -49.66 1.87 -35.29
C GLN C 154 -50.44 0.68 -34.73
N GLU C 155 -50.31 -0.44 -35.43
CA GLU C 155 -50.72 -1.72 -34.84
C GLU C 155 -49.63 -2.20 -33.86
N TRP C 156 -50.03 -3.06 -32.93
CA TRP C 156 -49.15 -3.48 -31.85
C TRP C 156 -47.79 -3.97 -32.31
N ASP C 157 -47.81 -4.75 -33.41
CA ASP C 157 -46.60 -5.41 -33.91
C ASP C 157 -45.70 -4.54 -34.76
N GLU C 158 -46.12 -3.27 -34.98
CA GLU C 158 -45.33 -2.28 -35.66
C GLU C 158 -44.44 -1.44 -34.75
N GLU C 159 -44.51 -1.72 -33.46
CA GLU C 159 -43.80 -0.91 -32.46
C GLU C 159 -42.28 -0.97 -32.70
N GLU C 160 -41.66 0.19 -32.76
CA GLU C 160 -40.26 0.32 -33.05
C GLU C 160 -39.38 -0.46 -32.06
N GLN C 161 -39.75 -0.40 -30.78
CA GLN C 161 -38.95 -1.02 -29.74
C GLN C 161 -39.06 -2.51 -29.68
N LEU C 162 -39.98 -3.11 -30.47
CA LEU C 162 -40.01 -4.53 -30.70
C LEU C 162 -39.10 -4.98 -31.84
N LYS C 163 -38.46 -4.04 -32.51
CA LYS C 163 -37.58 -4.35 -33.64
C LYS C 163 -36.19 -4.66 -33.10
N LEU C 164 -36.09 -5.76 -32.36
CA LEU C 164 -34.85 -6.05 -31.62
C LEU C 164 -33.62 -6.13 -32.49
N ARG C 165 -33.75 -6.71 -33.69
CA ARG C 165 -32.59 -6.85 -34.56
C ARG C 165 -31.99 -5.50 -35.00
N LYS C 166 -32.79 -4.47 -34.92
CA LYS C 166 -32.34 -3.17 -35.28
C LYS C 166 -31.41 -2.54 -34.24
N TYR C 167 -31.56 -2.96 -32.99
CA TYR C 167 -30.91 -2.31 -31.84
C TYR C 167 -29.99 -3.24 -31.02
N VAL C 168 -30.22 -4.55 -31.10
CA VAL C 168 -29.53 -5.54 -30.26
C VAL C 168 -28.45 -6.21 -31.11
N PRO C 169 -27.28 -6.51 -30.52
CA PRO C 169 -26.26 -7.18 -31.27
C PRO C 169 -26.74 -8.46 -31.95
N ALA C 170 -26.28 -8.66 -33.17
CA ALA C 170 -26.69 -9.77 -34.01
C ALA C 170 -26.45 -11.15 -33.46
N ASP C 171 -25.46 -11.28 -32.58
CA ASP C 171 -25.12 -12.56 -31.98
C ASP C 171 -26.10 -13.09 -30.92
N GLN C 172 -27.09 -12.29 -30.51
CA GLN C 172 -28.05 -12.74 -29.48
C GLN C 172 -29.15 -13.61 -30.03
N THR C 173 -28.72 -14.72 -30.62
CA THR C 173 -29.59 -15.57 -31.40
C THR C 173 -30.83 -16.05 -30.62
N LEU C 174 -30.61 -16.56 -29.39
CA LEU C 174 -31.73 -17.04 -28.57
C LEU C 174 -32.73 -15.94 -28.16
N VAL C 175 -32.21 -14.75 -27.93
CA VAL C 175 -33.10 -13.58 -27.69
C VAL C 175 -34.07 -13.41 -28.86
N PHE C 176 -33.51 -13.39 -30.07
CA PHE C 176 -34.35 -13.15 -31.22
C PHE C 176 -35.30 -14.32 -31.45
N GLU C 177 -34.83 -15.55 -31.19
CA GLU C 177 -35.69 -16.75 -31.33
C GLU C 177 -36.88 -16.64 -30.36
N GLN C 178 -36.62 -16.24 -29.11
CA GLN C 178 -37.70 -16.17 -28.15
C GLN C 178 -38.69 -15.02 -28.47
N ALA C 179 -38.13 -13.91 -28.88
CA ALA C 179 -38.99 -12.78 -29.26
C ALA C 179 -39.87 -13.09 -30.45
N ASP C 180 -39.28 -13.76 -31.44
CA ASP C 180 -40.03 -14.13 -32.67
C ASP C 180 -41.14 -15.14 -32.28
N ARG C 181 -40.79 -16.13 -31.46
CA ARG C 181 -41.75 -17.15 -31.08
C ARG C 181 -42.97 -16.52 -30.38
N LEU C 182 -42.68 -15.58 -29.47
CA LEU C 182 -43.71 -14.93 -28.68
C LEU C 182 -44.62 -14.07 -29.60
N MET C 183 -44.00 -13.25 -30.45
CA MET C 183 -44.77 -12.42 -31.33
C MET C 183 -45.62 -13.25 -32.30
N GLU C 184 -45.08 -14.36 -32.80
CA GLU C 184 -45.85 -15.22 -33.68
C GLU C 184 -47.02 -15.87 -32.99
N LYS C 185 -46.85 -16.28 -31.73
CA LYS C 185 -47.96 -16.84 -30.95
C LYS C 185 -49.08 -15.79 -30.77
N LEU C 186 -48.69 -14.59 -30.32
CA LEU C 186 -49.69 -13.56 -30.04
C LEU C 186 -50.39 -13.09 -31.31
N ALA C 187 -49.68 -13.10 -32.43
CA ALA C 187 -50.27 -12.56 -33.66
C ALA C 187 -51.48 -13.38 -34.10
N LYS C 188 -51.59 -14.61 -33.61
CA LYS C 188 -52.70 -15.51 -33.97
C LYS C 188 -53.96 -15.25 -33.15
N LEU C 189 -53.91 -14.35 -32.16
CA LEU C 189 -55.05 -14.12 -31.31
C LEU C 189 -56.15 -13.38 -32.08
N PRO C 190 -57.40 -13.68 -31.75
CA PRO C 190 -58.48 -13.05 -32.52
C PRO C 190 -58.56 -11.56 -32.23
N LYS C 191 -59.01 -10.83 -33.23
CA LYS C 191 -59.22 -9.39 -33.12
C LYS C 191 -60.62 -9.07 -33.57
N ASN C 192 -61.40 -8.48 -32.70
CA ASN C 192 -62.70 -7.92 -33.07
C ASN C 192 -62.97 -6.71 -32.16
N GLN C 193 -64.11 -6.05 -32.38
CA GLN C 193 -64.43 -4.82 -31.67
C GLN C 193 -64.42 -4.99 -30.16
N ASP C 194 -64.69 -6.18 -29.66
CA ASP C 194 -64.76 -6.40 -28.21
C ASP C 194 -63.45 -6.92 -27.63
N THR C 195 -62.41 -7.07 -28.44
CA THR C 195 -61.12 -7.56 -27.93
C THR C 195 -59.88 -6.70 -28.24
N TYR C 196 -60.02 -5.84 -29.24
CA TYR C 196 -58.89 -5.16 -29.84
C TYR C 196 -59.34 -3.77 -30.31
N GLY C 197 -58.51 -2.78 -30.09
CA GLY C 197 -58.85 -1.43 -30.57
C GLY C 197 -57.74 -0.46 -30.19
N LEU C 198 -57.97 0.81 -30.40
CA LEU C 198 -56.96 1.82 -30.08
C LEU C 198 -56.93 1.97 -28.54
N VAL C 199 -55.75 1.76 -27.95
CA VAL C 199 -55.61 1.81 -26.49
C VAL C 199 -54.41 2.63 -26.13
N HIS C 200 -54.36 2.98 -24.83
CA HIS C 200 -53.32 3.85 -24.34
C HIS C 200 -51.94 3.24 -24.52
N ALA C 201 -51.82 1.96 -24.10
CA ALA C 201 -50.62 1.18 -24.31
C ALA C 201 -49.41 1.50 -23.45
N ASP C 202 -49.61 2.37 -22.46
CA ASP C 202 -48.51 2.58 -21.48
C ASP C 202 -49.11 3.06 -20.14
N LEU C 203 -50.13 2.36 -19.68
CA LEU C 203 -50.74 2.76 -18.43
C LEU C 203 -49.77 2.43 -17.28
N HIS C 204 -49.55 3.39 -16.42
CA HIS C 204 -48.73 3.29 -15.22
C HIS C 204 -48.98 4.50 -14.35
N HIS C 205 -48.52 4.42 -13.12
CA HIS C 205 -48.78 5.47 -12.14
C HIS C 205 -47.88 6.69 -12.25
N GLY C 206 -46.96 6.73 -13.20
CA GLY C 206 -46.39 7.98 -13.67
C GLY C 206 -47.22 8.72 -14.70
N ASN C 207 -48.28 8.07 -15.20
CA ASN C 207 -49.06 8.56 -16.35
C ASN C 207 -50.51 8.81 -16.00
N PHE C 208 -50.82 9.02 -14.71
CA PHE C 208 -52.09 9.55 -14.32
C PHE C 208 -51.95 10.31 -13.00
N HIS C 209 -52.91 11.17 -12.79
CA HIS C 209 -53.08 11.87 -11.53
C HIS C 209 -54.32 11.39 -10.83
N TRP C 210 -54.27 11.48 -9.47
CA TRP C 210 -55.37 11.08 -8.60
C TRP C 210 -55.75 12.34 -7.83
N ASP C 211 -57.00 12.74 -7.98
CA ASP C 211 -57.50 13.95 -7.32
C ASP C 211 -58.64 13.50 -6.44
N GLN C 212 -58.31 13.15 -5.21
CA GLN C 212 -59.34 12.72 -4.24
C GLN C 212 -60.36 11.70 -4.84
N GLY C 213 -59.82 10.64 -5.47
CA GLY C 213 -60.63 9.56 -6.03
C GLY C 213 -60.84 9.62 -7.53
N LYS C 214 -60.47 10.74 -8.16
CA LYS C 214 -60.69 10.94 -9.58
C LYS C 214 -59.40 10.79 -10.35
N ILE C 215 -59.43 9.89 -11.35
CA ILE C 215 -58.27 9.65 -12.24
C ILE C 215 -58.33 10.57 -13.47
N THR C 216 -57.18 11.17 -13.79
CA THR C 216 -57.00 11.83 -15.08
C THR C 216 -55.71 11.27 -15.67
N THR C 217 -55.81 10.71 -16.89
CA THR C 217 -54.63 10.13 -17.56
C THR C 217 -53.99 11.15 -18.48
N PHE C 218 -52.71 10.90 -18.77
CA PHE C 218 -51.91 11.66 -19.71
C PHE C 218 -50.86 10.71 -20.36
N ASP C 219 -49.87 11.28 -21.03
CA ASP C 219 -48.88 10.49 -21.74
C ASP C 219 -49.51 9.44 -22.67
N PHE C 220 -50.24 9.99 -23.66
CA PHE C 220 -50.83 9.21 -24.75
C PHE C 220 -49.87 9.12 -25.92
N ASP C 221 -48.59 9.30 -25.69
CA ASP C 221 -47.58 9.32 -26.73
C ASP C 221 -47.40 7.98 -27.41
N ASP C 222 -47.78 6.87 -26.73
CA ASP C 222 -47.59 5.51 -27.29
C ASP C 222 -48.84 4.77 -27.60
N ILE C 223 -49.96 5.49 -27.81
CA ILE C 223 -51.19 4.82 -28.11
C ILE C 223 -51.05 4.05 -29.45
N GLY C 224 -51.75 2.95 -29.53
CA GLY C 224 -51.77 2.12 -30.69
C GLY C 224 -52.87 1.10 -30.60
N TYR C 225 -53.09 0.39 -31.72
CA TYR C 225 -54.09 -0.67 -31.76
C TYR C 225 -53.50 -1.90 -31.05
N ASN C 226 -54.30 -2.50 -30.17
CA ASN C 226 -53.79 -3.56 -29.34
C ASN C 226 -54.96 -4.29 -28.72
N TRP C 227 -54.65 -5.44 -28.11
CA TRP C 227 -55.69 -6.16 -27.38
C TRP C 227 -55.99 -5.44 -26.04
N PHE C 228 -57.25 -5.40 -25.68
CA PHE C 228 -57.62 -4.87 -24.38
C PHE C 228 -56.88 -5.62 -23.25
N MET C 229 -56.76 -6.94 -23.37
CA MET C 229 -56.07 -7.74 -22.36
C MET C 229 -54.62 -7.30 -22.21
N ASN C 230 -54.01 -6.91 -23.34
CA ASN C 230 -52.63 -6.47 -23.34
C ASN C 230 -52.52 -5.09 -22.66
N ASP C 231 -53.40 -4.15 -23.00
CA ASP C 231 -53.42 -2.87 -22.31
C ASP C 231 -53.43 -3.09 -20.75
N ILE C 232 -54.29 -4.00 -20.30
CA ILE C 232 -54.36 -4.34 -18.86
C ILE C 232 -53.05 -4.94 -18.36
N SER C 233 -52.50 -5.86 -19.14
CA SER C 233 -51.25 -6.50 -18.76
C SER C 233 -50.10 -5.54 -18.65
N ILE C 234 -50.06 -4.55 -19.52
CA ILE C 234 -49.03 -3.54 -19.49
C ILE C 234 -49.10 -2.75 -18.16
N LEU C 235 -50.32 -2.37 -17.75
CA LEU C 235 -50.46 -1.74 -16.45
C LEU C 235 -49.92 -2.69 -15.35
N LEU C 236 -50.32 -3.97 -15.38
CA LEU C 236 -49.81 -4.92 -14.39
C LEU C 236 -48.29 -4.93 -14.40
N TYR C 237 -47.69 -5.09 -15.57
CA TYR C 237 -46.25 -5.08 -15.67
C TYR C 237 -45.67 -3.90 -14.93
N ASN C 238 -46.24 -2.76 -15.21
CA ASN C 238 -45.72 -1.52 -14.65
C ASN C 238 -45.85 -1.39 -13.11
N VAL C 239 -46.97 -1.83 -12.58
CA VAL C 239 -47.14 -1.74 -11.11
C VAL C 239 -46.30 -2.79 -10.41
N LEU C 240 -45.98 -3.90 -11.09
CA LEU C 240 -45.03 -4.86 -10.52
C LEU C 240 -43.61 -4.38 -10.54
N TRP C 241 -43.27 -3.56 -11.52
CA TRP C 241 -41.91 -3.07 -11.75
C TRP C 241 -41.53 -1.96 -10.75
N TYR C 242 -42.40 -0.99 -10.61
CA TYR C 242 -42.19 0.18 -9.75
C TYR C 242 -43.32 0.24 -8.71
N PRO C 243 -43.35 -0.66 -7.78
CA PRO C 243 -44.49 -0.64 -6.83
C PRO C 243 -44.35 0.55 -5.91
N VAL C 244 -45.45 1.26 -5.63
CA VAL C 244 -45.34 2.40 -4.72
C VAL C 244 -44.98 1.88 -3.31
N ILE C 245 -45.55 0.74 -2.94
CA ILE C 245 -45.23 0.05 -1.69
C ILE C 245 -44.47 -1.22 -2.08
N PRO C 246 -43.18 -1.31 -1.75
CA PRO C 246 -42.45 -2.54 -2.09
C PRO C 246 -43.07 -3.76 -1.46
N TYR C 247 -43.08 -4.85 -2.21
CA TYR C 247 -43.74 -6.10 -1.84
C TYR C 247 -42.74 -7.22 -1.64
N GLU C 248 -43.07 -8.18 -0.76
CA GLU C 248 -42.26 -9.40 -0.56
C GLU C 248 -42.67 -10.55 -1.45
N ASP C 249 -43.95 -10.57 -1.88
CA ASP C 249 -44.50 -11.72 -2.59
C ASP C 249 -45.15 -11.18 -3.87
N LYS C 250 -44.41 -11.37 -4.97
CA LYS C 250 -44.84 -10.78 -6.24
C LYS C 250 -46.15 -11.39 -6.70
N ALA C 251 -46.26 -12.73 -6.66
CA ALA C 251 -47.49 -13.39 -7.09
C ALA C 251 -48.70 -12.95 -6.32
N ALA C 252 -48.57 -12.79 -5.00
CA ALA C 252 -49.70 -12.39 -4.20
C ALA C 252 -50.12 -10.96 -4.53
N PHE C 253 -49.15 -10.08 -4.75
CA PHE C 253 -49.48 -8.70 -5.09
C PHE C 253 -50.15 -8.66 -6.46
N ALA C 254 -49.59 -9.37 -7.44
CA ALA C 254 -50.19 -9.42 -8.79
C ALA C 254 -51.62 -9.89 -8.72
N GLY C 255 -51.86 -10.96 -7.94
CA GLY C 255 -53.19 -11.51 -7.85
C GLY C 255 -54.17 -10.57 -7.18
N ASN C 256 -53.73 -9.88 -6.14
CA ASN C 256 -54.60 -8.92 -5.47
C ASN C 256 -54.88 -7.72 -6.35
N PHE C 257 -53.86 -7.17 -6.97
CA PHE C 257 -54.05 -6.07 -7.88
C PHE C 257 -55.08 -6.41 -8.93
N MET C 258 -54.89 -7.57 -9.58
CA MET C 258 -55.78 -7.97 -10.64
C MET C 258 -57.19 -8.24 -10.16
N LYS C 259 -57.33 -8.83 -8.96
CA LYS C 259 -58.64 -9.08 -8.44
C LYS C 259 -59.43 -7.78 -8.33
N GLN C 260 -58.81 -6.76 -7.73
CA GLN C 260 -59.50 -5.49 -7.51
C GLN C 260 -59.70 -4.75 -8.83
N PHE C 261 -58.65 -4.73 -9.65
CA PHE C 261 -58.77 -4.09 -10.96
C PHE C 261 -59.88 -4.72 -11.78
N LEU C 262 -59.93 -6.04 -11.86
CA LEU C 262 -60.96 -6.70 -12.68
C LEU C 262 -62.36 -6.50 -12.15
N LYS C 263 -62.49 -6.37 -10.84
CA LYS C 263 -63.81 -6.08 -10.28
C LYS C 263 -64.33 -4.77 -10.86
N GLY C 264 -63.49 -3.75 -10.84
CA GLY C 264 -63.87 -2.47 -11.42
C GLY C 264 -64.06 -2.51 -12.93
N TYR C 265 -63.12 -3.15 -13.63
CA TYR C 265 -63.17 -3.24 -15.10
C TYR C 265 -64.45 -3.87 -15.58
N ARG C 266 -64.85 -4.95 -14.93
CA ARG C 266 -66.03 -5.72 -15.33
C ARG C 266 -67.33 -4.99 -15.13
N GLU C 267 -67.32 -3.94 -14.30
CA GLU C 267 -68.50 -3.06 -14.20
C GLU C 267 -68.70 -2.19 -15.43
N GLU C 268 -67.65 -2.04 -16.23
CA GLU C 268 -67.65 -1.04 -17.29
C GLU C 268 -67.38 -1.60 -18.68
N ASN C 269 -66.76 -2.77 -18.80
CA ASN C 269 -66.58 -3.40 -20.11
C ASN C 269 -66.48 -4.90 -19.94
N GLU C 270 -66.94 -5.65 -20.96
CA GLU C 270 -67.06 -7.07 -20.90
C GLU C 270 -65.86 -7.62 -21.61
N LEU C 271 -65.09 -8.45 -20.89
CA LEU C 271 -63.99 -9.19 -21.47
C LEU C 271 -63.96 -10.64 -20.98
N GLY C 272 -63.82 -11.55 -21.93
CA GLY C 272 -63.97 -12.95 -21.67
C GLY C 272 -62.86 -13.56 -20.85
N ASP C 273 -63.23 -14.57 -20.07
CA ASP C 273 -62.28 -15.25 -19.19
C ASP C 273 -61.14 -15.89 -19.97
N GLU C 274 -61.39 -16.30 -21.22
CA GLU C 274 -60.33 -16.86 -22.04
C GLU C 274 -59.10 -15.97 -22.19
N TRP C 275 -59.25 -14.65 -22.07
CA TRP C 275 -58.12 -13.75 -22.20
C TRP C 275 -57.16 -13.79 -20.99
N LEU C 276 -57.63 -14.28 -19.87
CA LEU C 276 -56.79 -14.27 -18.67
C LEU C 276 -55.55 -15.16 -18.84
N ALA C 277 -55.73 -16.22 -19.61
CA ALA C 277 -54.64 -17.13 -19.90
C ALA C 277 -53.46 -16.53 -20.63
N TYR C 278 -53.71 -15.44 -21.36
CA TYR C 278 -52.68 -14.74 -22.12
C TYR C 278 -51.95 -13.64 -21.36
N ILE C 279 -52.34 -13.33 -20.11
CA ILE C 279 -51.64 -12.32 -19.34
C ILE C 279 -50.13 -12.64 -19.25
N PRO C 280 -49.76 -13.90 -18.90
CA PRO C 280 -48.33 -14.15 -18.82
C PRO C 280 -47.55 -13.85 -20.10
N ASP C 281 -48.13 -14.18 -21.25
CA ASP C 281 -47.46 -13.91 -22.53
C ASP C 281 -47.35 -12.41 -22.82
N PHE C 282 -48.41 -11.65 -22.46
CA PHE C 282 -48.31 -10.21 -22.65
C PHE C 282 -47.29 -9.57 -21.70
N LEU C 283 -47.16 -10.15 -20.50
CA LEU C 283 -46.11 -9.64 -19.59
C LEU C 283 -44.70 -9.89 -20.17
N ARG C 284 -44.51 -11.10 -20.75
CA ARG C 284 -43.21 -11.41 -21.37
CA ARG C 284 -43.21 -11.41 -21.37
C ARG C 284 -42.96 -10.49 -22.58
N LEU C 285 -44.02 -10.12 -23.29
CA LEU C 285 -43.87 -9.21 -24.41
C LEU C 285 -43.43 -7.85 -23.97
N ARG C 286 -43.96 -7.39 -22.83
CA ARG C 286 -43.51 -6.10 -22.37
C ARG C 286 -42.02 -6.14 -22.01
N HIS C 287 -41.58 -7.24 -21.41
CA HIS C 287 -40.17 -7.41 -21.09
C HIS C 287 -39.30 -7.33 -22.34
N VAL C 288 -39.74 -8.01 -23.42
CA VAL C 288 -39.04 -7.90 -24.71
C VAL C 288 -38.95 -6.42 -25.20
N LEU C 289 -40.07 -5.71 -25.06
CA LEU C 289 -40.11 -4.32 -25.49
C LEU C 289 -39.14 -3.46 -24.72
N ILE C 290 -39.08 -3.68 -23.38
CA ILE C 290 -38.14 -2.88 -22.56
C ILE C 290 -36.71 -3.17 -23.00
N TYR C 291 -36.39 -4.45 -23.31
CA TYR C 291 -35.02 -4.74 -23.78
C TYR C 291 -34.70 -3.96 -25.06
N GLY C 292 -35.67 -3.87 -25.97
CA GLY C 292 -35.51 -3.05 -27.18
C GLY C 292 -35.31 -1.58 -26.89
N LEU C 293 -36.18 -1.06 -25.99
CA LEU C 293 -36.06 0.31 -25.52
C LEU C 293 -34.69 0.65 -24.99
N LEU C 294 -34.20 -0.24 -24.11
CA LEU C 294 -32.90 0.02 -23.50
C LEU C 294 -31.80 0.06 -24.56
N HIS C 295 -31.87 -0.86 -25.52
CA HIS C 295 -30.87 -0.84 -26.59
C HIS C 295 -30.98 0.35 -27.55
N GLN C 296 -32.18 0.86 -27.72
CA GLN C 296 -32.38 2.10 -28.49
C GLN C 296 -31.82 3.33 -27.74
N ALA C 297 -31.75 3.25 -26.40
CA ALA C 297 -31.26 4.34 -25.56
C ALA C 297 -29.75 4.34 -25.41
N PHE C 298 -29.13 3.17 -25.55
CA PHE C 298 -27.72 2.99 -25.18
C PHE C 298 -26.83 2.78 -26.42
N ASP C 299 -25.60 3.31 -26.36
CA ASP C 299 -24.51 2.94 -27.27
C ASP C 299 -23.65 1.91 -26.53
N LEU C 300 -23.71 0.65 -26.96
CA LEU C 300 -22.99 -0.41 -26.27
C LEU C 300 -21.48 -0.27 -26.35
N ALA C 301 -20.99 0.47 -27.34
CA ALA C 301 -19.57 0.69 -27.51
C ALA C 301 -19.00 1.64 -26.44
N THR C 302 -19.85 2.45 -25.78
CA THR C 302 -19.39 3.38 -24.76
C THR C 302 -20.00 3.22 -23.36
N ILE C 303 -21.08 2.45 -23.21
CA ILE C 303 -21.68 2.31 -21.86
C ILE C 303 -20.80 1.47 -20.95
N GLY C 304 -20.95 1.75 -19.67
CA GLY C 304 -20.17 1.14 -18.63
C GLY C 304 -20.47 -0.32 -18.38
N ASP C 305 -19.48 -0.95 -17.72
CA ASP C 305 -19.59 -2.34 -17.38
C ASP C 305 -20.76 -2.62 -16.44
N GLU C 306 -21.11 -1.66 -15.57
CA GLU C 306 -22.20 -1.84 -14.62
C GLU C 306 -23.53 -1.93 -15.36
N GLU C 307 -23.74 -1.05 -16.36
CA GLU C 307 -24.96 -1.09 -17.16
C GLU C 307 -25.05 -2.40 -17.97
N LYS C 308 -23.93 -2.81 -18.55
CA LYS C 308 -23.89 -4.07 -19.27
C LYS C 308 -24.23 -5.27 -18.36
N ALA C 309 -23.80 -5.22 -17.11
CA ALA C 309 -24.10 -6.29 -16.16
C ALA C 309 -25.57 -6.39 -15.87
N MET C 310 -26.21 -5.23 -15.77
CA MET C 310 -27.64 -5.19 -15.56
CA MET C 310 -27.64 -5.22 -15.56
C MET C 310 -28.37 -5.71 -16.83
N LEU C 311 -27.91 -5.30 -18.00
CA LEU C 311 -28.48 -5.78 -19.24
C LEU C 311 -28.39 -7.28 -19.43
N ALA C 312 -27.31 -7.86 -18.92
CA ALA C 312 -27.13 -9.29 -19.01
C ALA C 312 -28.24 -10.04 -18.25
N SER C 313 -28.68 -9.52 -17.10
CA SER C 313 -29.82 -10.12 -16.38
C SER C 313 -31.11 -10.13 -17.21
N PHE C 314 -31.40 -9.01 -17.87
CA PHE C 314 -32.54 -8.85 -18.70
CA PHE C 314 -32.63 -8.88 -18.69
C PHE C 314 -32.55 -9.85 -19.87
N ARG C 315 -31.40 -9.93 -20.48
CA ARG C 315 -31.17 -10.81 -21.60
C ARG C 315 -31.53 -12.23 -21.21
N SER C 316 -31.00 -12.70 -20.08
CA SER C 316 -31.29 -14.08 -19.69
C SER C 316 -32.76 -14.35 -19.40
N ASP C 317 -33.46 -13.40 -18.80
CA ASP C 317 -34.89 -13.53 -18.57
C ASP C 317 -35.60 -13.84 -19.91
N ILE C 318 -35.25 -13.06 -20.93
CA ILE C 318 -35.88 -13.23 -22.27
C ILE C 318 -35.51 -14.60 -22.87
N GLU C 319 -34.24 -14.97 -22.75
CA GLU C 319 -33.76 -16.27 -23.27
C GLU C 319 -34.43 -17.48 -22.61
N GLN C 320 -34.73 -17.34 -21.32
CA GLN C 320 -35.40 -18.36 -20.57
C GLN C 320 -36.89 -18.44 -20.81
N ALA C 321 -37.46 -17.45 -21.49
CA ALA C 321 -38.89 -17.32 -21.53
C ALA C 321 -39.47 -17.42 -20.12
N ALA C 322 -38.81 -16.72 -19.18
CA ALA C 322 -39.18 -16.79 -17.77
C ALA C 322 -40.45 -15.99 -17.51
N PRO C 323 -41.43 -16.59 -16.83
CA PRO C 323 -42.60 -15.82 -16.48
C PRO C 323 -42.26 -14.65 -15.56
N ILE C 324 -42.96 -13.54 -15.77
CA ILE C 324 -42.77 -12.34 -14.97
C ILE C 324 -43.30 -12.60 -13.56
N THR C 325 -44.39 -13.34 -13.43
CA THR C 325 -44.91 -13.76 -12.13
C THR C 325 -45.52 -15.15 -12.25
N THR C 326 -45.52 -15.86 -11.12
CA THR C 326 -46.09 -17.19 -11.10
C THR C 326 -47.58 -17.24 -10.78
N PHE C 327 -48.21 -16.08 -10.54
CA PHE C 327 -49.63 -16.11 -10.24
C PHE C 327 -50.43 -16.74 -11.40
N ASP C 328 -51.42 -17.56 -11.08
CA ASP C 328 -52.33 -18.18 -12.05
C ASP C 328 -53.53 -17.29 -12.26
N PHE C 329 -53.46 -16.48 -13.31
CA PHE C 329 -54.52 -15.51 -13.59
C PHE C 329 -55.86 -16.13 -13.97
N THR C 330 -55.83 -17.36 -14.47
CA THR C 330 -57.08 -18.01 -14.84
C THR C 330 -58.03 -18.22 -13.65
N LYS C 331 -57.47 -18.16 -12.44
CA LYS C 331 -58.28 -18.26 -11.23
C LYS C 331 -59.14 -17.04 -10.96
N LEU C 332 -58.92 -15.96 -11.70
CA LEU C 332 -59.73 -14.73 -11.60
C LEU C 332 -60.93 -14.73 -12.54
N SER C 333 -61.29 -15.86 -13.11
CA SER C 333 -62.47 -15.95 -13.95
C SER C 333 -63.74 -15.57 -13.18
N GLN C 334 -64.70 -15.00 -13.90
CA GLN C 334 -66.03 -14.67 -13.39
C GLN C 334 -66.89 -15.91 -13.22
N MET D 1 -17.00 0.53 -11.35
CA MET D 1 -15.88 1.29 -10.75
C MET D 1 -16.47 2.13 -9.64
N HIS D 2 -15.89 2.02 -8.46
CA HIS D 2 -16.25 2.92 -7.35
C HIS D 2 -16.31 4.36 -7.87
N LYS D 3 -17.43 5.06 -7.66
CA LYS D 3 -17.65 6.36 -8.28
C LYS D 3 -16.61 7.39 -7.86
N ASP D 4 -16.11 7.29 -6.63
CA ASP D 4 -15.12 8.27 -6.14
C ASP D 4 -13.71 7.98 -6.66
N VAL D 5 -13.41 6.72 -6.99
CA VAL D 5 -12.12 6.42 -7.65
C VAL D 5 -12.16 6.91 -9.09
N LYS D 6 -13.24 6.60 -9.79
CA LYS D 6 -13.42 7.14 -11.15
C LYS D 6 -13.23 8.67 -11.18
N ALA D 7 -13.80 9.38 -10.21
CA ALA D 7 -13.77 10.86 -10.19
C ALA D 7 -12.36 11.42 -10.00
N ILE D 8 -11.52 10.72 -9.23
CA ILE D 8 -10.17 11.19 -8.89
C ILE D 8 -9.07 10.74 -9.86
N TYR D 9 -9.34 9.76 -10.72
CA TYR D 9 -8.32 9.14 -11.57
C TYR D 9 -7.86 10.10 -12.64
N GLU D 10 -6.54 10.20 -12.79
CA GLU D 10 -5.88 11.02 -13.81
C GLU D 10 -4.96 10.09 -14.54
N GLU D 11 -5.46 9.51 -15.63
CA GLU D 11 -4.79 8.39 -16.26
C GLU D 11 -3.37 8.70 -16.74
N SER D 12 -3.20 9.80 -17.46
CA SER D 12 -1.93 10.11 -18.13
CA SER D 12 -1.92 10.08 -18.13
C SER D 12 -0.77 10.22 -17.15
N LYS D 13 -1.02 10.94 -16.07
CA LYS D 13 -0.06 11.15 -15.00
C LYS D 13 0.41 9.84 -14.37
N ILE D 14 -0.55 8.95 -14.10
CA ILE D 14 -0.23 7.69 -13.46
C ILE D 14 0.53 6.77 -14.42
N LEU D 15 0.14 6.78 -15.68
CA LEU D 15 0.80 5.90 -16.66
C LEU D 15 2.22 6.40 -16.96
N ASP D 16 2.39 7.71 -16.97
CA ASP D 16 3.74 8.28 -17.11
C ASP D 16 4.67 7.76 -16.01
N GLU D 17 4.17 7.58 -14.78
CA GLU D 17 4.99 6.99 -13.71
C GLU D 17 5.26 5.51 -13.93
N ALA D 18 4.26 4.78 -14.41
CA ALA D 18 4.45 3.35 -14.66
C ALA D 18 5.62 3.06 -15.64
N THR D 19 5.88 3.98 -16.57
CA THR D 19 6.94 3.76 -17.55
C THR D 19 8.31 3.53 -16.89
N HIS D 20 8.68 4.38 -15.93
CA HIS D 20 9.96 4.20 -15.24
C HIS D 20 9.89 3.17 -14.10
N LEU D 21 8.70 2.94 -13.51
CA LEU D 21 8.54 1.94 -12.43
C LEU D 21 8.70 0.53 -12.97
N TYR D 22 8.25 0.33 -14.21
CA TYR D 22 8.19 -1.05 -14.82
C TYR D 22 9.03 -1.23 -16.06
N GLY D 23 9.69 -0.17 -16.53
CA GLY D 23 10.57 -0.26 -17.72
C GLY D 23 9.86 -0.46 -19.04
N VAL D 24 8.80 0.31 -19.24
CA VAL D 24 7.98 0.25 -20.47
C VAL D 24 7.82 1.64 -21.07
N GLN D 25 7.64 1.72 -22.39
CA GLN D 25 7.30 2.95 -23.04
C GLN D 25 5.81 3.09 -22.91
N ARG D 26 5.37 4.35 -22.93
CA ARG D 26 3.93 4.65 -22.95
C ARG D 26 3.15 3.94 -24.08
N SER D 27 3.74 3.88 -25.27
CA SER D 27 3.10 3.25 -26.42
C SER D 27 2.96 1.71 -26.27
N ASP D 28 3.70 1.12 -25.33
CA ASP D 28 3.58 -0.30 -24.98
C ASP D 28 2.62 -0.62 -23.79
N ILE D 29 1.83 0.38 -23.38
CA ILE D 29 0.76 0.21 -22.39
C ILE D 29 -0.59 0.31 -23.08
N HIS D 30 -1.42 -0.72 -22.94
CA HIS D 30 -2.70 -0.82 -23.67
C HIS D 30 -3.83 -1.08 -22.67
N PHE D 31 -4.83 -0.22 -22.68
CA PHE D 31 -6.01 -0.35 -21.84
C PHE D 31 -6.81 -1.61 -22.16
N ILE D 32 -7.19 -2.33 -21.11
CA ILE D 32 -8.04 -3.53 -21.21
C ILE D 32 -9.45 -3.25 -20.71
N ALA D 33 -9.56 -2.78 -19.47
CA ALA D 33 -10.86 -2.69 -18.83
C ALA D 33 -10.81 -1.80 -17.58
N ASP D 34 -11.99 -1.31 -17.20
CA ASP D 34 -12.16 -0.46 -16.03
C ASP D 34 -13.40 -0.85 -15.25
N ALA D 35 -13.51 -2.12 -14.88
CA ALA D 35 -14.64 -2.60 -14.07
C ALA D 35 -14.47 -2.22 -12.57
N GLU D 36 -13.57 -2.88 -11.85
CA GLU D 36 -13.27 -2.56 -10.44
C GLU D 36 -11.91 -1.89 -10.25
N ASN D 37 -10.98 -2.22 -11.13
CA ASN D 37 -9.65 -1.67 -11.23
C ASN D 37 -9.47 -1.12 -12.66
N TYR D 38 -8.48 -0.27 -12.85
CA TYR D 38 -8.02 0.07 -14.20
C TYR D 38 -6.94 -0.91 -14.61
N VAL D 39 -7.17 -1.62 -15.71
CA VAL D 39 -6.31 -2.76 -16.09
C VAL D 39 -5.78 -2.54 -17.48
N TYR D 40 -4.48 -2.76 -17.61
CA TYR D 40 -3.70 -2.51 -18.84
C TYR D 40 -2.81 -3.69 -19.16
N GLU D 41 -2.49 -3.87 -20.45
CA GLU D 41 -1.46 -4.80 -20.87
C GLU D 41 -0.15 -4.02 -21.05
N LEU D 42 0.96 -4.56 -20.55
CA LEU D 42 2.29 -4.00 -20.70
C LEU D 42 3.04 -4.94 -21.62
N LYS D 43 3.69 -4.36 -22.65
CA LYS D 43 4.58 -5.10 -23.55
C LYS D 43 6.02 -4.71 -23.23
N LYS D 44 6.86 -5.69 -22.94
CA LYS D 44 8.24 -5.45 -22.48
C LYS D 44 9.16 -6.59 -22.88
N ASP D 45 10.13 -6.31 -23.75
CA ASP D 45 11.12 -7.29 -24.22
C ASP D 45 10.43 -8.50 -24.88
N GLY D 46 9.48 -8.22 -25.77
CA GLY D 46 8.70 -9.25 -26.47
C GLY D 46 7.81 -10.14 -25.62
N GLU D 47 7.51 -9.71 -24.39
CA GLU D 47 6.69 -10.46 -23.45
C GLU D 47 5.56 -9.57 -22.95
N SER D 48 4.55 -10.17 -22.36
CA SER D 48 3.34 -9.46 -21.94
C SER D 48 3.07 -9.59 -20.45
N PHE D 49 2.71 -8.46 -19.82
CA PHE D 49 2.36 -8.42 -18.39
C PHE D 49 1.07 -7.64 -18.22
N ILE D 50 0.50 -7.74 -17.03
CA ILE D 50 -0.71 -7.05 -16.73
C ILE D 50 -0.47 -6.08 -15.60
N LEU D 51 -0.93 -4.86 -15.80
CA LEU D 51 -0.84 -3.76 -14.82
C LEU D 51 -2.24 -3.45 -14.30
N LYS D 52 -2.41 -3.54 -12.98
CA LYS D 52 -3.68 -3.20 -12.32
C LYS D 52 -3.44 -1.98 -11.44
N ILE D 53 -4.34 -1.00 -11.55
CA ILE D 53 -4.25 0.24 -10.78
C ILE D 53 -5.54 0.52 -10.04
N THR D 54 -5.40 0.89 -8.77
CA THR D 54 -6.54 1.26 -7.98
C THR D 54 -6.11 2.39 -7.08
N HIS D 55 -6.85 2.64 -6.01
CA HIS D 55 -6.57 3.81 -5.16
C HIS D 55 -6.91 3.48 -3.74
N THR D 56 -6.31 4.23 -2.82
CA THR D 56 -6.50 4.02 -1.38
C THR D 56 -7.93 4.24 -0.82
N ILE D 57 -8.81 4.83 -1.64
CA ILE D 57 -10.26 4.91 -1.33
C ILE D 57 -10.79 3.50 -1.11
N ARG D 58 -10.32 2.54 -1.92
CA ARG D 58 -10.82 1.16 -1.82
C ARG D 58 -9.82 0.04 -1.43
N ARG D 59 -8.51 0.28 -1.52
CA ARG D 59 -7.50 -0.69 -1.06
C ARG D 59 -6.33 -0.06 -0.32
N SER D 60 -5.79 -0.74 0.69
CA SER D 60 -4.50 -0.39 1.31
C SER D 60 -3.35 -1.25 0.74
N PRO D 61 -2.10 -0.75 0.76
CA PRO D 61 -0.95 -1.58 0.37
C PRO D 61 -0.88 -2.89 1.13
N ASP D 62 -1.04 -2.83 2.44
CA ASP D 62 -0.96 -4.04 3.25
C ASP D 62 -2.04 -5.05 2.85
N TYR D 63 -3.25 -4.56 2.58
CA TYR D 63 -4.34 -5.46 2.19
C TYR D 63 -3.99 -6.20 0.90
N ILE D 64 -3.42 -5.45 -0.03
CA ILE D 64 -2.98 -6.05 -1.30
C ILE D 64 -1.82 -7.05 -1.09
N LEU D 65 -0.88 -6.73 -0.22
CA LEU D 65 0.17 -7.69 0.11
C LEU D 65 -0.38 -9.03 0.66
N GLY D 66 -1.56 -9.00 1.29
CA GLY D 66 -2.23 -10.23 1.71
C GLY D 66 -2.65 -11.10 0.53
N GLU D 67 -3.09 -10.43 -0.55
CA GLU D 67 -3.38 -11.13 -1.80
C GLU D 67 -2.13 -11.85 -2.31
N MET D 68 -1.02 -11.10 -2.34
CA MET D 68 0.21 -11.61 -2.92
CA MET D 68 0.26 -11.57 -2.90
C MET D 68 0.78 -12.77 -2.12
N GLU D 69 0.67 -12.70 -0.80
CA GLU D 69 1.14 -13.78 0.05
C GLU D 69 0.35 -15.08 -0.23
N TRP D 70 -0.96 -14.98 -0.46
CA TRP D 70 -1.73 -16.17 -0.76
C TRP D 70 -1.41 -16.70 -2.16
N LEU D 71 -1.25 -15.80 -3.11
CA LEU D 71 -0.81 -16.21 -4.46
C LEU D 71 0.47 -17.04 -4.40
N HIS D 72 1.43 -16.57 -3.63
CA HIS D 72 2.70 -17.26 -3.52
C HIS D 72 2.56 -18.65 -2.85
N HIS D 73 1.70 -18.77 -1.85
CA HIS D 73 1.35 -20.06 -1.27
C HIS D 73 0.75 -21.03 -2.30
N LEU D 74 -0.21 -20.55 -3.09
CA LEU D 74 -0.85 -21.41 -4.09
C LEU D 74 0.15 -21.88 -5.17
N ALA D 75 0.95 -20.94 -5.66
CA ALA D 75 1.97 -21.22 -6.67
C ALA D 75 3.00 -22.21 -6.16
N LYS D 76 3.44 -22.02 -4.92
CA LYS D 76 4.42 -22.95 -4.30
C LYS D 76 3.83 -24.36 -4.19
N GLY D 77 2.52 -24.43 -3.92
CA GLY D 77 1.79 -25.68 -3.87
C GLY D 77 1.38 -26.29 -5.21
N GLY D 78 1.76 -25.65 -6.32
CA GLY D 78 1.58 -26.24 -7.64
C GLY D 78 0.35 -25.81 -8.40
N LEU D 79 -0.39 -24.84 -7.88
CA LEU D 79 -1.59 -24.35 -8.55
C LEU D 79 -1.22 -23.25 -9.52
N SER D 80 -1.75 -23.34 -10.75
CA SER D 80 -1.47 -22.36 -11.80
C SER D 80 -2.23 -21.04 -11.59
N VAL D 81 -1.48 -20.01 -11.22
CA VAL D 81 -2.01 -18.68 -10.93
C VAL D 81 -1.09 -17.66 -11.55
N ALA D 82 -1.65 -16.50 -11.89
CA ALA D 82 -0.85 -15.41 -12.40
C ALA D 82 -0.10 -14.73 -11.25
N LYS D 83 1.21 -14.88 -11.25
CA LYS D 83 2.02 -14.38 -10.14
C LYS D 83 2.33 -12.90 -10.26
N PRO D 84 2.49 -12.21 -9.11
CA PRO D 84 2.93 -10.84 -9.18
C PRO D 84 4.42 -10.75 -9.54
N ILE D 85 4.76 -9.67 -10.22
CA ILE D 85 6.12 -9.35 -10.62
C ILE D 85 6.49 -8.05 -9.93
N ALA D 86 7.64 -8.04 -9.26
CA ALA D 86 8.10 -6.83 -8.60
C ALA D 86 8.48 -5.76 -9.63
N SER D 87 8.35 -4.50 -9.23
CA SER D 87 8.77 -3.37 -10.05
C SER D 87 10.29 -3.33 -10.17
N LEU D 88 10.79 -2.43 -11.03
CA LEU D 88 12.25 -2.18 -11.10
C LEU D 88 12.89 -1.69 -9.80
N ASN D 89 12.06 -1.06 -8.95
CA ASN D 89 12.55 -0.67 -7.60
C ASN D 89 12.47 -1.76 -6.51
N GLY D 90 12.05 -2.98 -6.89
CA GLY D 90 11.98 -4.13 -5.98
C GLY D 90 10.70 -4.21 -5.16
N ARG D 91 9.66 -3.49 -5.58
CA ARG D 91 8.44 -3.42 -4.78
C ARG D 91 7.30 -4.15 -5.46
N ASP D 92 6.59 -4.96 -4.69
CA ASP D 92 5.42 -5.67 -5.21
C ASP D 92 4.26 -4.70 -5.47
N ILE D 93 4.21 -3.59 -4.74
CA ILE D 93 3.22 -2.52 -4.96
C ILE D 93 3.92 -1.17 -5.03
N GLU D 94 3.61 -0.39 -6.05
CA GLU D 94 4.14 0.95 -6.17
C GLU D 94 3.02 1.93 -5.88
N GLN D 95 3.36 3.02 -5.20
CA GLN D 95 2.39 4.06 -4.85
C GLN D 95 2.75 5.37 -5.52
N VAL D 96 1.73 6.03 -6.05
CA VAL D 96 1.84 7.35 -6.64
C VAL D 96 0.93 8.28 -5.84
N ASP D 97 1.52 9.33 -5.28
CA ASP D 97 0.78 10.26 -4.43
C ASP D 97 -0.35 10.94 -5.23
N ASP D 98 -1.53 11.12 -4.62
CA ASP D 98 -2.68 11.75 -5.33
C ASP D 98 -2.80 13.28 -5.16
N GLY D 99 -1.91 13.87 -4.36
CA GLY D 99 -1.98 15.29 -4.02
C GLY D 99 -3.01 15.68 -2.97
N GLN D 100 -3.67 14.71 -2.38
CA GLN D 100 -4.72 14.92 -1.36
C GLN D 100 -4.63 13.96 -0.15
N GLY D 101 -3.52 13.36 0.07
CA GLY D 101 -3.32 12.44 1.22
C GLY D 101 -3.54 10.97 0.96
N GLY D 102 -3.83 10.61 -0.28
CA GLY D 102 -4.05 9.20 -0.69
C GLY D 102 -3.00 8.80 -1.72
N SER D 103 -3.16 7.60 -2.27
CA SER D 103 -2.23 7.10 -3.28
C SER D 103 -2.95 6.22 -4.28
N PHE D 104 -2.56 6.38 -5.53
CA PHE D 104 -2.80 5.34 -6.51
C PHE D 104 -1.86 4.15 -6.24
N LEU D 105 -2.36 2.94 -6.42
CA LEU D 105 -1.63 1.73 -6.11
C LEU D 105 -1.51 0.94 -7.38
N LEU D 106 -0.27 0.67 -7.78
CA LEU D 106 0.08 0.00 -9.04
C LEU D 106 0.74 -1.34 -8.73
N ARG D 107 0.36 -2.37 -9.48
CA ARG D 107 1.04 -3.64 -9.38
C ARG D 107 0.91 -4.39 -10.68
N VAL D 108 1.88 -5.26 -10.90
CA VAL D 108 1.99 -5.96 -12.17
C VAL D 108 2.03 -7.44 -11.92
N TYR D 109 1.43 -8.20 -12.86
CA TYR D 109 1.39 -9.64 -12.83
C TYR D 109 1.85 -10.26 -14.16
N GLU D 110 2.26 -11.52 -14.10
CA GLU D 110 2.39 -12.36 -15.33
C GLU D 110 1.10 -12.38 -16.09
N LYS D 111 1.17 -12.36 -17.42
CA LYS D 111 -0.02 -12.63 -18.24
C LYS D 111 -0.25 -14.14 -18.32
N ALA D 112 -1.40 -14.62 -17.83
CA ALA D 112 -1.82 -16.03 -17.93
C ALA D 112 -1.77 -16.50 -19.37
N PRO D 113 -1.20 -17.70 -19.61
CA PRO D 113 -1.27 -18.24 -20.98
C PRO D 113 -2.68 -18.65 -21.36
N GLY D 114 -2.90 -18.77 -22.66
CA GLY D 114 -4.18 -19.20 -23.18
C GLY D 114 -5.14 -18.04 -23.38
N HIS D 115 -6.43 -18.38 -23.35
CA HIS D 115 -7.44 -17.45 -23.78
C HIS D 115 -8.64 -17.63 -22.88
N LYS D 116 -9.50 -16.63 -22.86
CA LYS D 116 -10.79 -16.77 -22.23
C LYS D 116 -11.61 -17.82 -22.97
N VAL D 117 -12.39 -18.57 -22.22
CA VAL D 117 -13.21 -19.60 -22.82
C VAL D 117 -14.24 -19.02 -23.79
N GLU D 118 -14.44 -19.73 -24.89
CA GLU D 118 -15.42 -19.38 -25.91
C GLU D 118 -16.44 -20.50 -26.03
N GLU D 119 -17.39 -20.35 -26.93
CA GLU D 119 -18.48 -21.34 -27.04
C GLU D 119 -17.95 -22.78 -27.16
N ALA D 120 -16.91 -22.98 -27.99
CA ALA D 120 -16.36 -24.32 -28.21
C ALA D 120 -15.76 -24.99 -26.95
N ASP D 121 -15.45 -24.17 -25.94
CA ASP D 121 -14.89 -24.64 -24.68
C ASP D 121 -15.93 -24.81 -23.60
N TRP D 122 -17.18 -24.40 -23.84
CA TRP D 122 -18.17 -24.30 -22.79
C TRP D 122 -18.98 -25.59 -22.75
N ASN D 123 -18.52 -26.54 -21.93
CA ASN D 123 -19.09 -27.87 -21.94
C ASN D 123 -18.71 -28.59 -20.66
N ASP D 124 -19.22 -29.82 -20.52
CA ASP D 124 -19.06 -30.57 -19.27
C ASP D 124 -17.58 -30.76 -18.92
N GLU D 125 -16.71 -30.85 -19.91
CA GLU D 125 -15.30 -31.00 -19.66
C GLU D 125 -14.72 -29.77 -18.92
N LEU D 126 -15.11 -28.59 -19.36
CA LEU D 126 -14.70 -27.34 -18.67
C LEU D 126 -15.22 -27.34 -17.23
N PHE D 127 -16.50 -27.70 -17.05
CA PHE D 127 -17.10 -27.58 -15.71
C PHE D 127 -16.41 -28.56 -14.75
N TYR D 128 -16.13 -29.77 -15.23
CA TYR D 128 -15.35 -30.78 -14.50
C TYR D 128 -13.97 -30.26 -14.13
N ALA D 129 -13.25 -29.69 -15.10
CA ALA D 129 -11.95 -29.07 -14.84
C ALA D 129 -12.00 -27.97 -13.79
N LEU D 130 -13.03 -27.13 -13.85
CA LEU D 130 -13.17 -26.09 -12.84
C LEU D 130 -13.33 -26.68 -11.45
N GLY D 131 -14.11 -27.76 -11.35
CA GLY D 131 -14.26 -28.47 -10.10
C GLY D 131 -12.97 -29.02 -9.54
N GLN D 132 -12.22 -29.67 -10.41
CA GLN D 132 -10.92 -30.20 -9.99
C GLN D 132 -10.02 -29.08 -9.47
N TYR D 133 -9.97 -27.97 -10.22
CA TYR D 133 -9.08 -26.88 -9.90
C TYR D 133 -9.48 -26.24 -8.56
N THR D 134 -10.76 -25.98 -8.41
CA THR D 134 -11.24 -25.32 -7.22
C THR D 134 -11.01 -26.25 -6.03
N GLY D 135 -11.26 -27.54 -6.18
CA GLY D 135 -10.92 -28.48 -5.10
C GLY D 135 -9.48 -28.45 -4.68
N ARG D 136 -8.59 -28.35 -5.64
CA ARG D 136 -7.17 -28.23 -5.38
C ARG D 136 -6.85 -26.96 -4.63
N MET D 137 -7.49 -25.87 -5.06
CA MET D 137 -7.31 -24.59 -4.41
C MET D 137 -7.78 -24.61 -2.96
N HIS D 138 -8.94 -25.22 -2.72
CA HIS D 138 -9.44 -25.32 -1.33
C HIS D 138 -8.58 -26.21 -0.45
N LYS D 139 -8.12 -27.33 -0.99
CA LYS D 139 -7.19 -28.18 -0.23
C LYS D 139 -5.94 -27.42 0.15
N LEU D 140 -5.38 -26.71 -0.80
CA LEU D 140 -4.15 -25.96 -0.59
C LEU D 140 -4.31 -24.82 0.42
N THR D 141 -5.46 -24.15 0.43
CA THR D 141 -5.62 -23.05 1.36
C THR D 141 -5.57 -23.48 2.83
N LYS D 142 -5.85 -24.76 3.11
CA LYS D 142 -5.82 -25.26 4.49
C LYS D 142 -4.44 -25.16 5.16
N SER D 143 -3.38 -25.20 4.36
CA SER D 143 -2.02 -25.12 4.90
C SER D 143 -1.47 -23.70 4.94
N TYR D 144 -2.23 -22.75 4.43
CA TYR D 144 -1.81 -21.34 4.41
C TYR D 144 -1.59 -20.78 5.81
N GLN D 145 -0.42 -20.16 6.02
CA GLN D 145 -0.10 -19.50 7.28
C GLN D 145 0.20 -18.01 7.07
N LEU D 146 -0.62 -17.18 7.67
CA LEU D 146 -0.49 -15.73 7.52
C LEU D 146 0.74 -15.24 8.30
N SER D 147 1.63 -14.51 7.62
CA SER D 147 2.94 -14.17 8.19
C SER D 147 2.86 -13.11 9.30
N ASP D 148 2.02 -12.12 9.05
CA ASP D 148 1.82 -10.94 9.85
C ASP D 148 0.34 -10.52 9.73
N PRO D 149 -0.35 -10.27 10.86
CA PRO D 149 -1.74 -9.75 10.86
C PRO D 149 -2.03 -8.46 10.05
N ARG D 150 -0.99 -7.76 9.67
CA ARG D 150 -1.08 -6.58 8.85
C ARG D 150 -1.62 -6.95 7.47
N TYR D 151 -1.34 -8.16 7.05
CA TYR D 151 -1.76 -8.67 5.73
C TYR D 151 -3.05 -9.53 5.74
N LYS D 152 -3.78 -9.52 6.85
CA LYS D 152 -4.97 -10.34 7.01
C LYS D 152 -6.05 -9.85 6.04
N ARG D 153 -6.61 -10.79 5.29
CA ARG D 153 -7.74 -10.49 4.40
C ARG D 153 -9.03 -10.54 5.19
N GLN D 154 -10.07 -9.91 4.67
CA GLN D 154 -11.31 -9.79 5.38
C GLN D 154 -12.06 -11.08 5.59
N GLU D 155 -12.89 -11.10 6.63
CA GLU D 155 -13.93 -12.12 6.78
C GLU D 155 -15.07 -11.79 5.81
N TRP D 156 -15.86 -12.79 5.43
CA TRP D 156 -16.91 -12.60 4.41
C TRP D 156 -17.85 -11.45 4.76
N ASP D 157 -18.15 -11.28 6.05
CA ASP D 157 -19.18 -10.32 6.47
C ASP D 157 -18.66 -8.91 6.58
N GLU D 158 -17.36 -8.72 6.35
CA GLU D 158 -16.76 -7.39 6.40
C GLU D 158 -16.75 -6.71 5.03
N GLU D 159 -17.18 -7.44 4.01
CA GLU D 159 -17.16 -6.92 2.65
C GLU D 159 -17.85 -5.56 2.50
N GLU D 160 -17.11 -4.63 1.90
CA GLU D 160 -17.58 -3.27 1.70
C GLU D 160 -18.90 -3.15 0.96
N GLN D 161 -19.08 -3.99 -0.06
CA GLN D 161 -20.26 -3.86 -0.93
C GLN D 161 -21.49 -4.54 -0.33
N LEU D 162 -21.33 -5.22 0.83
CA LEU D 162 -22.48 -5.64 1.62
C LEU D 162 -22.96 -4.57 2.65
N LYS D 163 -22.27 -3.44 2.72
CA LYS D 163 -22.63 -2.33 3.62
C LYS D 163 -23.69 -1.47 2.90
N LEU D 164 -24.88 -2.04 2.72
CA LEU D 164 -25.86 -1.40 1.83
C LEU D 164 -26.24 -0.02 2.32
N ARG D 165 -26.34 0.17 3.62
CA ARG D 165 -26.74 1.48 4.12
C ARG D 165 -25.75 2.59 3.80
N LYS D 166 -24.49 2.25 3.50
CA LYS D 166 -23.51 3.26 3.09
C LYS D 166 -23.82 3.81 1.69
N TYR D 167 -24.45 2.99 0.84
CA TYR D 167 -24.56 3.30 -0.58
C TYR D 167 -25.98 3.43 -1.12
N VAL D 168 -26.93 2.79 -0.46
CA VAL D 168 -28.32 2.72 -0.94
C VAL D 168 -29.17 3.74 -0.17
N PRO D 169 -30.11 4.40 -0.83
CA PRO D 169 -30.95 5.35 -0.13
C PRO D 169 -31.59 4.77 1.11
N ALA D 170 -31.63 5.62 2.13
CA ALA D 170 -32.08 5.22 3.44
C ALA D 170 -33.52 4.74 3.51
N ASP D 171 -34.34 5.19 2.57
CA ASP D 171 -35.75 4.79 2.57
C ASP D 171 -36.06 3.38 2.04
N GLN D 172 -35.02 2.61 1.67
CA GLN D 172 -35.25 1.28 1.07
C GLN D 172 -35.33 0.23 2.19
N THR D 173 -36.33 0.43 3.04
CA THR D 173 -36.52 -0.32 4.27
C THR D 173 -36.57 -1.81 4.05
N LEU D 174 -37.35 -2.28 3.11
CA LEU D 174 -37.46 -3.72 2.87
C LEU D 174 -36.19 -4.37 2.29
N VAL D 175 -35.43 -3.61 1.50
CA VAL D 175 -34.13 -4.07 1.04
C VAL D 175 -33.25 -4.39 2.27
N PHE D 176 -33.13 -3.41 3.19
CA PHE D 176 -32.23 -3.58 4.31
C PHE D 176 -32.74 -4.67 5.22
N GLU D 177 -34.06 -4.82 5.37
CA GLU D 177 -34.63 -5.89 6.21
C GLU D 177 -34.24 -7.26 5.65
N GLN D 178 -34.36 -7.46 4.34
CA GLN D 178 -34.01 -8.73 3.73
C GLN D 178 -32.51 -8.99 3.80
N ALA D 179 -31.70 -7.98 3.54
CA ALA D 179 -30.26 -8.16 3.58
C ALA D 179 -29.81 -8.50 4.99
N ASP D 180 -30.33 -7.80 5.98
CA ASP D 180 -29.95 -8.08 7.37
C ASP D 180 -30.37 -9.48 7.74
N ARG D 181 -31.58 -9.87 7.35
CA ARG D 181 -32.11 -11.19 7.67
C ARG D 181 -31.21 -12.31 7.13
N LEU D 182 -30.73 -12.12 5.91
CA LEU D 182 -29.88 -13.10 5.24
C LEU D 182 -28.49 -13.14 5.91
N MET D 183 -27.92 -11.98 6.24
CA MET D 183 -26.59 -11.98 6.86
CA MET D 183 -26.59 -11.98 6.86
CA MET D 183 -26.60 -12.03 6.84
CA MET D 183 -26.61 -11.88 6.92
C MET D 183 -26.63 -12.61 8.26
N GLU D 184 -27.71 -12.38 9.00
CA GLU D 184 -27.86 -13.01 10.32
C GLU D 184 -28.05 -14.53 10.20
N LYS D 185 -28.79 -14.99 9.21
CA LYS D 185 -28.96 -16.42 8.91
C LYS D 185 -27.62 -17.12 8.61
N LEU D 186 -26.82 -16.51 7.75
CA LEU D 186 -25.54 -17.06 7.36
C LEU D 186 -24.57 -17.09 8.55
N ALA D 187 -24.66 -16.10 9.39
CA ALA D 187 -23.83 -16.06 10.62
C ALA D 187 -24.07 -17.24 11.59
N LYS D 188 -25.20 -17.94 11.42
CA LYS D 188 -25.41 -19.16 12.22
C LYS D 188 -24.55 -20.35 11.78
N LEU D 189 -23.99 -20.33 10.58
CA LEU D 189 -23.33 -21.51 10.01
C LEU D 189 -22.04 -21.84 10.77
N PRO D 190 -21.72 -23.15 10.87
CA PRO D 190 -20.47 -23.55 11.49
C PRO D 190 -19.28 -23.24 10.60
N LYS D 191 -18.12 -23.17 11.19
CA LYS D 191 -16.85 -22.94 10.49
C LYS D 191 -15.78 -23.84 11.05
N ASN D 192 -15.00 -24.46 10.19
CA ASN D 192 -13.78 -25.13 10.61
C ASN D 192 -12.83 -25.17 9.41
N GLN D 193 -11.63 -25.72 9.58
CA GLN D 193 -10.66 -25.71 8.51
C GLN D 193 -11.08 -26.49 7.25
N ASP D 194 -12.07 -27.39 7.39
CA ASP D 194 -12.54 -28.19 6.25
C ASP D 194 -13.72 -27.56 5.52
N THR D 195 -14.28 -26.48 6.09
CA THR D 195 -15.45 -25.82 5.49
C THR D 195 -15.29 -24.33 5.19
N TYR D 196 -14.23 -23.72 5.69
CA TYR D 196 -14.08 -22.27 5.72
C TYR D 196 -12.62 -21.94 5.62
N GLY D 197 -12.23 -20.94 4.85
CA GLY D 197 -10.82 -20.56 4.73
C GLY D 197 -10.65 -19.43 3.76
N LEU D 198 -9.40 -19.10 3.48
CA LEU D 198 -9.11 -18.03 2.55
C LEU D 198 -9.38 -18.58 1.13
N VAL D 199 -10.28 -17.87 0.40
CA VAL D 199 -10.72 -18.30 -0.92
C VAL D 199 -10.71 -17.13 -1.90
N HIS D 200 -10.73 -17.48 -3.17
CA HIS D 200 -10.69 -16.49 -4.24
C HIS D 200 -11.86 -15.46 -4.20
N ALA D 201 -13.07 -15.99 -3.98
CA ALA D 201 -14.26 -15.19 -3.75
C ALA D 201 -14.77 -14.39 -4.94
N ASP D 202 -14.24 -14.64 -6.14
CA ASP D 202 -14.80 -14.04 -7.35
C ASP D 202 -14.47 -14.93 -8.57
N LEU D 203 -14.69 -16.23 -8.46
CA LEU D 203 -14.41 -17.10 -9.57
C LEU D 203 -15.46 -16.88 -10.68
N HIS D 204 -14.96 -16.64 -11.89
CA HIS D 204 -15.79 -16.45 -13.07
C HIS D 204 -14.89 -16.56 -14.28
N HIS D 205 -15.51 -16.70 -15.45
CA HIS D 205 -14.78 -16.92 -16.69
C HIS D 205 -14.16 -15.69 -17.35
N GLY D 206 -14.32 -14.53 -16.74
CA GLY D 206 -13.46 -13.38 -17.01
C GLY D 206 -12.18 -13.39 -16.19
N ASN D 207 -12.05 -14.32 -15.24
CA ASN D 207 -10.98 -14.35 -14.27
C ASN D 207 -10.04 -15.55 -14.37
N PHE D 208 -10.15 -16.29 -15.48
CA PHE D 208 -9.18 -17.32 -15.76
C PHE D 208 -9.00 -17.49 -17.24
N HIS D 209 -7.85 -18.05 -17.60
CA HIS D 209 -7.58 -18.47 -18.97
C HIS D 209 -7.51 -19.97 -19.05
N TRP D 210 -7.81 -20.44 -20.25
CA TRP D 210 -7.93 -21.84 -20.60
C TRP D 210 -6.89 -22.12 -21.69
N ASP D 211 -5.95 -23.01 -21.43
CA ASP D 211 -4.84 -23.32 -22.37
C ASP D 211 -4.77 -24.81 -22.51
N GLN D 212 -5.35 -25.30 -23.60
CA GLN D 212 -5.38 -26.71 -23.93
C GLN D 212 -5.74 -27.55 -22.70
N GLY D 213 -6.89 -27.23 -22.11
CA GLY D 213 -7.42 -28.02 -21.01
C GLY D 213 -6.97 -27.62 -19.61
N LYS D 214 -6.12 -26.59 -19.52
CA LYS D 214 -5.41 -26.21 -18.30
C LYS D 214 -5.88 -24.80 -17.88
N ILE D 215 -6.29 -24.67 -16.62
CA ILE D 215 -6.77 -23.37 -16.07
C ILE D 215 -5.66 -22.60 -15.40
N THR D 216 -5.56 -21.30 -15.71
CA THR D 216 -4.77 -20.37 -14.90
C THR D 216 -5.66 -19.24 -14.43
N THR D 217 -5.74 -19.00 -13.11
CA THR D 217 -6.59 -17.94 -12.55
C THR D 217 -5.82 -16.68 -12.28
N PHE D 218 -6.59 -15.60 -12.23
CA PHE D 218 -6.11 -14.30 -11.88
C PHE D 218 -7.23 -13.52 -11.16
N ASP D 219 -7.05 -12.21 -11.00
CA ASP D 219 -8.01 -11.38 -10.33
C ASP D 219 -8.30 -11.90 -8.91
N PHE D 220 -7.23 -11.94 -8.11
CA PHE D 220 -7.31 -12.29 -6.71
C PHE D 220 -7.54 -11.03 -5.85
N ASP D 221 -8.11 -10.00 -6.45
CA ASP D 221 -8.31 -8.75 -5.75
C ASP D 221 -9.34 -8.79 -4.61
N ASP D 222 -10.24 -9.74 -4.67
CA ASP D 222 -11.32 -9.85 -3.70
C ASP D 222 -11.22 -11.04 -2.74
N ILE D 223 -10.04 -11.66 -2.65
CA ILE D 223 -9.93 -12.84 -1.78
C ILE D 223 -10.28 -12.46 -0.35
N GLY D 224 -10.83 -13.42 0.35
CA GLY D 224 -11.15 -13.28 1.76
C GLY D 224 -11.57 -14.60 2.34
N TYR D 225 -11.71 -14.62 3.66
CA TYR D 225 -12.15 -15.80 4.39
C TYR D 225 -13.62 -15.99 4.15
N ASN D 226 -13.99 -17.21 3.77
CA ASN D 226 -15.36 -17.53 3.38
C ASN D 226 -15.57 -19.02 3.42
N TRP D 227 -16.82 -19.44 3.36
CA TRP D 227 -17.14 -20.83 3.20
C TRP D 227 -16.72 -21.35 1.85
N PHE D 228 -16.16 -22.53 1.81
CA PHE D 228 -15.86 -23.19 0.55
C PHE D 228 -17.09 -23.32 -0.33
N MET D 229 -18.24 -23.62 0.27
CA MET D 229 -19.47 -23.70 -0.52
C MET D 229 -19.89 -22.37 -1.06
N ASN D 230 -19.56 -21.26 -0.36
CA ASN D 230 -19.86 -19.94 -0.90
C ASN D 230 -18.94 -19.63 -2.11
N ASP D 231 -17.66 -19.95 -2.01
CA ASP D 231 -16.76 -19.78 -3.15
C ASP D 231 -17.31 -20.51 -4.39
N ILE D 232 -17.82 -21.71 -4.19
CA ILE D 232 -18.41 -22.48 -5.26
C ILE D 232 -19.71 -21.83 -5.76
N SER D 233 -20.55 -21.35 -4.84
CA SER D 233 -21.79 -20.68 -5.18
C SER D 233 -21.56 -19.40 -5.97
N ILE D 234 -20.49 -18.67 -5.68
CA ILE D 234 -20.17 -17.46 -6.39
C ILE D 234 -19.85 -17.81 -7.86
N LEU D 235 -19.06 -18.83 -8.09
CA LEU D 235 -18.80 -19.31 -9.45
C LEU D 235 -20.10 -19.68 -10.14
N LEU D 236 -20.98 -20.41 -9.49
CA LEU D 236 -22.30 -20.73 -10.02
C LEU D 236 -23.09 -19.48 -10.37
N TYR D 237 -23.13 -18.50 -9.47
CA TYR D 237 -23.85 -17.28 -9.72
C TYR D 237 -23.34 -16.63 -11.02
N ASN D 238 -22.02 -16.59 -11.14
CA ASN D 238 -21.40 -15.93 -12.27
C ASN D 238 -21.61 -16.65 -13.60
N VAL D 239 -21.56 -17.97 -13.62
CA VAL D 239 -21.84 -18.70 -14.86
C VAL D 239 -23.32 -18.61 -15.21
N LEU D 240 -24.21 -18.44 -14.24
CA LEU D 240 -25.61 -18.22 -14.54
C LEU D 240 -25.85 -16.86 -15.12
N TRP D 241 -25.06 -15.87 -14.69
CA TRP D 241 -25.27 -14.51 -15.07
C TRP D 241 -24.84 -14.23 -16.49
N TYR D 242 -23.64 -14.68 -16.83
CA TYR D 242 -23.03 -14.42 -18.15
C TYR D 242 -22.71 -15.77 -18.84
N PRO D 243 -23.71 -16.59 -19.12
CA PRO D 243 -23.42 -17.90 -19.73
C PRO D 243 -22.83 -17.75 -21.12
N VAL D 244 -21.73 -18.44 -21.41
CA VAL D 244 -21.10 -18.30 -22.73
C VAL D 244 -22.00 -18.84 -23.84
N ILE D 245 -22.73 -19.89 -23.55
CA ILE D 245 -23.84 -20.38 -24.37
C ILE D 245 -25.14 -20.13 -23.59
N PRO D 246 -25.94 -19.17 -24.07
CA PRO D 246 -27.18 -18.85 -23.36
C PRO D 246 -28.10 -20.05 -23.23
N TYR D 247 -28.78 -20.16 -22.10
CA TYR D 247 -29.66 -21.26 -21.76
C TYR D 247 -31.13 -20.86 -21.78
N GLU D 248 -32.01 -21.82 -22.06
CA GLU D 248 -33.44 -21.65 -21.99
C GLU D 248 -34.02 -22.06 -20.63
N ASP D 249 -33.31 -22.94 -19.91
CA ASP D 249 -33.78 -23.53 -18.64
C ASP D 249 -32.68 -23.37 -17.60
N LYS D 250 -32.88 -22.39 -16.73
CA LYS D 250 -31.91 -22.00 -15.73
C LYS D 250 -31.65 -23.12 -14.74
N ALA D 251 -32.70 -23.73 -14.22
CA ALA D 251 -32.54 -24.78 -13.25
C ALA D 251 -31.76 -25.95 -13.85
N ALA D 252 -32.13 -26.38 -15.07
CA ALA D 252 -31.46 -27.50 -15.68
C ALA D 252 -29.97 -27.20 -15.90
N PHE D 253 -29.68 -25.97 -16.31
CA PHE D 253 -28.30 -25.57 -16.54
C PHE D 253 -27.53 -25.59 -15.19
N ALA D 254 -28.15 -24.99 -14.17
CA ALA D 254 -27.48 -24.91 -12.88
C ALA D 254 -27.18 -26.29 -12.33
N GLY D 255 -28.16 -27.20 -12.42
CA GLY D 255 -27.96 -28.51 -11.88
C GLY D 255 -26.92 -29.28 -12.65
N ASN D 256 -26.85 -29.12 -13.96
CA ASN D 256 -25.84 -29.83 -14.73
C ASN D 256 -24.46 -29.29 -14.48
N PHE D 257 -24.35 -27.96 -14.40
CA PHE D 257 -23.09 -27.35 -14.10
C PHE D 257 -22.57 -27.92 -12.77
N MET D 258 -23.43 -27.90 -11.76
CA MET D 258 -23.01 -28.34 -10.45
C MET D 258 -22.69 -29.85 -10.42
N LYS D 259 -23.46 -30.65 -11.15
CA LYS D 259 -23.17 -32.06 -11.22
C LYS D 259 -21.76 -32.32 -11.77
N GLN D 260 -21.40 -31.63 -12.84
CA GLN D 260 -20.09 -31.85 -13.45
C GLN D 260 -18.97 -31.25 -12.63
N PHE D 261 -19.22 -30.07 -12.08
CA PHE D 261 -18.28 -29.40 -11.19
C PHE D 261 -17.96 -30.27 -9.97
N LEU D 262 -19.01 -30.81 -9.35
CA LEU D 262 -18.83 -31.58 -8.11
C LEU D 262 -18.08 -32.87 -8.41
N LYS D 263 -18.32 -33.48 -9.56
CA LYS D 263 -17.55 -34.68 -9.93
C LYS D 263 -16.06 -34.39 -9.86
N GLY D 264 -15.63 -33.27 -10.42
CA GLY D 264 -14.23 -32.90 -10.35
C GLY D 264 -13.76 -32.48 -8.97
N TYR D 265 -14.59 -31.69 -8.29
CA TYR D 265 -14.26 -31.15 -6.96
C TYR D 265 -14.00 -32.31 -5.99
N ARG D 266 -14.86 -33.32 -6.05
CA ARG D 266 -14.81 -34.43 -5.09
C ARG D 266 -13.58 -35.29 -5.27
N GLU D 267 -12.92 -35.20 -6.42
CA GLU D 267 -11.65 -35.90 -6.61
C GLU D 267 -10.51 -35.26 -5.83
N GLU D 268 -10.68 -34.00 -5.46
CA GLU D 268 -9.60 -33.17 -4.94
C GLU D 268 -9.78 -32.65 -3.53
N ASN D 269 -11.01 -32.57 -3.06
CA ASN D 269 -11.30 -32.07 -1.74
C ASN D 269 -12.61 -32.63 -1.22
N GLU D 270 -12.65 -32.97 0.06
CA GLU D 270 -13.85 -33.49 0.73
C GLU D 270 -14.57 -32.37 1.46
N LEU D 271 -15.82 -32.13 1.07
CA LEU D 271 -16.70 -31.18 1.71
C LEU D 271 -18.11 -31.81 1.89
N GLY D 272 -18.66 -31.75 3.10
CA GLY D 272 -19.90 -32.45 3.43
C GLY D 272 -21.12 -32.05 2.61
N ASP D 273 -21.96 -33.05 2.28
CA ASP D 273 -23.19 -32.83 1.49
C ASP D 273 -24.17 -31.88 2.16
N GLU D 274 -24.09 -31.69 3.47
CA GLU D 274 -25.01 -30.74 4.12
C GLU D 274 -24.87 -29.30 3.56
N TRP D 275 -23.69 -28.96 3.03
CA TRP D 275 -23.47 -27.63 2.49
C TRP D 275 -24.29 -27.31 1.23
N LEU D 276 -24.72 -28.34 0.51
CA LEU D 276 -25.50 -28.12 -0.70
C LEU D 276 -26.81 -27.38 -0.42
N ALA D 277 -27.37 -27.56 0.76
CA ALA D 277 -28.61 -26.90 1.13
C ALA D 277 -28.50 -25.38 1.25
N TYR D 278 -27.28 -24.87 1.37
CA TYR D 278 -27.04 -23.46 1.56
C TYR D 278 -26.69 -22.71 0.24
N ILE D 279 -26.51 -23.44 -0.84
CA ILE D 279 -26.31 -22.77 -2.13
C ILE D 279 -27.33 -21.67 -2.44
N PRO D 280 -28.61 -21.93 -2.26
CA PRO D 280 -29.58 -20.84 -2.59
C PRO D 280 -29.35 -19.56 -1.74
N ASP D 281 -29.01 -19.70 -0.47
CA ASP D 281 -28.75 -18.55 0.40
C ASP D 281 -27.50 -17.82 -0.06
N PHE D 282 -26.47 -18.58 -0.43
CA PHE D 282 -25.26 -17.93 -0.95
C PHE D 282 -25.52 -17.19 -2.28
N LEU D 283 -26.32 -17.80 -3.16
CA LEU D 283 -26.69 -17.11 -4.41
C LEU D 283 -27.39 -15.79 -4.09
N ARG D 284 -28.35 -15.87 -3.17
CA ARG D 284 -29.03 -14.62 -2.71
CA ARG D 284 -29.03 -14.65 -2.65
C ARG D 284 -28.08 -13.44 -2.12
N LEU D 285 -27.08 -13.99 -1.41
CA LEU D 285 -26.09 -13.08 -0.89
C LEU D 285 -25.31 -12.37 -1.98
N ARG D 286 -24.97 -13.14 -3.04
CA ARG D 286 -24.23 -12.52 -4.13
C ARG D 286 -25.10 -11.42 -4.79
N HIS D 287 -26.40 -11.67 -4.90
CA HIS D 287 -27.29 -10.70 -5.53
C HIS D 287 -27.29 -9.42 -4.67
N VAL D 288 -27.35 -9.57 -3.35
CA VAL D 288 -27.26 -8.42 -2.45
C VAL D 288 -25.96 -7.63 -2.67
N LEU D 289 -24.84 -8.37 -2.75
CA LEU D 289 -23.57 -7.75 -2.99
C LEU D 289 -23.57 -6.92 -4.26
N ILE D 290 -24.08 -7.51 -5.33
CA ILE D 290 -24.14 -6.78 -6.61
C ILE D 290 -24.94 -5.47 -6.49
N TYR D 291 -26.08 -5.52 -5.78
CA TYR D 291 -26.84 -4.31 -5.55
C TYR D 291 -26.02 -3.20 -4.82
N GLY D 292 -25.22 -3.62 -3.84
CA GLY D 292 -24.32 -2.71 -3.21
C GLY D 292 -23.25 -2.18 -4.13
N LEU D 293 -22.64 -3.09 -4.92
CA LEU D 293 -21.63 -2.67 -5.87
C LEU D 293 -22.19 -1.60 -6.83
N LEU D 294 -23.39 -1.85 -7.34
CA LEU D 294 -23.97 -0.93 -8.31
C LEU D 294 -24.19 0.44 -7.68
N HIS D 295 -24.67 0.46 -6.45
CA HIS D 295 -24.87 1.73 -5.77
C HIS D 295 -23.56 2.45 -5.45
N GLN D 296 -22.51 1.68 -5.17
CA GLN D 296 -21.18 2.25 -5.00
C GLN D 296 -20.62 2.89 -6.28
N ALA D 297 -21.02 2.35 -7.42
CA ALA D 297 -20.58 2.80 -8.73
C ALA D 297 -21.37 3.98 -9.28
N PHE D 298 -22.65 4.05 -8.93
CA PHE D 298 -23.57 5.02 -9.51
C PHE D 298 -23.81 6.22 -8.62
N ASP D 299 -23.99 7.36 -9.25
CA ASP D 299 -24.42 8.58 -8.62
C ASP D 299 -25.88 8.73 -9.01
N LEU D 300 -26.77 8.45 -8.07
CA LEU D 300 -28.22 8.46 -8.33
C LEU D 300 -28.75 9.82 -8.73
N ALA D 301 -28.03 10.88 -8.35
CA ALA D 301 -28.45 12.22 -8.72
C ALA D 301 -28.32 12.51 -10.19
N THR D 302 -27.42 11.83 -10.88
CA THR D 302 -27.16 12.12 -12.30
C THR D 302 -27.41 10.97 -13.28
N ILE D 303 -27.57 9.73 -12.80
CA ILE D 303 -27.76 8.61 -13.71
C ILE D 303 -29.09 8.74 -14.45
N GLY D 304 -29.12 8.14 -15.64
CA GLY D 304 -30.29 8.19 -16.48
C GLY D 304 -31.46 7.37 -15.99
N ASP D 305 -32.64 7.68 -16.51
CA ASP D 305 -33.87 6.97 -16.17
C ASP D 305 -33.82 5.50 -16.60
N GLU D 306 -33.03 5.20 -17.63
CA GLU D 306 -32.91 3.84 -18.12
C GLU D 306 -32.15 2.98 -17.07
N GLU D 307 -31.04 3.50 -16.55
CA GLU D 307 -30.29 2.82 -15.50
C GLU D 307 -31.17 2.64 -14.26
N LYS D 308 -31.90 3.67 -13.91
CA LYS D 308 -32.82 3.61 -12.77
C LYS D 308 -33.87 2.53 -12.95
N ALA D 309 -34.35 2.34 -14.17
CA ALA D 309 -35.37 1.35 -14.45
C ALA D 309 -34.81 -0.07 -14.22
N MET D 310 -33.59 -0.28 -14.70
CA MET D 310 -32.92 -1.55 -14.50
CA MET D 310 -32.96 -1.57 -14.50
C MET D 310 -32.68 -1.80 -13.01
N LEU D 311 -32.24 -0.76 -12.31
CA LEU D 311 -32.00 -0.91 -10.85
C LEU D 311 -33.26 -1.28 -10.10
N ALA D 312 -34.38 -0.74 -10.53
CA ALA D 312 -35.68 -1.08 -9.91
C ALA D 312 -35.97 -2.58 -9.94
N SER D 313 -35.65 -3.24 -11.06
CA SER D 313 -35.85 -4.69 -11.14
CA SER D 313 -35.85 -4.67 -11.16
C SER D 313 -34.99 -5.43 -10.12
N PHE D 314 -33.73 -5.02 -9.99
CA PHE D 314 -32.81 -5.58 -9.02
CA PHE D 314 -32.80 -5.64 -8.99
C PHE D 314 -33.31 -5.40 -7.57
N ARG D 315 -33.78 -4.21 -7.27
CA ARG D 315 -34.31 -3.90 -5.94
C ARG D 315 -35.42 -4.86 -5.58
N SER D 316 -36.34 -5.07 -6.51
CA SER D 316 -37.48 -5.92 -6.20
C SER D 316 -37.05 -7.37 -5.98
N ASP D 317 -36.03 -7.81 -6.70
CA ASP D 317 -35.52 -9.17 -6.55
C ASP D 317 -35.06 -9.37 -5.11
N ILE D 318 -34.41 -8.36 -4.54
CA ILE D 318 -33.92 -8.43 -3.16
C ILE D 318 -35.07 -8.37 -2.17
N GLU D 319 -35.99 -7.45 -2.39
CA GLU D 319 -37.19 -7.29 -1.53
C GLU D 319 -38.04 -8.55 -1.44
N GLN D 320 -38.08 -9.31 -2.55
CA GLN D 320 -38.83 -10.54 -2.60
C GLN D 320 -38.13 -11.74 -1.96
N ALA D 321 -36.84 -11.59 -1.69
CA ALA D 321 -35.98 -12.74 -1.35
C ALA D 321 -36.14 -13.83 -2.40
N ALA D 322 -36.22 -13.39 -3.65
CA ALA D 322 -36.41 -14.32 -4.75
C ALA D 322 -35.23 -15.29 -4.92
N PRO D 323 -35.50 -16.60 -5.00
CA PRO D 323 -34.39 -17.51 -5.28
C PRO D 323 -33.79 -17.24 -6.65
N ILE D 324 -32.50 -17.41 -6.75
CA ILE D 324 -31.78 -17.22 -8.02
C ILE D 324 -32.15 -18.35 -9.00
N THR D 325 -32.32 -19.58 -8.51
CA THR D 325 -32.79 -20.69 -9.32
C THR D 325 -33.64 -21.62 -8.47
N THR D 326 -34.47 -22.40 -9.15
CA THR D 326 -35.34 -23.35 -8.47
C THR D 326 -34.73 -24.75 -8.34
N PHE D 327 -33.55 -24.96 -8.89
CA PHE D 327 -32.92 -26.28 -8.80
C PHE D 327 -32.66 -26.69 -7.34
N ASP D 328 -33.00 -27.92 -6.99
CA ASP D 328 -32.76 -28.43 -5.62
C ASP D 328 -31.38 -29.07 -5.53
N PHE D 329 -30.39 -28.31 -5.11
CA PHE D 329 -29.01 -28.77 -5.06
C PHE D 329 -28.78 -29.94 -4.10
N THR D 330 -29.68 -30.14 -3.14
CA THR D 330 -29.52 -31.24 -2.20
C THR D 330 -29.61 -32.60 -2.90
N LYS D 331 -30.19 -32.61 -4.08
CA LYS D 331 -30.26 -33.83 -4.88
C LYS D 331 -28.90 -34.30 -5.45
N LEU D 332 -27.89 -33.43 -5.39
CA LEU D 332 -26.55 -33.75 -5.82
C LEU D 332 -25.69 -34.38 -4.73
N SER D 333 -26.31 -34.73 -3.61
CA SER D 333 -25.59 -35.41 -2.54
C SER D 333 -25.06 -36.79 -2.96
N GLN D 334 -24.03 -37.27 -2.28
CA GLN D 334 -23.49 -38.62 -2.53
C GLN D 334 -24.24 -39.70 -1.74
MG MG E . 31.77 14.36 -1.94
MG MG F . 33.85 11.59 -2.85
CL CL G . 21.62 1.30 -11.66
CL CL H . 57.19 2.54 -0.29
CL CL I . 24.00 25.75 -15.43
CAO UAM J . 35.84 9.25 3.83
CAW UAM J . 36.87 8.48 3.05
CAM UAM J . 38.19 8.42 3.47
CAK UAM J . 39.14 7.74 2.72
CAL UAM J . 38.78 7.08 1.56
CAV UAM J . 37.45 7.11 1.19
OAH UAM J . 37.08 6.46 0.06
CAX UAM J . 36.51 7.79 1.92
CAU UAM J . 35.10 7.89 1.49
OAG UAM J . 34.72 7.53 0.40
OAR UAM J . 34.15 8.48 2.29
CBD UAM J . 34.49 8.59 3.69
CBC UAM J . 33.35 9.41 4.32
CAP UAM J . 32.01 8.71 4.24
CAY UAM J . 30.84 9.41 4.94
CAB UAM J . 29.59 8.59 4.67
CAA UAM J . 31.13 9.56 6.42
NAQ UAM J . 33.30 10.71 3.68
CAT UAM J . 33.72 11.81 4.28
OAF UAM J . 34.17 11.79 5.40
CBA UAM J . 33.70 13.11 3.57
OAI UAM J . 33.41 12.92 2.18
CBB UAM J . 32.69 14.03 4.20
OAJ UAM J . 33.15 14.29 5.52
CAZ UAM J . 32.59 15.36 3.50
NAD UAM J . 31.78 15.20 2.29
CAN UAM J . 31.91 16.36 4.39
CAS UAM J . 32.15 17.78 3.98
OAE UAM J . 33.08 18.10 3.28
NAC UAM J . 31.31 18.60 4.56
PG ANP K . 32.12 11.59 -0.62
O1G ANP K . 31.79 13.05 -0.46
O2G ANP K . 31.74 10.75 0.63
O3G ANP K . 33.53 11.21 -1.04
PB ANP K . 30.12 11.86 -2.97
O1B ANP K . 30.43 13.33 -2.93
O2B ANP K . 28.72 11.43 -2.85
N3B ANP K . 31.05 10.94 -1.85
PA ANP K . 31.89 11.14 -5.21
O1A ANP K . 32.97 10.65 -4.29
O2A ANP K . 31.97 12.36 -6.06
O3A ANP K . 30.53 11.20 -4.38
O5' ANP K . 31.57 9.95 -6.21
C5' ANP K . 31.46 8.60 -5.81
C4' ANP K . 32.39 7.67 -6.58
O4' ANP K . 32.05 7.79 -7.97
C3' ANP K . 33.87 8.02 -6.46
O3' ANP K . 34.43 7.45 -5.28
C2' ANP K . 34.43 7.46 -7.73
O2' ANP K . 34.52 6.06 -7.62
C1' ANP K . 33.32 7.81 -8.69
N9 ANP K . 33.51 9.11 -9.35
C8 ANP K . 32.98 10.29 -8.99
N7 ANP K . 33.37 11.27 -9.84
C5 ANP K . 34.18 10.72 -10.72
C6 ANP K . 34.90 11.21 -11.88
N6 ANP K . 34.79 12.50 -12.23
N1 ANP K . 35.63 10.34 -12.56
C2 ANP K . 35.69 9.04 -12.20
N3 ANP K . 35.03 8.46 -11.19
C4 ANP K . 34.29 9.30 -10.39
MG MG L . 21.86 -8.86 27.64
MG MG M . 21.14 -5.78 29.29
CL CL N . 37.90 -16.42 14.57
CL CL O . 10.98 -24.77 31.25
CAO UAM P . 26.57 -1.68 26.55
CAW UAM P . 26.21 -0.73 27.66
CAM UAM P . 27.21 -0.17 28.43
CAK UAM P . 26.83 0.67 29.50
CAL UAM P . 25.49 0.89 29.71
CAV UAM P . 24.51 0.37 28.93
OAH UAM P . 23.18 0.59 29.16
CAX UAM P . 24.88 -0.48 27.90
CAU UAM P . 23.86 -1.11 27.10
OAG UAM P . 22.68 -1.12 27.34
OAR UAM P . 24.24 -1.84 25.95
CBD UAM P . 25.54 -1.59 25.44
CBC UAM P . 25.75 -2.66 24.35
CAP UAM P . 24.73 -2.51 23.24
CAY UAM P . 24.95 -3.42 22.03
CAB UAM P . 23.91 -3.14 20.97
CAA UAM P . 26.32 -3.22 21.45
NAQ UAM P . 25.72 -3.98 24.91
CAT UAM P . 26.81 -4.71 25.11
OAF UAM P . 27.92 -4.34 24.78
CBA UAM P . 26.67 -6.03 25.78
OAI UAM P . 25.36 -6.24 26.24
CBB UAM P . 27.07 -7.14 24.80
OAJ UAM P . 28.41 -6.93 24.48
CAZ UAM P . 26.92 -8.49 25.43
NAD UAM P . 25.50 -8.82 25.47
CAN UAM P . 27.58 -9.54 24.54
CAS UAM P . 27.95 -10.80 25.23
OAE UAM P . 27.97 -10.90 26.44
NAC UAM P . 28.28 -11.78 24.43
PG ANP Q . 22.06 -5.99 26.57
O1G ANP Q . 22.53 -5.13 25.38
O2G ANP Q . 22.25 -5.18 27.85
O3G ANP Q . 22.60 -7.37 26.54
PB ANP Q . 19.31 -7.35 26.35
O1B ANP Q . 18.62 -7.45 25.00
O2B ANP Q . 19.98 -8.53 26.92
N3B ANP Q . 20.38 -6.03 26.31
PA ANP Q . 18.15 -6.46 28.91
O1A ANP Q . 19.31 -5.53 29.19
O2A ANP Q . 18.01 -7.65 29.81
O3A ANP Q . 18.18 -6.91 27.37
O5' ANP Q . 16.77 -5.66 29.02
C5' ANP Q . 16.61 -4.40 28.38
C4' ANP Q . 16.07 -3.39 29.39
O4' ANP Q . 14.86 -3.87 29.97
C3' ANP Q . 17.01 -3.12 30.56
O3' ANP Q . 18.05 -2.22 30.21
C2' ANP Q . 16.08 -2.60 31.61
O2' ANP Q . 15.72 -1.23 31.36
C1' ANP Q . 14.87 -3.47 31.35
N9 ANP Q . 14.91 -4.70 32.13
C8 ANP Q . 15.31 -5.93 31.73
N7 ANP Q . 15.24 -6.82 32.73
C5 ANP Q . 14.71 -6.18 33.77
C6 ANP Q . 14.31 -6.55 35.14
N6 ANP Q . 14.44 -7.82 35.57
N1 ANP Q . 13.84 -5.59 35.97
C2 ANP Q . 13.70 -4.30 35.54
N3 ANP Q . 14.03 -3.87 34.29
C4 ANP Q . 14.51 -4.78 33.40
MG MG R . -44.54 8.29 -22.49
MG MG S . -45.14 8.88 -18.91
CL CL T . -35.65 24.21 -16.11
CL CL U . -63.43 10.24 -16.07
CAO UAM V . -42.20 2.60 -16.31
CAW UAM V . -42.97 3.01 -15.07
CAM UAM V . -43.67 2.04 -14.39
CAK UAM V . -44.40 2.47 -13.27
CAL UAM V . -44.39 3.79 -12.85
CAV UAM V . -43.63 4.70 -13.53
OAH UAM V . -43.62 6.00 -13.17
CAX UAM V . -42.93 4.31 -14.65
CAU UAM V . -42.17 5.29 -15.44
OAG UAM V . -42.24 6.47 -15.30
OAR UAM V . -41.35 4.88 -16.50
CBD UAM V . -40.99 3.49 -16.50
CBC UAM V . -40.25 3.26 -17.82
CAP UAM V . -39.02 4.15 -17.91
CAY UAM V . -38.13 3.88 -19.14
CAB UAM V . -36.92 4.80 -19.15
CAA UAM V . -37.68 2.46 -19.18
NAQ UAM V . -41.14 3.57 -18.94
CAT UAM V . -41.68 2.59 -19.69
OAF UAM V . -41.44 1.41 -19.52
CBA UAM V . -42.65 2.96 -20.75
OAI UAM V . -43.01 4.33 -20.68
CBB UAM V . -42.09 2.65 -22.12
OAJ UAM V . -41.89 1.24 -22.13
CAZ UAM V . -43.03 2.99 -23.24
NAD UAM V . -42.97 4.47 -23.48
CAN UAM V . -42.56 2.31 -24.51
CAS UAM V . -43.63 2.26 -25.52
OAE UAM V . -44.79 2.35 -25.28
NAC UAM V . -43.18 1.96 -26.73
PG ANP W . -42.77 7.66 -20.03
O1G ANP W . -43.22 7.31 -21.45
O2G ANP W . -41.48 6.90 -19.63
O3G ANP W . -43.83 7.45 -18.95
PB ANP W . -42.60 10.50 -21.15
O1B ANP W . -43.49 10.04 -22.26
O2B ANP W . -41.32 11.08 -21.57
N3B ANP W . -42.30 9.33 -20.00
PA ANP W . -44.64 11.82 -19.49
O1A ANP W . -44.80 10.65 -18.61
O2A ANP W . -45.69 12.27 -20.40
O3A ANP W . -43.26 11.70 -20.30
O5' ANP W . -44.33 13.09 -18.59
C5' ANP W . -43.39 13.04 -17.54
C4' ANP W . -43.97 13.53 -16.22
O4' ANP W . -44.53 14.85 -16.41
C3' ANP W . -45.17 12.69 -15.76
O3' ANP W . -44.72 11.55 -15.05
C2' ANP W . -45.88 13.67 -14.87
O2' ANP W . -45.23 13.85 -13.63
C1' ANP W . -45.76 14.93 -15.66
N9 ANP W . -46.85 15.15 -16.63
C8 ANP W . -46.81 14.83 -17.97
N7 ANP W . -48.00 15.20 -18.54
C5 ANP W . -48.74 15.74 -17.60
C6 ANP W . -50.06 16.31 -17.56
N6 ANP W . -50.81 16.47 -18.64
N1 ANP W . -50.50 16.80 -16.36
C2 ANP W . -49.76 16.69 -15.26
N3 ANP W . -48.52 16.18 -15.22
C4 ANP W . -48.01 15.66 -16.35
MG MG X . -11.73 -8.21 -9.73
MG MG Y . -11.89 -9.88 -12.97
CL CL Z . -26.04 -2.12 5.89
CL CL AA . -26.16 -34.42 4.65
CL CL BA . -10.71 -26.27 12.68
CAO UAM CA . -19.25 -10.82 -13.39
CAW UAM CA . -18.86 -11.82 -14.46
CAM UAM CA . -19.49 -13.05 -14.53
CAK UAM CA . -19.12 -13.98 -15.53
CAL UAM CA . -18.15 -13.62 -16.43
CAV UAM CA . -17.54 -12.39 -16.38
OAH UAM CA . -16.58 -12.05 -17.28
CAX UAM CA . -17.91 -11.48 -15.39
CAU UAM CA . -17.24 -10.19 -15.31
OAG UAM CA . -16.22 -9.87 -15.85
OAR UAM CA . -17.76 -9.22 -14.42
CBD UAM CA . -19.05 -9.42 -13.93
CBC UAM CA . -19.24 -8.34 -12.84
CAP UAM CA . -19.12 -6.94 -13.44
CAY UAM CA . -19.44 -5.81 -12.45
CAB UAM CA . -19.31 -4.51 -13.18
CAA UAM CA . -20.82 -5.91 -11.91
NAQ UAM CA . -18.28 -8.54 -11.75
CAT UAM CA . -18.63 -9.05 -10.59
OAF UAM CA . -19.76 -9.35 -10.26
CBA UAM CA . -17.54 -9.32 -9.58
OAI UAM CA . -16.26 -9.15 -10.15
CBB UAM CA . -17.75 -8.35 -8.42
OAJ UAM CA . -18.98 -8.70 -7.83
CAZ UAM CA . -16.68 -8.50 -7.34
NAD UAM CA . -15.44 -7.86 -7.75
CAN UAM CA . -17.13 -7.83 -6.05
CAS UAM CA . -16.40 -8.36 -4.84
OAE UAM CA . -15.80 -9.41 -4.83
NAC UAM CA . -16.49 -7.59 -3.79
PG ANP DA . -13.78 -7.92 -12.09
O1G ANP DA . -15.10 -7.26 -12.47
O2G ANP DA . -13.69 -9.30 -12.78
O3G ANP DA . -13.53 -7.82 -10.59
PB ANP DA . -11.19 -6.25 -12.26
O1B ANP DA . -11.23 -4.76 -12.43
O2B ANP DA . -10.83 -6.83 -10.94
N3B ANP DA . -12.61 -6.94 -12.88
PA ANP DA . -9.54 -8.15 -13.82
O1A ANP DA . -10.68 -9.10 -14.02
O2A ANP DA . -8.43 -8.58 -12.91
O3A ANP DA . -10.07 -6.72 -13.31
O5' ANP DA . -8.88 -7.79 -15.21
C5' ANP DA . -9.60 -7.34 -16.37
C4' ANP DA . -9.27 -8.22 -17.57
O4' ANP DA . -7.88 -8.13 -17.86
C3' ANP DA . -9.54 -9.71 -17.34
O3' ANP DA . -10.90 -10.04 -17.56
C2' ANP DA . -8.62 -10.35 -18.37
O2' ANP DA . -9.10 -10.17 -19.68
C1' ANP DA . -7.40 -9.43 -18.26
N9 ANP DA . -6.46 -9.90 -17.24
C8 ANP DA . -6.35 -9.49 -15.94
N7 ANP DA . -5.37 -10.15 -15.30
C5 ANP DA . -4.80 -10.96 -16.22
C6 ANP DA . -3.68 -11.89 -16.21
N6 ANP DA . -2.95 -12.07 -15.10
N1 ANP DA . -3.43 -12.56 -17.35
C2 ANP DA . -4.15 -12.36 -18.47
N3 ANP DA . -5.16 -11.51 -18.58
C4 ANP DA . -5.53 -10.82 -17.47
#